data_2JBW
#
_entry.id   2JBW
#
_cell.length_a   90.570
_cell.length_b   57.020
_cell.length_c   152.697
_cell.angle_alpha   90.00
_cell.angle_beta   103.35
_cell.angle_gamma   90.00
#
_symmetry.space_group_name_H-M   'P 1 21 1'
#
loop_
_entity.id
_entity.type
_entity.pdbx_description
1 polymer '2,6-DIHYDROXY-PSEUDO-OXYNICOTINE HYDROLASE'
2 non-polymer 'SODIUM ION'
3 water water
#
_entity_poly.entity_id   1
_entity_poly.type   'polypeptide(L)'
_entity_poly.pdbx_seq_one_letter_code
;AS(MSE)TGGQQ(MSE)GRDPG(MSE)TVTSQVKPEDE(MSE)DNWGRLILDGVSYSD(MSE)VGARDRPKEITWFDYW
(MSE)SLANEYEQEAERKVALGHDLSAGELL(MSE)SAALCAQYAQFLWFDERRQKGQARKVELYQKAAPLLSPPAERHE
LVVDGIP(MSE)PVYVRIPEGPGPHPAVI(MSE)LGGLESTKEESFQ(MSE)ENLVLDRG(MSE)ATATFDGPGQGE
(MSE)FEYKRIAGDYEKYTSAVVDLLTKLEAIRNDAIGVLGRSLGGNYALKSAACEPRLAACISWGGFSDLDYWDLETPL
TKESWKYVSKVDTLEEARLHVHAALETRDVLSQIACPTYILHGVHDEVPLSFVDTVLELVPAEHLNLVVEKDGDHCCHNL
GIRPRLE(MSE)ADWLYDVLVAGKKVAPT(MSE)KGWPLEHHHHHH
;
_entity_poly.pdbx_strand_id   A,B,C,D
#
# COMPACT_ATOMS: atom_id res chain seq x y z
N LYS A 22 26.15 32.72 36.87
CA LYS A 22 25.11 32.74 37.95
C LYS A 22 25.20 31.46 38.78
N PRO A 23 24.69 31.49 40.03
CA PRO A 23 24.74 30.30 40.89
C PRO A 23 24.00 29.13 40.26
N GLU A 24 22.93 29.44 39.56
CA GLU A 24 22.13 28.45 38.84
C GLU A 24 22.91 27.78 37.71
N ASP A 25 23.72 28.57 36.99
CA ASP A 25 24.49 28.05 35.85
C ASP A 25 25.66 27.18 36.30
N GLU A 26 26.24 27.54 37.46
CA GLU A 26 27.28 26.73 38.07
C GLU A 26 26.75 25.35 38.48
N ASP A 28 23.85 23.83 37.33
CA ASP A 28 23.54 23.22 36.03
C ASP A 28 24.78 23.06 35.17
N ASN A 29 25.74 22.25 35.59
CA ASN A 29 26.87 21.99 34.70
C ASN A 29 26.51 20.76 33.90
N TRP A 30 25.95 20.99 32.72
CA TRP A 30 25.36 19.91 31.93
C TRP A 30 26.34 18.81 31.60
N GLY A 31 27.49 19.17 31.03
CA GLY A 31 28.55 18.21 30.78
C GLY A 31 28.92 17.37 31.99
N ARG A 32 29.29 18.04 33.09
CA ARG A 32 29.69 17.36 34.32
C ARG A 32 28.62 16.37 34.78
N LEU A 33 27.43 16.88 34.99
CA LEU A 33 26.35 16.06 35.52
C LEU A 33 25.99 14.91 34.58
N ILE A 34 25.87 15.16 33.28
CA ILE A 34 25.45 14.09 32.36
C ILE A 34 26.51 12.97 32.28
N LEU A 35 27.78 13.37 32.13
CA LEU A 35 28.90 12.41 32.07
C LEU A 35 29.00 11.59 33.36
N ASP A 36 28.61 12.20 34.48
CA ASP A 36 28.71 11.54 35.77
C ASP A 36 27.55 10.59 35.98
N GLY A 37 26.51 10.74 35.17
CA GLY A 37 25.43 9.76 35.16
C GLY A 37 24.08 10.27 35.61
N VAL A 38 24.00 11.56 35.86
CA VAL A 38 22.72 12.21 36.10
C VAL A 38 21.85 12.18 34.83
N SER A 39 20.60 11.76 35.02
CA SER A 39 19.65 11.60 33.95
C SER A 39 19.37 12.96 33.26
N TYR A 40 19.46 12.98 31.93
CA TYR A 40 19.04 14.16 31.16
C TYR A 40 17.60 14.59 31.46
N SER A 41 16.67 13.62 31.50
CA SER A 41 15.30 13.91 31.89
C SER A 41 15.28 14.62 33.25
N ASP A 42 16.10 14.14 34.19
CA ASP A 42 16.11 14.78 35.51
C ASP A 42 16.59 16.23 35.45
N VAL A 44 16.40 18.34 32.91
CA VAL A 44 15.41 19.19 32.26
C VAL A 44 14.41 19.70 33.28
N GLY A 45 13.89 18.80 34.13
CA GLY A 45 12.93 19.16 35.16
C GLY A 45 13.57 20.03 36.23
N ALA A 46 14.89 19.98 36.36
CA ALA A 46 15.61 20.87 37.27
C ALA A 46 15.63 22.31 36.68
N ARG A 47 16.07 22.44 35.42
CA ARG A 47 16.05 23.72 34.71
C ARG A 47 14.63 24.31 34.67
N ASP A 48 13.64 23.46 34.37
CA ASP A 48 12.24 23.90 34.30
C ASP A 48 11.42 23.75 35.58
N ARG A 49 12.06 23.54 36.73
CA ARG A 49 11.29 23.42 37.98
C ARG A 49 10.44 24.70 38.25
N PRO A 50 9.30 24.51 38.96
CA PRO A 50 8.55 25.68 39.41
C PRO A 50 9.44 26.48 40.37
N LYS A 51 9.48 27.79 40.17
CA LYS A 51 10.42 28.67 40.88
C LYS A 51 10.36 28.53 42.41
N GLU A 52 9.18 28.18 42.93
CA GLU A 52 8.99 28.03 44.38
C GLU A 52 9.63 26.76 44.94
N ILE A 53 10.01 25.84 44.05
CA ILE A 53 10.72 24.63 44.46
C ILE A 53 12.21 24.82 44.25
N THR A 54 12.98 24.58 45.31
CA THR A 54 14.37 24.94 45.31
C THR A 54 15.25 23.83 44.70
N TRP A 55 16.44 24.20 44.22
CA TRP A 55 17.36 23.24 43.63
C TRP A 55 17.62 22.06 44.58
N PHE A 56 17.96 22.38 45.84
CA PHE A 56 18.16 21.36 46.87
C PHE A 56 17.00 20.37 46.92
N ASP A 57 15.81 20.90 47.18
CA ASP A 57 14.60 20.10 47.38
C ASP A 57 14.21 19.31 46.13
N TYR A 58 14.50 19.88 44.97
CA TYR A 58 14.19 19.19 43.72
C TYR A 58 14.94 17.85 43.71
N TRP A 59 16.25 17.94 43.90
CA TRP A 59 17.12 16.80 43.75
C TRP A 59 16.99 15.78 44.88
N SER A 61 14.15 15.32 46.60
CA SER A 61 12.90 14.62 46.27
C SER A 61 13.12 13.48 45.26
N LEU A 62 14.02 13.70 44.30
CA LEU A 62 14.30 12.66 43.30
C LEU A 62 15.05 11.45 43.87
N ALA A 63 15.96 11.71 44.81
CA ALA A 63 16.76 10.66 45.41
C ALA A 63 15.90 9.73 46.26
N ASN A 64 14.88 10.30 46.88
CA ASN A 64 13.90 9.53 47.62
C ASN A 64 13.12 8.58 46.70
N GLU A 65 12.63 9.15 45.61
CA GLU A 65 11.92 8.42 44.58
C GLU A 65 12.78 7.27 44.05
N TYR A 66 14.02 7.60 43.69
CA TYR A 66 14.98 6.60 43.24
C TYR A 66 15.20 5.47 44.24
N GLU A 67 15.28 5.84 45.52
CA GLU A 67 15.47 4.88 46.60
C GLU A 67 14.27 3.95 46.73
N GLN A 68 13.06 4.50 46.65
CA GLN A 68 11.86 3.70 46.72
C GLN A 68 11.81 2.66 45.60
N GLU A 69 12.07 3.09 44.36
CA GLU A 69 12.01 2.19 43.21
C GLU A 69 13.01 1.06 43.37
N ALA A 70 14.15 1.39 43.99
CA ALA A 70 15.23 0.43 44.15
C ALA A 70 14.89 -0.64 45.20
N GLU A 71 14.11 -0.25 46.21
CA GLU A 71 13.61 -1.19 47.22
C GLU A 71 12.61 -2.18 46.63
N ARG A 72 11.76 -1.70 45.71
CA ARG A 72 10.84 -2.55 44.97
C ARG A 72 11.60 -3.55 44.13
N LYS A 73 12.72 -3.11 43.57
CA LYS A 73 13.50 -3.94 42.66
C LYS A 73 14.21 -5.07 43.39
N VAL A 74 14.80 -4.74 44.55
CA VAL A 74 15.42 -5.70 45.48
C VAL A 74 14.40 -6.76 45.92
N ALA A 75 13.19 -6.29 46.24
CA ALA A 75 12.07 -7.14 46.60
C ALA A 75 11.67 -8.13 45.50
N LEU A 76 11.95 -7.77 44.25
CA LEU A 76 11.55 -8.56 43.09
C LEU A 76 12.70 -9.33 42.45
N GLY A 77 13.86 -9.29 43.10
CA GLY A 77 15.02 -10.01 42.61
C GLY A 77 15.77 -9.31 41.50
N HIS A 78 15.39 -8.05 41.20
CA HIS A 78 16.07 -7.25 40.20
C HIS A 78 17.24 -6.47 40.83
N ASP A 79 18.24 -7.22 41.30
CA ASP A 79 19.39 -6.66 42.00
C ASP A 79 20.17 -5.66 41.13
N LEU A 80 20.30 -5.95 39.84
CA LEU A 80 21.11 -5.13 38.94
C LEU A 80 20.51 -3.73 38.70
N SER A 81 19.18 -3.66 38.55
CA SER A 81 18.48 -2.37 38.48
C SER A 81 18.47 -1.65 39.84
N ALA A 82 18.43 -2.43 40.90
CA ALA A 82 18.39 -1.87 42.27
C ALA A 82 19.63 -1.03 42.56
N GLY A 83 20.79 -1.54 42.14
CA GLY A 83 22.07 -0.84 42.27
C GLY A 83 22.13 0.43 41.46
N GLU A 84 21.69 0.35 40.21
CA GLU A 84 21.69 1.51 39.32
C GLU A 84 20.75 2.61 39.82
N LEU A 85 19.64 2.23 40.42
CA LEU A 85 18.68 3.21 40.92
C LEU A 85 19.12 3.84 42.24
N LEU A 86 19.82 3.06 43.05
CA LEU A 86 20.44 3.58 44.29
C LEU A 86 21.62 4.50 43.96
N SER A 88 21.62 6.23 41.20
CA SER A 88 20.90 7.43 40.79
C SER A 88 20.47 8.29 41.97
N ALA A 89 20.02 7.64 43.04
CA ALA A 89 19.60 8.32 44.26
C ALA A 89 20.76 9.11 44.85
N ALA A 90 21.89 8.42 45.03
CA ALA A 90 23.10 9.01 45.60
C ALA A 90 23.47 10.28 44.87
N LEU A 91 23.50 10.21 43.53
CA LEU A 91 23.92 11.34 42.68
C LEU A 91 22.98 12.53 42.74
N CYS A 92 21.68 12.26 42.85
CA CYS A 92 20.68 13.30 43.06
C CYS A 92 20.93 13.98 44.39
N ALA A 93 21.33 13.19 45.38
CA ALA A 93 21.66 13.71 46.72
C ALA A 93 22.92 14.55 46.68
N GLN A 94 23.99 13.99 46.09
CA GLN A 94 25.24 14.69 45.79
C GLN A 94 25.07 16.02 45.09
N TYR A 95 24.26 16.03 44.02
CA TYR A 95 24.08 17.25 43.25
C TYR A 95 23.04 18.25 43.80
N ALA A 96 22.16 17.79 44.69
CA ALA A 96 21.39 18.69 45.55
C ALA A 96 22.34 19.54 46.40
N GLN A 97 23.36 18.89 46.98
CA GLN A 97 24.09 19.49 48.08
C GLN A 97 25.48 20.02 47.73
N PHE A 98 25.97 19.70 46.53
CA PHE A 98 27.40 19.96 46.19
C PHE A 98 27.82 21.42 46.23
N LEU A 99 26.89 22.34 45.97
CA LEU A 99 27.20 23.80 46.06
C LEU A 99 26.20 24.55 46.94
N TRP A 100 25.76 23.89 48.02
CA TRP A 100 24.79 24.43 48.99
C TRP A 100 25.54 24.71 50.28
N PHE A 101 25.22 25.81 50.97
CA PHE A 101 26.06 26.18 52.11
C PHE A 101 25.31 26.49 53.41
N ASP A 102 23.99 26.46 53.39
CA ASP A 102 23.20 26.63 54.62
C ASP A 102 23.09 25.32 55.42
N GLU A 103 22.17 25.26 56.37
CA GLU A 103 22.10 24.16 57.33
C GLU A 103 21.70 22.83 56.72
N ARG A 104 21.05 22.86 55.56
CA ARG A 104 20.63 21.63 54.88
C ARG A 104 21.81 20.90 54.26
N ARG A 105 22.90 21.63 54.01
CA ARG A 105 24.11 21.06 53.38
C ARG A 105 24.53 19.73 54.01
N GLN A 106 24.61 19.71 55.35
CA GLN A 106 25.00 18.50 56.08
C GLN A 106 23.99 17.34 55.89
N LYS A 107 22.70 17.67 55.83
CA LYS A 107 21.68 16.65 55.60
C LYS A 107 21.81 16.07 54.20
N GLY A 108 22.06 16.94 53.23
CA GLY A 108 22.33 16.51 51.86
C GLY A 108 23.50 15.54 51.80
N GLN A 109 24.60 15.90 52.47
CA GLN A 109 25.81 15.11 52.47
C GLN A 109 25.53 13.72 53.09
N ALA A 110 24.85 13.72 54.24
CA ALA A 110 24.44 12.47 54.92
C ALA A 110 23.55 11.58 54.04
N ARG A 111 22.57 12.17 53.35
CA ARG A 111 21.69 11.42 52.46
C ARG A 111 22.50 10.68 51.40
N LYS A 112 23.41 11.40 50.74
CA LYS A 112 24.30 10.82 49.75
C LYS A 112 25.09 9.64 50.30
N VAL A 113 25.69 9.83 51.49
CA VAL A 113 26.48 8.82 52.18
C VAL A 113 25.69 7.53 52.36
N GLU A 114 24.50 7.65 52.94
CA GLU A 114 23.67 6.49 53.29
C GLU A 114 23.07 5.79 52.05
N LEU A 115 22.84 6.58 51.00
CA LEU A 115 22.31 6.04 49.76
C LEU A 115 23.35 5.18 49.09
N TYR A 116 24.58 5.67 49.03
CA TYR A 116 25.67 4.96 48.38
C TYR A 116 26.03 3.68 49.12
N GLN A 117 25.92 3.71 50.45
CA GLN A 117 26.20 2.54 51.29
C GLN A 117 25.32 1.36 50.93
N LYS A 118 24.07 1.66 50.58
CA LYS A 118 23.13 0.65 50.11
C LYS A 118 23.45 0.18 48.69
N ALA A 119 23.84 1.13 47.83
CA ALA A 119 24.14 0.89 46.43
C ALA A 119 25.34 -0.04 46.25
N ALA A 120 26.36 0.17 47.09
CA ALA A 120 27.67 -0.46 46.94
C ALA A 120 27.70 -2.00 46.83
N PRO A 121 26.93 -2.73 47.69
CA PRO A 121 26.96 -4.18 47.48
C PRO A 121 26.19 -4.65 46.22
N LEU A 122 25.33 -3.80 45.67
CA LEU A 122 24.54 -4.13 44.49
C LEU A 122 25.24 -3.83 43.17
N LEU A 123 26.34 -3.10 43.24
CA LEU A 123 27.06 -2.67 42.04
C LEU A 123 27.63 -3.86 41.31
N SER A 124 27.91 -3.71 40.01
CA SER A 124 28.53 -4.78 39.26
C SER A 124 29.80 -4.30 38.56
N PRO A 125 30.98 -4.59 39.15
CA PRO A 125 31.21 -5.35 40.41
C PRO A 125 30.97 -4.56 41.71
N PRO A 126 30.67 -5.27 42.83
CA PRO A 126 30.38 -4.62 44.11
C PRO A 126 31.50 -3.73 44.63
N ALA A 127 31.13 -2.65 45.31
CA ALA A 127 32.08 -1.80 46.02
C ALA A 127 32.14 -2.29 47.46
N GLU A 128 33.32 -2.76 47.87
CA GLU A 128 33.47 -3.38 49.19
C GLU A 128 34.04 -2.42 50.22
N ARG A 129 33.42 -2.42 51.40
CA ARG A 129 33.74 -1.49 52.46
C ARG A 129 34.92 -1.98 53.29
N HIS A 130 35.98 -1.19 53.36
CA HIS A 130 37.08 -1.41 54.29
C HIS A 130 37.12 -0.24 55.25
N GLU A 131 37.02 -0.53 56.55
CA GLU A 131 36.83 0.55 57.52
C GLU A 131 38.11 0.96 58.23
N LEU A 132 38.73 2.02 57.72
CA LEU A 132 39.98 2.53 58.25
C LEU A 132 39.74 3.58 59.31
N VAL A 133 40.74 3.77 60.16
CA VAL A 133 40.74 4.82 61.16
C VAL A 133 42.12 5.46 61.08
N VAL A 134 42.15 6.79 60.76
CA VAL A 134 43.42 7.51 60.70
C VAL A 134 43.45 8.51 61.84
N ASP A 135 44.22 8.17 62.87
CA ASP A 135 44.37 8.96 64.08
C ASP A 135 43.04 9.31 64.73
N GLY A 136 42.27 8.22 65.13
CA GLY A 136 41.00 8.37 65.83
C GLY A 136 39.85 8.68 64.90
N ILE A 137 40.17 8.97 63.63
CA ILE A 137 39.21 9.46 62.64
C ILE A 137 38.83 8.36 61.64
N PRO A 138 37.56 7.94 61.66
CA PRO A 138 37.07 6.97 60.68
C PRO A 138 37.33 7.45 59.24
N PRO A 140 36.14 5.47 55.92
CA PRO A 140 35.58 4.45 55.01
C PRO A 140 36.29 4.42 53.66
N VAL A 141 36.79 3.24 53.27
CA VAL A 141 37.35 3.04 51.93
C VAL A 141 36.57 1.97 51.16
N TYR A 142 36.19 2.31 49.93
CA TYR A 142 35.43 1.42 49.05
C TYR A 142 36.30 0.88 47.95
N VAL A 143 36.29 -0.43 47.81
CA VAL A 143 37.14 -1.11 46.84
C VAL A 143 36.30 -1.97 45.89
N ARG A 144 36.56 -1.81 44.59
CA ARG A 144 35.84 -2.56 43.55
C ARG A 144 36.80 -3.43 42.76
N ILE A 145 36.44 -4.70 42.58
CA ILE A 145 37.36 -5.68 41.98
C ILE A 145 36.84 -6.12 40.60
N PRO A 146 37.73 -6.14 39.59
CA PRO A 146 37.37 -6.71 38.29
C PRO A 146 37.00 -8.20 38.35
N GLU A 147 36.52 -8.75 37.24
CA GLU A 147 35.97 -10.09 37.15
C GLU A 147 37.07 -11.15 37.08
N GLY A 148 36.69 -12.41 37.35
CA GLY A 148 37.62 -13.55 37.32
C GLY A 148 38.73 -13.51 38.37
N PRO A 149 39.79 -14.31 38.20
CA PRO A 149 40.89 -14.30 39.16
C PRO A 149 41.77 -13.02 39.10
N GLY A 150 42.73 -12.99 40.13
CA GLY A 150 43.71 -11.90 40.18
C GLY A 150 45.13 -12.39 40.37
N PRO A 151 46.00 -11.57 41.01
CA PRO A 151 45.71 -10.21 41.53
C PRO A 151 45.49 -9.14 40.46
N HIS A 152 45.03 -7.96 40.91
CA HIS A 152 44.61 -6.90 40.01
C HIS A 152 45.32 -5.56 40.27
N PRO A 153 45.72 -4.87 39.17
CA PRO A 153 46.15 -3.48 39.39
C PRO A 153 45.01 -2.68 40.06
N ALA A 154 45.34 -1.58 40.72
CA ALA A 154 44.32 -0.74 41.34
C ALA A 154 44.56 0.73 41.10
N VAL A 155 43.44 1.45 40.95
CA VAL A 155 43.44 2.89 40.86
C VAL A 155 42.74 3.49 42.08
N ILE A 156 43.50 4.24 42.84
CA ILE A 156 42.97 5.12 43.86
C ILE A 156 42.45 6.35 43.15
N LEU A 158 40.66 10.16 43.64
CA LEU A 158 40.58 11.23 44.63
C LEU A 158 39.51 12.24 44.24
N GLY A 159 38.63 12.55 45.19
CA GLY A 159 37.60 13.56 44.95
C GLY A 159 38.20 14.95 45.03
N GLY A 160 37.36 15.97 44.87
CA GLY A 160 37.85 17.34 44.86
C GLY A 160 37.24 18.19 45.95
N LEU A 161 37.01 19.45 45.61
CA LEU A 161 36.34 20.36 46.50
C LEU A 161 34.99 19.76 46.91
N GLU A 162 34.18 19.33 45.93
CA GLU A 162 32.84 18.82 46.23
C GLU A 162 32.66 17.38 45.77
N SER A 163 33.44 16.95 44.77
CA SER A 163 33.46 15.55 44.36
C SER A 163 33.83 14.67 45.53
N THR A 164 33.05 13.62 45.80
CA THR A 164 33.37 12.70 46.90
C THR A 164 33.38 11.27 46.36
N LYS A 165 33.64 10.29 47.23
CA LYS A 165 33.81 8.88 46.78
C LYS A 165 32.57 8.32 46.07
N GLU A 166 31.40 8.83 46.44
CA GLU A 166 30.13 8.42 45.84
C GLU A 166 29.97 8.87 44.38
N GLU A 167 30.78 9.82 43.95
CA GLU A 167 30.57 10.50 42.67
C GLU A 167 31.15 9.80 41.44
N SER A 168 32.23 9.05 41.65
CA SER A 168 33.10 8.57 40.57
C SER A 168 32.68 7.27 39.85
N PHE A 169 31.48 6.80 40.13
CA PHE A 169 30.94 5.57 39.55
C PHE A 169 31.25 5.38 38.04
N GLN A 170 31.11 6.45 37.27
CA GLN A 170 31.30 6.36 35.81
C GLN A 170 32.74 6.15 35.41
N GLU A 172 34.94 4.92 37.41
CA GLU A 172 35.25 3.59 37.94
C GLU A 172 35.00 2.50 36.87
N ASN A 173 33.77 2.47 36.36
CA ASN A 173 33.34 1.46 35.41
C ASN A 173 34.20 1.33 34.15
N LEU A 174 34.68 2.47 33.64
CA LEU A 174 35.68 2.51 32.57
C LEU A 174 36.98 1.77 32.90
N VAL A 175 37.51 2.01 34.10
CA VAL A 175 38.77 1.38 34.49
C VAL A 175 38.59 -0.08 34.89
N LEU A 176 37.48 -0.39 35.57
CA LEU A 176 37.07 -1.77 35.88
C LEU A 176 36.79 -2.63 34.63
N ASP A 177 36.27 -1.99 33.58
CA ASP A 177 36.12 -2.60 32.26
C ASP A 177 37.49 -2.94 31.68
N ARG A 178 38.49 -2.17 32.08
CA ARG A 178 39.82 -2.34 31.53
C ARG A 178 40.80 -3.10 32.45
N GLY A 179 40.26 -3.81 33.43
CA GLY A 179 41.05 -4.75 34.26
C GLY A 179 41.84 -4.16 35.42
N ALA A 181 41.35 -2.60 39.47
CA ALA A 181 40.60 -2.30 40.68
C ALA A 181 40.48 -0.77 40.90
N THR A 182 39.53 -0.38 41.74
CA THR A 182 39.35 1.03 42.10
C THR A 182 39.19 1.16 43.61
N ALA A 183 39.69 2.26 44.17
CA ALA A 183 39.53 2.55 45.60
C ALA A 183 39.19 4.03 45.81
N THR A 184 38.15 4.27 46.61
CA THR A 184 37.68 5.65 46.86
C THR A 184 37.53 5.90 48.36
N PHE A 185 37.68 7.17 48.75
CA PHE A 185 37.65 7.58 50.16
C PHE A 185 37.50 9.09 50.23
N ASP A 186 37.16 9.59 51.41
CA ASP A 186 37.00 11.04 51.64
C ASP A 186 38.10 11.51 52.58
N GLY A 187 38.94 12.43 52.12
CA GLY A 187 40.05 12.93 52.90
C GLY A 187 39.71 14.23 53.60
N PRO A 188 40.72 14.90 54.19
CA PRO A 188 40.47 16.14 54.91
C PRO A 188 39.70 17.14 54.08
N GLY A 189 38.63 17.68 54.69
CA GLY A 189 37.82 18.73 54.10
C GLY A 189 36.79 18.19 53.15
N GLN A 190 36.76 16.88 52.98
CA GLN A 190 35.88 16.25 52.00
C GLN A 190 34.86 15.36 52.66
N GLY A 191 33.65 15.40 52.12
CA GLY A 191 32.64 14.39 52.40
C GLY A 191 32.48 14.06 53.85
N GLU A 192 32.72 12.80 54.18
CA GLU A 192 32.48 12.25 55.50
C GLU A 192 33.50 12.70 56.52
N PHE A 194 34.87 15.76 56.51
CA PHE A 194 34.72 17.21 56.74
C PHE A 194 34.38 17.58 58.19
N GLU A 195 33.49 16.79 58.77
CA GLU A 195 33.10 16.86 60.18
C GLU A 195 34.30 16.87 61.14
N TYR A 196 35.30 16.04 60.84
CA TYR A 196 36.44 15.84 61.71
C TYR A 196 37.66 16.67 61.34
N LYS A 197 37.72 17.09 60.08
CA LYS A 197 38.95 17.68 59.58
C LYS A 197 38.68 18.57 58.38
N ARG A 198 38.91 19.87 58.55
CA ARG A 198 38.87 20.81 57.44
C ARG A 198 40.03 20.49 56.49
N ILE A 199 40.00 21.14 55.32
CA ILE A 199 41.04 20.94 54.31
C ILE A 199 42.44 21.10 54.95
N ALA A 200 43.41 20.29 54.50
CA ALA A 200 44.72 20.17 55.18
C ALA A 200 45.91 20.15 54.23
N GLY A 201 47.09 20.32 54.80
CA GLY A 201 48.33 20.42 54.03
C GLY A 201 49.08 19.13 53.83
N ASP A 202 48.51 18.04 54.36
CA ASP A 202 49.16 16.75 54.34
C ASP A 202 48.22 15.66 53.81
N TYR A 203 47.58 15.90 52.67
CA TYR A 203 46.67 14.91 52.10
C TYR A 203 47.41 13.64 51.72
N GLU A 204 48.70 13.77 51.38
CA GLU A 204 49.56 12.65 51.01
C GLU A 204 49.55 11.54 52.07
N LYS A 205 49.31 11.96 53.31
CA LYS A 205 49.18 11.05 54.43
C LYS A 205 48.02 10.07 54.27
N TYR A 206 46.85 10.59 53.87
CA TYR A 206 45.63 9.79 53.74
C TYR A 206 45.65 8.91 52.49
N THR A 207 46.22 9.43 51.40
CA THR A 207 46.47 8.62 50.20
C THR A 207 47.31 7.39 50.54
N SER A 208 48.46 7.62 51.20
CA SER A 208 49.41 6.58 51.56
C SER A 208 48.79 5.53 52.47
N ALA A 209 47.73 5.94 53.25
CA ALA A 209 47.02 4.99 54.07
C ALA A 209 46.19 4.14 53.23
N VAL A 210 45.59 4.76 52.19
CA VAL A 210 44.81 3.99 51.29
C VAL A 210 45.68 2.97 50.53
N VAL A 211 46.82 3.43 50.06
CA VAL A 211 47.89 2.53 49.57
C VAL A 211 48.27 1.43 50.54
N ASP A 212 48.44 1.77 51.82
CA ASP A 212 48.80 0.78 52.88
C ASP A 212 47.86 -0.43 52.80
N LEU A 213 46.54 -0.16 52.88
CA LEU A 213 45.51 -1.19 52.79
C LEU A 213 45.61 -2.01 51.50
N LEU A 214 45.86 -1.32 50.39
CA LEU A 214 45.97 -1.99 49.09
C LEU A 214 47.19 -2.90 49.03
N THR A 215 48.30 -2.46 49.65
CA THR A 215 49.52 -3.23 49.78
C THR A 215 49.29 -4.50 50.61
N LYS A 216 48.38 -4.39 51.58
CA LYS A 216 48.05 -5.49 52.49
C LYS A 216 47.07 -6.51 51.86
N LEU A 217 46.09 -6.02 51.10
CA LEU A 217 45.10 -6.88 50.44
C LEU A 217 45.72 -7.66 49.27
N GLU A 218 45.53 -8.98 49.31
CA GLU A 218 46.27 -9.88 48.43
C GLU A 218 45.75 -9.89 46.99
N ALA A 219 44.50 -9.42 46.83
CA ALA A 219 43.85 -9.38 45.51
C ALA A 219 44.35 -8.22 44.61
N ILE A 220 45.29 -7.41 45.12
CA ILE A 220 45.79 -6.23 44.40
C ILE A 220 47.32 -6.33 44.16
N ARG A 221 47.72 -5.83 42.91
CA ARG A 221 49.15 -5.88 42.56
C ARG A 221 49.93 -4.71 43.26
N ASN A 222 50.82 -5.06 44.25
CA ASN A 222 51.53 -4.03 45.04
C ASN A 222 52.41 -3.06 44.25
N ASP A 223 52.95 -3.53 43.10
CA ASP A 223 53.74 -2.66 42.24
C ASP A 223 52.94 -2.16 41.07
N ALA A 224 51.52 -2.30 41.27
CA ALA A 224 50.65 -1.77 40.18
C ALA A 224 49.51 -0.88 40.71
N ILE A 225 49.87 0.11 41.56
CA ILE A 225 48.84 1.05 42.13
C ILE A 225 49.08 2.51 41.71
N GLY A 226 48.16 3.05 40.92
CA GLY A 226 48.22 4.44 40.46
C GLY A 226 47.25 5.29 41.26
N VAL A 227 47.35 6.61 41.05
CA VAL A 227 46.40 7.59 41.58
C VAL A 227 45.77 8.49 40.49
N LEU A 228 44.44 8.63 40.54
CA LEU A 228 43.70 9.52 39.61
C LEU A 228 42.97 10.57 40.44
N GLY A 229 43.42 11.82 40.34
CA GLY A 229 42.78 12.91 41.05
C GLY A 229 41.90 13.78 40.16
N ARG A 230 40.64 13.97 40.57
CA ARG A 230 39.68 14.83 39.84
C ARG A 230 39.54 16.24 40.45
N SER A 231 39.80 17.25 39.65
CA SER A 231 39.70 18.66 40.03
C SER A 231 40.70 18.97 41.15
N LEU A 232 40.25 19.47 42.30
CA LEU A 232 41.15 19.58 43.47
C LEU A 232 41.84 18.23 43.72
N GLY A 233 41.14 17.15 43.42
CA GLY A 233 41.72 15.82 43.53
C GLY A 233 43.01 15.67 42.74
N GLY A 234 43.12 16.40 41.63
CA GLY A 234 44.33 16.38 40.78
C GLY A 234 45.55 16.96 41.48
N ASN A 235 45.35 18.06 42.22
CA ASN A 235 46.37 18.64 43.10
C ASN A 235 46.84 17.64 44.17
N TYR A 236 45.88 16.96 44.79
CA TYR A 236 46.15 15.87 45.73
C TYR A 236 46.90 14.71 45.07
N ALA A 237 46.54 14.38 43.83
CA ALA A 237 47.21 13.29 43.10
C ALA A 237 48.67 13.61 42.83
N LEU A 238 48.95 14.88 42.52
CA LEU A 238 50.32 15.32 42.27
C LEU A 238 51.15 15.37 43.56
N LYS A 239 50.51 15.80 44.63
CA LYS A 239 51.10 15.86 45.97
C LYS A 239 51.48 14.45 46.44
N SER A 240 50.58 13.49 46.22
CA SER A 240 50.76 12.13 46.69
C SER A 240 51.90 11.43 45.93
N ALA A 241 51.88 11.54 44.61
CA ALA A 241 52.91 10.94 43.75
C ALA A 241 54.32 11.43 44.12
N ALA A 242 54.39 12.70 44.54
CA ALA A 242 55.65 13.33 44.89
C ALA A 242 56.13 12.88 46.26
N CYS A 243 55.20 12.42 47.09
CA CYS A 243 55.51 12.00 48.46
C CYS A 243 55.46 10.49 48.65
N GLU A 244 55.07 9.76 47.53
CA GLU A 244 54.83 8.32 47.74
C GLU A 244 55.63 7.46 46.68
N PRO A 245 56.75 6.94 47.01
CA PRO A 245 57.56 6.22 45.99
C PRO A 245 56.90 4.88 45.44
N ARG A 246 55.89 4.46 46.26
CA ARG A 246 55.12 3.22 45.87
C ARG A 246 54.19 3.33 44.65
N LEU A 247 53.80 4.53 44.45
CA LEU A 247 52.80 4.76 43.40
C LEU A 247 53.37 4.60 41.98
N ALA A 248 52.63 3.64 41.14
CA ALA A 248 53.19 3.33 39.85
C ALA A 248 52.68 4.28 38.70
N ALA A 249 51.69 5.13 39.02
CA ALA A 249 51.07 5.97 38.01
C ALA A 249 50.38 7.19 38.67
N CYS A 250 50.09 8.24 37.83
CA CYS A 250 49.52 9.51 38.35
C CYS A 250 48.78 10.31 37.30
N ILE A 251 47.53 10.66 37.60
CA ILE A 251 46.75 11.52 36.72
C ILE A 251 46.25 12.74 37.46
N SER A 252 46.52 13.92 36.88
CA SER A 252 45.93 15.18 37.32
C SER A 252 44.85 15.56 36.33
N TRP A 253 43.60 15.43 36.76
CA TRP A 253 42.45 15.67 35.88
C TRP A 253 41.72 16.94 36.33
N GLY A 254 42.04 18.06 35.69
CA GLY A 254 41.50 19.36 36.09
C GLY A 254 42.10 19.80 37.41
N GLY A 255 43.33 19.35 37.65
CA GLY A 255 44.05 19.72 38.86
C GLY A 255 44.84 21.02 38.73
N PHE A 256 45.71 21.29 39.71
CA PHE A 256 46.51 22.52 39.77
C PHE A 256 47.68 22.34 40.72
N SER A 257 48.67 23.23 40.64
CA SER A 257 49.90 23.07 41.42
C SER A 257 49.99 24.00 42.63
N ASP A 258 49.22 25.10 42.58
CA ASP A 258 49.15 26.09 43.66
C ASP A 258 47.86 26.93 43.50
N LEU A 259 47.67 27.90 44.38
CA LEU A 259 46.49 28.77 44.30
C LEU A 259 46.80 30.25 44.01
N ASP A 260 47.87 30.53 43.28
CA ASP A 260 48.13 31.90 42.81
C ASP A 260 46.94 32.52 42.07
N TYR A 261 46.14 31.66 41.43
CA TYR A 261 45.08 32.08 40.53
C TYR A 261 43.74 32.34 41.25
N TRP A 262 43.77 32.43 42.58
CA TRP A 262 42.58 32.54 43.44
C TRP A 262 41.44 33.42 42.89
N ASP A 263 41.75 34.71 42.64
CA ASP A 263 40.78 35.68 42.12
C ASP A 263 39.95 35.18 40.95
N LEU A 264 40.54 34.30 40.14
CA LEU A 264 39.89 33.77 38.93
C LEU A 264 38.77 32.75 39.23
N GLU A 265 38.67 32.29 40.47
CA GLU A 265 37.68 31.28 40.83
C GLU A 265 36.26 31.84 40.77
N THR A 266 35.32 31.02 40.32
CA THR A 266 33.91 31.42 40.31
C THR A 266 33.44 31.80 41.75
N PRO A 267 32.37 32.62 41.86
CA PRO A 267 31.82 32.94 43.18
C PRO A 267 31.57 31.72 44.07
N LEU A 268 31.01 30.66 43.50
CA LEU A 268 30.65 29.47 44.27
C LEU A 268 31.84 28.59 44.66
N THR A 269 32.91 28.69 43.88
CA THR A 269 34.15 27.98 44.21
C THR A 269 34.82 28.65 45.42
N LYS A 270 34.86 29.97 45.44
CA LYS A 270 35.39 30.71 46.58
C LYS A 270 34.59 30.42 47.86
N GLU A 271 33.29 30.25 47.70
CA GLU A 271 32.41 29.90 48.81
C GLU A 271 32.69 28.50 49.33
N SER A 272 33.02 27.59 48.41
CA SER A 272 33.42 26.23 48.75
C SER A 272 34.77 26.23 49.45
N TRP A 273 35.73 27.01 48.94
CA TRP A 273 37.02 27.16 49.63
C TRP A 273 36.80 27.60 51.10
N LYS A 274 36.03 28.67 51.26
CA LYS A 274 35.62 29.20 52.57
C LYS A 274 35.06 28.08 53.44
N TYR A 275 34.20 27.26 52.84
CA TYR A 275 33.45 26.25 53.56
C TYR A 275 34.35 25.09 54.06
N VAL A 276 35.22 24.60 53.18
CA VAL A 276 36.07 23.46 53.48
C VAL A 276 37.20 23.87 54.41
N SER A 277 37.42 25.18 54.50
CA SER A 277 38.43 25.74 55.40
C SER A 277 37.86 26.12 56.76
N LYS A 278 36.55 25.99 56.90
CA LYS A 278 35.86 26.35 58.15
C LYS A 278 36.30 27.74 58.66
N VAL A 279 36.33 28.71 57.76
CA VAL A 279 36.54 30.11 58.13
C VAL A 279 35.35 30.95 57.65
N ASP A 280 35.29 32.17 58.17
CA ASP A 280 34.19 33.10 57.93
C ASP A 280 34.45 34.05 56.76
N THR A 281 35.70 34.19 56.34
CA THR A 281 36.04 35.18 55.31
C THR A 281 36.84 34.58 54.16
N LEU A 282 36.86 35.32 53.05
CA LEU A 282 37.53 34.87 51.83
C LEU A 282 39.05 34.87 51.96
N GLU A 283 39.60 35.94 52.52
CA GLU A 283 41.04 36.09 52.73
C GLU A 283 41.63 35.07 53.73
N GLU A 284 40.86 34.75 54.77
CA GLU A 284 41.18 33.67 55.69
C GLU A 284 41.25 32.34 54.95
N ALA A 285 40.27 32.12 54.07
CA ALA A 285 40.20 30.91 53.25
C ALA A 285 41.39 30.84 52.32
N ARG A 286 41.65 31.95 51.62
CA ARG A 286 42.73 32.05 50.67
C ARG A 286 44.07 31.75 51.33
N LEU A 287 44.38 32.47 52.41
CA LEU A 287 45.64 32.27 53.10
C LEU A 287 45.86 30.80 53.44
N HIS A 288 44.84 30.17 54.00
CA HIS A 288 44.94 28.79 54.50
C HIS A 288 45.16 27.77 53.38
N VAL A 289 44.43 27.92 52.28
CA VAL A 289 44.40 26.92 51.22
C VAL A 289 45.62 27.06 50.34
N HIS A 290 46.05 28.28 50.10
CA HIS A 290 47.25 28.54 49.31
C HIS A 290 48.49 27.87 49.95
N ALA A 291 48.60 27.99 51.27
CA ALA A 291 49.67 27.33 52.03
C ALA A 291 49.50 25.81 52.00
N ALA A 292 48.33 25.34 52.44
CA ALA A 292 48.05 23.91 52.55
C ALA A 292 48.23 23.14 51.24
N LEU A 293 47.96 23.79 50.11
CA LEU A 293 47.86 23.07 48.83
C LEU A 293 49.01 23.28 47.85
N GLU A 294 50.10 23.88 48.33
CA GLU A 294 51.29 24.09 47.52
C GLU A 294 51.95 22.74 47.17
N THR A 295 52.43 22.62 45.93
CA THR A 295 53.11 21.40 45.49
C THR A 295 54.47 21.69 44.89
N ARG A 296 54.70 22.95 44.52
CA ARG A 296 55.83 23.34 43.67
C ARG A 296 57.19 22.98 44.25
N ASP A 297 57.28 22.95 45.58
CA ASP A 297 58.51 22.57 46.27
C ASP A 297 58.76 21.06 46.20
N VAL A 298 57.79 20.32 45.66
CA VAL A 298 57.84 18.87 45.82
C VAL A 298 57.61 18.06 44.51
N LEU A 299 57.21 18.75 43.44
CA LEU A 299 56.84 18.08 42.17
C LEU A 299 57.95 17.33 41.43
N SER A 300 59.19 17.81 41.60
CA SER A 300 60.39 17.21 41.00
C SER A 300 60.78 15.85 41.65
N GLN A 301 60.12 15.54 42.76
CA GLN A 301 60.44 14.35 43.58
C GLN A 301 59.64 13.13 43.02
N ILE A 302 58.70 13.38 42.10
CA ILE A 302 57.81 12.36 41.42
C ILE A 302 58.63 11.46 40.49
N ALA A 303 58.63 10.10 40.89
CA ALA A 303 59.28 9.07 40.06
C ALA A 303 58.27 8.04 39.48
N CYS A 304 57.17 8.54 38.92
CA CYS A 304 56.20 7.66 38.23
C CYS A 304 55.59 8.36 37.03
N PRO A 305 55.15 7.59 36.01
CA PRO A 305 54.31 8.08 34.92
C PRO A 305 53.26 9.05 35.40
N THR A 306 53.24 10.25 34.79
CA THR A 306 52.28 11.30 35.13
C THR A 306 51.55 11.83 33.90
N TYR A 307 50.21 11.80 33.97
CA TYR A 307 49.30 12.27 32.94
C TYR A 307 48.59 13.51 33.47
N ILE A 308 48.77 14.64 32.79
CA ILE A 308 48.06 15.86 33.12
C ILE A 308 47.14 16.25 31.96
N LEU A 309 45.85 16.36 32.28
CA LEU A 309 44.83 16.82 31.36
C LEU A 309 44.32 18.15 31.84
N HIS A 310 44.55 19.19 31.04
CA HIS A 310 44.15 20.55 31.36
C HIS A 310 43.30 21.11 30.22
N GLY A 311 42.17 21.71 30.56
CA GLY A 311 41.31 22.36 29.57
C GLY A 311 41.62 23.84 29.52
N VAL A 312 41.88 24.37 28.32
CA VAL A 312 42.34 25.75 28.19
C VAL A 312 41.41 26.77 28.86
N HIS A 313 40.10 26.54 28.80
CA HIS A 313 39.14 27.49 29.38
C HIS A 313 38.78 27.16 30.84
N ASP A 314 39.63 26.38 31.51
CA ASP A 314 39.48 26.17 32.95
C ASP A 314 39.76 27.52 33.62
N GLU A 315 39.16 27.78 34.79
CA GLU A 315 39.50 28.96 35.59
C GLU A 315 40.96 28.85 36.09
N VAL A 316 41.47 27.62 36.08
CA VAL A 316 42.87 27.35 36.34
C VAL A 316 43.61 27.82 35.09
N PRO A 317 44.54 28.80 35.24
CA PRO A 317 45.23 29.38 34.09
C PRO A 317 46.33 28.47 33.54
N LEU A 318 46.82 28.80 32.36
CA LEU A 318 47.82 28.00 31.65
C LEU A 318 49.21 28.13 32.27
N SER A 319 49.30 28.95 33.32
CA SER A 319 50.50 29.05 34.16
C SER A 319 50.85 27.70 34.78
N PHE A 320 49.80 26.96 35.14
CA PHE A 320 49.89 25.60 35.64
C PHE A 320 50.71 24.70 34.72
N VAL A 321 50.40 24.80 33.42
CA VAL A 321 51.14 24.09 32.39
C VAL A 321 52.63 24.48 32.38
N ASP A 322 52.92 25.77 32.55
CA ASP A 322 54.31 26.24 32.69
C ASP A 322 54.99 25.62 33.91
N THR A 323 54.29 25.62 35.04
CA THR A 323 54.81 25.06 36.28
C THR A 323 55.17 23.59 36.09
N VAL A 324 54.20 22.78 35.68
CA VAL A 324 54.40 21.33 35.51
C VAL A 324 55.48 20.95 34.50
N LEU A 325 55.59 21.70 33.40
CA LEU A 325 56.63 21.42 32.39
C LEU A 325 58.01 21.74 32.91
N GLU A 326 58.05 22.74 33.77
CA GLU A 326 59.27 23.13 34.45
C GLU A 326 59.63 22.10 35.51
N LEU A 327 58.66 21.74 36.35
CA LEU A 327 58.93 21.03 37.60
C LEU A 327 58.69 19.51 37.61
N VAL A 328 57.67 19.03 36.89
CA VAL A 328 57.52 17.58 36.76
C VAL A 328 58.62 17.08 35.80
N PRO A 329 59.44 16.09 36.25
CA PRO A 329 60.59 15.66 35.43
C PRO A 329 60.17 15.13 34.05
N ALA A 330 60.98 15.41 33.03
CA ALA A 330 60.58 15.18 31.64
C ALA A 330 60.22 13.73 31.29
N GLU A 331 61.01 12.76 31.75
CA GLU A 331 60.77 11.35 31.42
C GLU A 331 59.41 10.77 31.89
N HIS A 332 58.70 11.50 32.74
CA HIS A 332 57.45 10.99 33.30
C HIS A 332 56.20 11.71 32.77
N LEU A 333 56.40 12.89 32.21
CA LEU A 333 55.28 13.76 31.85
C LEU A 333 54.58 13.41 30.52
N ASN A 334 53.33 12.99 30.63
CA ASN A 334 52.42 12.97 29.49
C ASN A 334 51.42 14.13 29.63
N LEU A 335 51.67 15.22 28.90
CA LEU A 335 50.80 16.39 28.92
C LEU A 335 49.71 16.37 27.81
N VAL A 336 48.44 16.56 28.21
CA VAL A 336 47.33 16.71 27.25
C VAL A 336 46.55 18.02 27.48
N VAL A 337 46.72 18.98 26.58
CA VAL A 337 46.01 20.25 26.65
C VAL A 337 44.87 20.23 25.62
N GLU A 338 43.64 20.37 26.12
CA GLU A 338 42.44 20.42 25.27
C GLU A 338 42.00 21.88 25.10
N LYS A 339 42.12 22.39 23.88
CA LYS A 339 41.90 23.81 23.61
C LYS A 339 40.43 24.29 23.73
N ASP A 340 39.48 23.36 23.60
CA ASP A 340 38.05 23.69 23.80
C ASP A 340 37.56 23.34 25.20
N GLY A 341 38.38 22.63 25.95
CA GLY A 341 37.95 22.10 27.23
C GLY A 341 37.76 23.16 28.30
N ASP A 342 36.74 22.96 29.12
CA ASP A 342 36.54 23.77 30.29
C ASP A 342 37.19 23.02 31.47
N HIS A 343 36.77 23.36 32.68
CA HIS A 343 37.24 22.65 33.87
C HIS A 343 36.95 21.14 33.79
N CYS A 344 38.02 20.35 33.93
CA CYS A 344 37.99 18.90 33.78
C CYS A 344 37.55 18.43 32.38
N CYS A 345 37.50 19.35 31.42
CA CYS A 345 37.10 19.00 30.04
C CYS A 345 35.75 18.28 29.98
N HIS A 346 34.84 18.64 30.89
CA HIS A 346 33.52 17.98 30.96
C HIS A 346 32.67 18.30 29.73
N ASN A 347 32.94 19.45 29.11
CA ASN A 347 32.17 19.90 27.96
C ASN A 347 32.58 19.18 26.66
N LEU A 348 33.58 18.28 26.75
CA LEU A 348 34.09 17.56 25.57
C LEU A 348 33.59 16.11 25.46
N GLY A 349 32.67 15.73 26.33
CA GLY A 349 32.13 14.39 26.35
C GLY A 349 33.09 13.35 26.90
N ILE A 350 32.84 12.10 26.53
CA ILE A 350 33.52 10.99 27.17
C ILE A 350 34.97 10.77 26.70
N ARG A 351 35.34 11.37 25.57
CA ARG A 351 36.61 11.00 24.92
C ARG A 351 37.84 11.23 25.82
N PRO A 352 37.98 12.44 26.42
CA PRO A 352 39.14 12.57 27.33
C PRO A 352 39.17 11.54 28.47
N ARG A 353 37.99 11.14 28.99
CA ARG A 353 37.90 10.11 30.05
C ARG A 353 38.33 8.74 29.54
N LEU A 354 37.88 8.36 28.34
CA LEU A 354 38.39 7.14 27.71
C LEU A 354 39.93 7.17 27.51
N GLU A 355 40.47 8.34 27.20
CA GLU A 355 41.91 8.48 27.03
C GLU A 355 42.67 8.25 28.35
N ALA A 357 41.53 6.37 31.02
CA ALA A 357 41.31 4.97 31.38
C ALA A 357 42.25 4.02 30.62
N ASP A 358 42.42 4.29 29.33
CA ASP A 358 43.34 3.57 28.44
C ASP A 358 44.82 3.85 28.72
N TRP A 359 45.13 5.04 29.21
CA TRP A 359 46.53 5.37 29.55
C TRP A 359 46.95 4.65 30.80
N LEU A 360 46.05 4.65 31.79
CA LEU A 360 46.19 3.84 33.00
C LEU A 360 46.31 2.36 32.69
N TYR A 361 45.57 1.92 31.67
CA TYR A 361 45.65 0.54 31.21
C TYR A 361 47.03 0.21 30.67
N ASP A 362 47.60 1.13 29.88
CA ASP A 362 48.95 0.96 29.35
C ASP A 362 50.00 0.89 30.47
N VAL A 363 49.89 1.80 31.43
CA VAL A 363 50.89 1.87 32.49
C VAL A 363 50.75 0.75 33.53
N LEU A 364 49.52 0.40 33.90
CA LEU A 364 49.27 -0.52 35.01
C LEU A 364 48.94 -1.96 34.63
N VAL A 365 48.39 -2.15 33.43
CA VAL A 365 48.03 -3.50 32.99
C VAL A 365 49.07 -4.04 32.00
N ALA A 366 49.32 -3.27 30.94
CA ALA A 366 50.26 -3.65 29.89
C ALA A 366 51.70 -3.54 30.37
N GLY A 367 52.53 -4.49 29.98
CA GLY A 367 53.97 -4.40 30.24
C GLY A 367 54.55 -3.29 29.37
N LYS A 368 54.00 -2.08 29.55
CA LYS A 368 54.19 -0.99 28.61
C LYS A 368 54.83 0.26 29.22
N LYS A 369 56.04 0.57 28.72
CA LYS A 369 56.74 1.80 29.04
C LYS A 369 56.36 2.86 28.03
N VAL A 370 55.49 3.78 28.45
CA VAL A 370 55.01 4.86 27.59
C VAL A 370 56.00 6.04 27.66
N ALA A 371 56.36 6.59 26.50
CA ALA A 371 57.41 7.61 26.41
C ALA A 371 56.84 9.01 26.61
N PRO A 372 57.67 9.95 27.12
CA PRO A 372 57.23 11.33 27.42
C PRO A 372 56.67 12.09 26.20
N THR A 373 55.35 12.16 26.12
CA THR A 373 54.69 12.76 24.96
C THR A 373 53.80 13.95 25.34
N LYS A 375 50.70 16.68 24.00
CA LYS A 375 49.60 16.85 23.05
C LYS A 375 48.76 18.10 23.32
N GLY A 376 48.63 18.96 22.31
CA GLY A 376 47.88 20.21 22.43
C GLY A 376 48.72 21.37 22.95
N TRP A 377 50.04 21.16 23.00
CA TRP A 377 50.99 22.16 23.52
C TRP A 377 52.29 22.07 22.71
N PRO A 378 52.88 23.23 22.33
CA PRO A 378 52.47 24.61 22.62
C PRO A 378 51.12 25.01 21.99
N LEU A 379 50.54 26.08 22.51
CA LEU A 379 49.29 26.65 21.98
C LEU A 379 49.46 27.13 20.53
N GLU A 380 48.36 27.54 19.91
CA GLU A 380 48.41 28.06 18.53
C GLU A 380 48.68 29.57 18.49
N HIS A 381 48.59 30.27 19.51
N GLN B 20 2.06 20.26 12.80
CA GLN B 20 2.38 21.56 13.49
C GLN B 20 3.73 21.58 14.23
N VAL B 21 4.42 20.43 14.26
CA VAL B 21 5.78 20.41 14.83
C VAL B 21 6.83 20.67 13.74
N LYS B 22 7.96 21.26 14.12
CA LYS B 22 8.98 21.67 13.15
C LYS B 22 9.98 20.54 12.85
N PRO B 23 10.48 20.47 11.59
CA PRO B 23 11.46 19.46 11.18
C PRO B 23 12.70 19.35 12.10
N GLU B 24 13.38 20.48 12.35
CA GLU B 24 14.55 20.53 13.27
C GLU B 24 14.24 19.91 14.64
N ASP B 25 13.04 20.16 15.13
CA ASP B 25 12.61 19.66 16.44
C ASP B 25 12.23 18.20 16.43
N GLU B 26 11.80 17.68 15.28
CA GLU B 26 11.53 16.25 15.18
C GLU B 26 12.86 15.52 15.23
N ASP B 28 15.93 16.82 16.54
CA ASP B 28 16.53 17.03 17.84
C ASP B 28 15.57 16.52 18.92
N ASN B 29 15.41 15.20 18.97
CA ASN B 29 14.64 14.58 20.05
C ASN B 29 15.63 14.24 21.17
N TRP B 30 15.78 15.15 22.12
CA TRP B 30 16.84 15.04 23.11
C TRP B 30 16.77 13.70 23.83
N GLY B 31 15.58 13.36 24.34
CA GLY B 31 15.33 12.12 25.06
C GLY B 31 15.75 10.88 24.31
N ARG B 32 15.25 10.74 23.08
CA ARG B 32 15.55 9.61 22.23
C ARG B 32 17.05 9.47 21.99
N LEU B 33 17.66 10.54 21.47
CA LEU B 33 19.06 10.47 21.09
C LEU B 33 20.00 10.25 22.28
N ILE B 34 19.74 10.91 23.42
CA ILE B 34 20.57 10.74 24.62
C ILE B 34 20.45 9.33 25.19
N LEU B 35 19.23 8.78 25.27
CA LEU B 35 19.07 7.41 25.80
C LEU B 35 19.67 6.38 24.87
N ASP B 36 19.74 6.69 23.59
CA ASP B 36 20.29 5.77 22.61
C ASP B 36 21.81 5.77 22.59
N GLY B 37 22.41 6.74 23.29
CA GLY B 37 23.85 6.83 23.42
C GLY B 37 24.51 7.97 22.67
N VAL B 38 23.72 8.84 22.04
CA VAL B 38 24.30 10.03 21.41
C VAL B 38 24.79 11.05 22.44
N SER B 39 26.02 11.52 22.25
CA SER B 39 26.73 12.34 23.25
C SER B 39 26.03 13.67 23.41
N TYR B 40 25.80 14.04 24.67
CA TYR B 40 25.22 15.32 24.99
C TYR B 40 25.96 16.45 24.29
N SER B 41 27.29 16.43 24.35
CA SER B 41 28.09 17.52 23.78
C SER B 41 27.90 17.65 22.25
N ASP B 42 27.74 16.51 21.56
CA ASP B 42 27.47 16.50 20.10
C ASP B 42 26.11 17.13 19.79
N VAL B 44 24.47 19.44 21.68
CA VAL B 44 24.56 20.88 21.84
C VAL B 44 25.24 21.52 20.63
N GLY B 45 26.26 20.86 20.10
CA GLY B 45 26.92 21.29 18.88
C GLY B 45 25.99 21.22 17.67
N ALA B 46 25.13 20.19 17.62
CA ALA B 46 24.11 20.12 16.57
C ALA B 46 23.14 21.32 16.71
N ARG B 47 22.62 21.53 17.93
CA ARG B 47 21.70 22.63 18.18
C ARG B 47 22.31 24.00 17.87
N ASP B 48 23.57 24.21 18.28
CA ASP B 48 24.21 25.51 18.12
C ASP B 48 25.08 25.64 16.87
N ARG B 49 24.92 24.71 15.94
CA ARG B 49 25.71 24.68 14.70
C ARG B 49 25.42 25.92 13.84
N PRO B 50 26.40 26.31 12.99
CA PRO B 50 26.15 27.44 12.08
C PRO B 50 24.98 27.14 11.13
N LYS B 51 24.30 28.21 10.73
CA LYS B 51 23.05 28.06 9.97
C LYS B 51 23.27 27.55 8.54
N GLU B 52 24.48 27.73 8.03
CA GLU B 52 24.83 27.23 6.70
C GLU B 52 25.25 25.75 6.69
N ILE B 53 25.42 25.16 7.89
CA ILE B 53 25.72 23.74 7.99
C ILE B 53 24.43 22.96 8.24
N THR B 54 24.09 22.04 7.32
CA THR B 54 22.91 21.19 7.48
C THR B 54 23.09 20.16 8.61
N TRP B 55 21.98 19.69 9.15
CA TRP B 55 21.92 18.60 10.12
C TRP B 55 22.66 17.38 9.58
N PHE B 56 22.44 17.07 8.31
CA PHE B 56 23.03 15.90 7.69
C PHE B 56 24.56 15.95 7.70
N ASP B 57 25.10 17.04 7.18
CA ASP B 57 26.55 17.27 7.16
C ASP B 57 27.19 17.31 8.54
N TYR B 58 26.50 17.95 9.49
CA TYR B 58 27.06 18.10 10.82
C TYR B 58 27.33 16.73 11.44
N TRP B 59 26.33 15.85 11.37
CA TRP B 59 26.40 14.53 12.01
C TRP B 59 27.26 13.54 11.27
N SER B 61 30.03 14.46 9.49
CA SER B 61 31.39 14.87 9.83
C SER B 61 31.84 14.28 11.19
N LEU B 62 30.94 14.31 12.19
CA LEU B 62 31.20 13.66 13.47
C LEU B 62 31.44 12.16 13.32
N ALA B 63 30.66 11.52 12.45
CA ALA B 63 30.81 10.09 12.18
C ALA B 63 32.21 9.82 11.62
N ASN B 64 32.71 10.73 10.78
CA ASN B 64 34.08 10.66 10.28
C ASN B 64 35.07 10.78 11.42
N GLU B 65 34.92 11.85 12.21
CA GLU B 65 35.73 12.09 13.39
C GLU B 65 35.86 10.86 14.27
N TYR B 66 34.72 10.32 14.71
CA TYR B 66 34.70 9.15 15.58
C TYR B 66 35.37 7.91 14.96
N GLU B 67 35.36 7.86 13.63
CA GLU B 67 35.95 6.74 12.91
C GLU B 67 37.48 6.82 12.82
N GLN B 68 38.03 8.04 12.75
CA GLN B 68 39.48 8.22 12.79
C GLN B 68 40.00 7.99 14.20
N GLU B 69 39.17 8.32 15.19
CA GLU B 69 39.47 8.09 16.59
C GLU B 69 39.62 6.62 16.86
N ALA B 70 38.63 5.84 16.45
CA ALA B 70 38.62 4.42 16.69
C ALA B 70 39.77 3.71 15.98
N GLU B 71 40.12 4.19 14.78
CA GLU B 71 41.29 3.68 14.06
C GLU B 71 42.55 3.86 14.90
N ARG B 72 42.72 5.06 15.46
CA ARG B 72 43.87 5.33 16.34
C ARG B 72 43.86 4.40 17.55
N LYS B 73 42.70 4.21 18.16
CA LYS B 73 42.59 3.31 19.32
C LYS B 73 43.02 1.89 19.00
N VAL B 74 42.46 1.31 17.94
CA VAL B 74 42.84 -0.05 17.48
C VAL B 74 44.36 -0.17 17.32
N ALA B 75 44.96 0.84 16.65
CA ALA B 75 46.41 0.92 16.44
C ALA B 75 47.19 0.80 17.74
N LEU B 76 46.63 1.36 18.80
CA LEU B 76 47.27 1.39 20.11
C LEU B 76 46.85 0.22 21.01
N GLY B 77 45.98 -0.65 20.50
CA GLY B 77 45.50 -1.82 21.26
C GLY B 77 44.40 -1.49 22.26
N HIS B 78 43.63 -0.46 21.97
CA HIS B 78 42.47 -0.10 22.79
C HIS B 78 41.15 -0.55 22.15
N ASP B 79 40.94 -1.87 22.09
CA ASP B 79 39.75 -2.44 21.46
C ASP B 79 38.43 -1.96 22.08
N LEU B 80 38.33 -1.97 23.41
CA LEU B 80 37.10 -1.51 24.08
C LEU B 80 36.70 -0.10 23.65
N SER B 81 37.63 0.85 23.74
CA SER B 81 37.39 2.24 23.35
C SER B 81 37.02 2.34 21.87
N ALA B 82 37.70 1.55 21.04
CA ALA B 82 37.49 1.54 19.60
C ALA B 82 36.10 1.03 19.21
N GLY B 83 35.57 0.08 19.98
CA GLY B 83 34.17 -0.37 19.82
C GLY B 83 33.19 0.74 20.18
N GLU B 84 33.45 1.44 21.27
CA GLU B 84 32.61 2.55 21.72
C GLU B 84 32.62 3.76 20.77
N LEU B 85 33.78 4.02 20.15
CA LEU B 85 33.90 5.15 19.24
C LEU B 85 33.27 4.83 17.89
N LEU B 86 33.30 3.54 17.52
CA LEU B 86 32.63 3.11 16.31
C LEU B 86 31.11 3.09 16.48
N SER B 88 29.53 5.20 18.51
CA SER B 88 29.30 6.64 18.41
C SER B 88 29.25 7.15 16.95
N ALA B 89 30.16 6.68 16.11
CA ALA B 89 30.18 7.06 14.69
C ALA B 89 28.92 6.54 13.96
N ALA B 90 28.58 5.28 14.20
CA ALA B 90 27.38 4.68 13.57
C ALA B 90 26.09 5.38 14.03
N LEU B 91 26.08 5.84 15.29
CA LEU B 91 24.93 6.57 15.81
C LEU B 91 24.84 7.98 15.24
N CYS B 92 25.98 8.61 14.98
CA CYS B 92 26.03 9.89 14.27
C CYS B 92 25.50 9.76 12.82
N ALA B 93 25.87 8.68 12.14
CA ALA B 93 25.34 8.38 10.82
C ALA B 93 23.83 8.12 10.88
N GLN B 94 23.41 7.22 11.77
CA GLN B 94 21.98 6.90 11.97
C GLN B 94 21.14 8.16 12.08
N TYR B 95 21.58 9.04 12.97
CA TYR B 95 20.84 10.26 13.24
C TYR B 95 21.04 11.42 12.25
N ALA B 96 22.07 11.37 11.41
CA ALA B 96 22.13 12.33 10.28
C ALA B 96 21.00 12.07 9.26
N GLN B 97 20.72 10.80 9.03
CA GLN B 97 19.89 10.39 7.90
C GLN B 97 18.49 9.92 8.24
N PHE B 98 18.19 9.74 9.53
CA PHE B 98 16.99 9.00 9.91
C PHE B 98 15.70 9.70 9.47
N LEU B 99 15.74 11.03 9.37
CA LEU B 99 14.60 11.83 8.91
C LEU B 99 14.95 12.72 7.70
N TRP B 100 15.85 12.16 6.86
CA TRP B 100 16.31 12.80 5.64
C TRP B 100 15.78 12.05 4.41
N PHE B 101 15.31 12.79 3.42
CA PHE B 101 14.58 12.18 2.29
C PHE B 101 15.11 12.50 0.89
N ASP B 102 16.23 13.22 0.78
CA ASP B 102 16.78 13.49 -0.56
C ASP B 102 17.83 12.43 -0.96
N GLU B 103 18.54 12.69 -2.06
CA GLU B 103 19.49 11.73 -2.66
C GLU B 103 20.59 11.27 -1.72
N ARG B 104 20.82 12.02 -0.65
CA ARG B 104 21.87 11.68 0.32
C ARG B 104 21.46 10.63 1.35
N ARG B 105 20.15 10.50 1.59
CA ARG B 105 19.61 9.54 2.57
C ARG B 105 20.29 8.19 2.41
N GLN B 106 20.31 7.74 1.15
CA GLN B 106 20.93 6.51 0.70
C GLN B 106 22.36 6.39 1.21
N LYS B 107 23.11 7.48 1.16
CA LYS B 107 24.52 7.45 1.53
C LYS B 107 24.70 7.37 3.05
N GLY B 108 23.82 8.05 3.79
CA GLY B 108 23.81 7.98 5.25
C GLY B 108 23.45 6.62 5.79
N GLN B 109 22.43 6.02 5.18
CA GLN B 109 22.02 4.66 5.50
C GLN B 109 23.18 3.69 5.26
N ALA B 110 23.84 3.81 4.11
CA ALA B 110 24.99 2.99 3.73
C ALA B 110 26.21 3.26 4.62
N ARG B 111 26.36 4.48 5.08
CA ARG B 111 27.46 4.85 5.98
C ARG B 111 27.26 4.28 7.38
N LYS B 112 26.03 4.38 7.90
CA LYS B 112 25.66 3.74 9.17
C LYS B 112 26.02 2.26 9.16
N VAL B 113 25.62 1.56 8.09
CA VAL B 113 25.84 0.13 7.92
C VAL B 113 27.33 -0.23 7.90
N GLU B 114 28.12 0.51 7.12
CA GLU B 114 29.58 0.35 7.08
C GLU B 114 30.22 0.46 8.48
N LEU B 115 29.76 1.44 9.25
CA LEU B 115 30.31 1.77 10.55
C LEU B 115 29.98 0.71 11.59
N TYR B 116 28.74 0.23 11.61
CA TYR B 116 28.36 -0.82 12.55
C TYR B 116 29.08 -2.14 12.29
N GLN B 117 29.29 -2.45 11.00
CA GLN B 117 30.02 -3.64 10.57
C GLN B 117 31.41 -3.69 11.19
N LYS B 118 32.04 -2.52 11.35
CA LYS B 118 33.35 -2.43 11.99
C LYS B 118 33.22 -2.45 13.51
N ALA B 119 32.17 -1.81 14.01
CA ALA B 119 31.93 -1.72 15.44
C ALA B 119 31.71 -3.09 16.06
N ALA B 120 30.87 -3.90 15.40
CA ALA B 120 30.35 -5.16 15.94
C ALA B 120 31.36 -6.16 16.56
N PRO B 121 32.50 -6.41 15.88
CA PRO B 121 33.49 -7.30 16.49
C PRO B 121 34.31 -6.66 17.63
N LEU B 122 34.19 -5.35 17.83
CA LEU B 122 34.92 -4.66 18.90
C LEU B 122 34.02 -4.37 20.09
N LEU B 123 32.74 -4.69 19.97
CA LEU B 123 31.79 -4.48 21.06
C LEU B 123 31.91 -5.67 22.00
N SER B 124 31.83 -5.41 23.31
CA SER B 124 31.81 -6.49 24.30
C SER B 124 30.46 -6.56 25.00
N PRO B 125 29.75 -7.70 24.87
CA PRO B 125 30.13 -8.84 24.02
C PRO B 125 29.95 -8.56 22.52
N PRO B 126 30.66 -9.31 21.64
CA PRO B 126 30.64 -8.99 20.20
C PRO B 126 29.30 -9.24 19.52
N ALA B 127 29.03 -8.50 18.43
CA ALA B 127 27.85 -8.75 17.60
C ALA B 127 28.26 -9.60 16.41
N GLU B 128 27.74 -10.86 16.42
CA GLU B 128 28.11 -11.79 15.38
C GLU B 128 27.15 -11.67 14.20
N ARG B 129 27.71 -11.73 13.00
CA ARG B 129 26.92 -11.66 11.78
C ARG B 129 26.51 -13.06 11.33
N HIS B 130 25.21 -13.24 11.10
CA HIS B 130 24.67 -14.44 10.47
C HIS B 130 23.93 -13.99 9.22
N GLU B 131 24.42 -14.42 8.06
CA GLU B 131 23.89 -13.95 6.78
C GLU B 131 22.76 -14.82 6.28
N LEU B 132 21.58 -14.59 6.86
CA LEU B 132 20.34 -15.23 6.45
C LEU B 132 19.82 -14.76 5.08
N VAL B 133 18.94 -15.56 4.49
CA VAL B 133 18.27 -15.22 3.22
C VAL B 133 16.78 -15.58 3.33
N VAL B 134 15.93 -14.47 3.40
CA VAL B 134 14.48 -14.70 3.53
C VAL B 134 13.75 -14.38 2.22
N ASP B 135 12.94 -15.34 1.74
CA ASP B 135 12.16 -15.17 0.51
C ASP B 135 13.14 -14.76 -0.61
N GLY B 136 14.32 -15.37 -0.57
CA GLY B 136 15.38 -15.11 -1.54
C GLY B 136 15.94 -13.70 -1.48
N ILE B 137 15.98 -13.13 -0.28
CA ILE B 137 16.52 -11.79 -0.08
C ILE B 137 17.49 -11.82 1.10
N PRO B 138 18.74 -11.35 0.88
CA PRO B 138 19.75 -11.37 1.93
C PRO B 138 19.32 -10.52 3.14
N PRO B 140 21.16 -9.75 6.81
CA PRO B 140 22.14 -9.91 7.87
C PRO B 140 21.46 -9.93 9.23
N VAL B 141 21.82 -10.92 10.06
CA VAL B 141 21.37 -10.95 11.45
C VAL B 141 22.54 -10.82 12.44
N TYR B 142 22.48 -9.78 13.28
CA TYR B 142 23.49 -9.55 14.31
C TYR B 142 23.08 -10.08 15.68
N VAL B 143 23.91 -10.96 16.24
CA VAL B 143 23.61 -11.65 17.49
C VAL B 143 24.67 -11.34 18.55
N ARG B 144 24.21 -11.05 19.77
CA ARG B 144 25.09 -10.83 20.90
C ARG B 144 24.77 -11.83 22.03
N ILE B 145 25.86 -12.29 22.73
CA ILE B 145 25.78 -13.43 23.66
C ILE B 145 26.39 -13.10 25.07
N PRO B 146 25.61 -13.30 26.15
CA PRO B 146 26.11 -12.87 27.45
C PRO B 146 27.15 -13.78 28.09
N GLU B 147 27.68 -13.33 29.24
CA GLU B 147 28.82 -13.96 29.89
C GLU B 147 28.51 -15.35 30.45
N GLY B 148 29.58 -16.29 30.30
CA GLY B 148 29.35 -17.63 30.81
C GLY B 148 28.94 -18.64 29.72
N PRO B 149 29.15 -19.94 30.02
CA PRO B 149 28.93 -21.15 29.17
C PRO B 149 27.48 -21.25 28.68
N GLY B 150 27.27 -21.76 27.54
CA GLY B 150 25.88 -21.81 26.88
C GLY B 150 24.78 -22.69 27.66
N PRO B 151 23.46 -22.64 27.24
CA PRO B 151 22.83 -21.72 26.24
C PRO B 151 22.20 -20.48 26.91
N HIS B 152 21.43 -19.67 26.10
CA HIS B 152 20.92 -18.38 26.63
C HIS B 152 19.53 -18.01 26.08
N PRO B 153 18.71 -17.33 26.89
CA PRO B 153 17.50 -16.83 26.25
C PRO B 153 17.87 -15.68 25.29
N ALA B 154 17.00 -15.56 24.25
CA ALA B 154 17.24 -14.43 23.33
C ALA B 154 16.06 -13.50 23.24
N VAL B 155 16.39 -12.23 23.02
CA VAL B 155 15.42 -11.21 22.69
C VAL B 155 15.73 -10.73 21.27
N ILE B 156 14.81 -11.06 20.36
CA ILE B 156 14.82 -10.51 19.02
C ILE B 156 14.38 -9.06 19.15
N LEU B 158 13.25 -5.52 17.30
CA LEU B 158 12.65 -5.06 16.06
C LEU B 158 12.79 -3.55 15.94
N GLY B 159 13.32 -3.11 14.81
CA GLY B 159 13.40 -1.68 14.50
C GLY B 159 12.04 -1.13 14.09
N GLY B 160 12.01 0.15 13.73
CA GLY B 160 10.74 0.77 13.41
C GLY B 160 10.79 1.43 12.05
N LEU B 161 10.22 2.62 12.00
CA LEU B 161 10.17 3.44 10.81
C LEU B 161 11.58 3.86 10.40
N GLU B 162 12.38 4.35 11.37
CA GLU B 162 13.78 4.72 11.11
C GLU B 162 14.80 3.96 11.99
N SER B 163 14.36 3.50 13.17
CA SER B 163 15.16 2.67 14.04
C SER B 163 15.52 1.38 13.31
N THR B 164 16.82 1.08 13.23
CA THR B 164 17.30 -0.15 12.58
C THR B 164 18.22 -0.86 13.53
N LYS B 165 18.72 -2.03 13.11
CA LYS B 165 19.60 -2.87 13.93
C LYS B 165 20.76 -2.14 14.60
N GLU B 166 21.38 -1.18 13.89
CA GLU B 166 22.54 -0.42 14.39
C GLU B 166 22.28 0.52 15.60
N GLU B 167 21.01 0.77 15.91
CA GLU B 167 20.62 1.80 16.87
C GLU B 167 20.20 1.28 18.26
N SER B 168 20.05 -0.02 18.42
CA SER B 168 19.49 -0.57 19.67
C SER B 168 20.52 -0.96 20.74
N PHE B 169 21.80 -0.65 20.47
CA PHE B 169 22.97 -0.85 21.35
C PHE B 169 22.75 -0.81 22.86
N GLN B 170 22.14 0.27 23.36
CA GLN B 170 22.03 0.46 24.82
C GLN B 170 20.92 -0.41 25.40
N GLU B 172 20.14 -3.29 24.07
CA GLU B 172 20.83 -4.58 24.01
C GLU B 172 21.63 -4.82 25.27
N ASN B 173 22.46 -3.84 25.62
CA ASN B 173 23.31 -3.86 26.81
C ASN B 173 22.55 -4.12 28.09
N LEU B 174 21.37 -3.50 28.24
CA LEU B 174 20.52 -3.76 29.39
C LEU B 174 20.13 -5.25 29.53
N VAL B 175 19.67 -5.87 28.45
CA VAL B 175 19.21 -7.27 28.51
C VAL B 175 20.36 -8.26 28.54
N LEU B 176 21.48 -7.92 27.89
CA LEU B 176 22.70 -8.75 27.96
C LEU B 176 23.30 -8.77 29.36
N ASP B 177 23.24 -7.62 30.06
CA ASP B 177 23.55 -7.54 31.49
C ASP B 177 22.67 -8.45 32.35
N ARG B 178 21.49 -8.80 31.84
CA ARG B 178 20.57 -9.60 32.62
C ARG B 178 20.55 -11.08 32.13
N GLY B 179 21.57 -11.42 31.34
CA GLY B 179 21.83 -12.79 30.93
C GLY B 179 20.91 -13.29 29.82
N ALA B 181 20.66 -13.10 25.52
CA ALA B 181 21.20 -12.76 24.20
C ALA B 181 20.26 -11.83 23.42
N THR B 182 20.80 -11.17 22.40
CA THR B 182 20.01 -10.27 21.55
C THR B 182 20.19 -10.66 20.08
N ALA B 183 19.16 -10.40 19.28
CA ALA B 183 19.24 -10.58 17.83
C ALA B 183 18.52 -9.43 17.13
N THR B 184 19.21 -8.83 16.16
CA THR B 184 18.73 -7.64 15.41
C THR B 184 18.80 -7.82 13.88
N PHE B 185 17.86 -7.20 13.17
CA PHE B 185 17.77 -7.31 11.71
C PHE B 185 16.87 -6.23 11.12
N ASP B 186 17.09 -5.95 9.84
CA ASP B 186 16.27 -5.03 9.06
C ASP B 186 15.48 -5.82 8.05
N GLY B 187 14.15 -5.75 8.18
CA GLY B 187 13.20 -6.36 7.25
C GLY B 187 12.59 -5.35 6.30
N PRO B 188 11.43 -5.70 5.70
CA PRO B 188 10.87 -4.85 4.62
C PRO B 188 10.71 -3.38 5.02
N GLY B 189 11.14 -2.50 4.12
CA GLY B 189 11.09 -1.05 4.33
C GLY B 189 12.16 -0.51 5.28
N GLN B 190 12.98 -1.39 5.83
CA GLN B 190 13.90 -1.00 6.89
C GLN B 190 15.34 -1.07 6.44
N GLY B 191 16.12 -0.07 6.83
CA GLY B 191 17.56 -0.12 6.72
C GLY B 191 18.10 -0.76 5.45
N GLU B 192 18.73 -1.91 5.62
CA GLU B 192 19.43 -2.58 4.55
C GLU B 192 18.49 -3.21 3.52
N PHE B 194 15.39 -2.09 2.65
CA PHE B 194 14.56 -1.07 1.98
C PHE B 194 14.76 -1.08 0.44
N GLU B 195 16.02 -1.06 0.03
CA GLU B 195 16.41 -1.19 -1.36
C GLU B 195 15.82 -2.45 -2.01
N TYR B 196 15.75 -3.54 -1.27
CA TYR B 196 15.16 -4.79 -1.77
C TYR B 196 13.62 -4.83 -1.72
N LYS B 197 13.05 -4.38 -0.61
CA LYS B 197 11.59 -4.48 -0.39
C LYS B 197 11.04 -3.25 0.30
N ARG B 198 9.93 -2.75 -0.21
CA ARG B 198 9.16 -1.70 0.47
C ARG B 198 8.43 -2.35 1.65
N ILE B 199 7.91 -1.52 2.54
CA ILE B 199 7.19 -1.98 3.72
C ILE B 199 6.05 -2.94 3.30
N ALA B 200 5.86 -3.99 4.10
CA ALA B 200 5.01 -5.14 3.76
C ALA B 200 4.03 -5.54 4.88
N GLY B 201 3.13 -6.45 4.52
CA GLY B 201 2.06 -6.89 5.39
C GLY B 201 2.28 -8.24 6.04
N ASP B 202 3.48 -8.79 5.88
CA ASP B 202 3.84 -10.11 6.43
C ASP B 202 5.24 -10.04 7.07
N TYR B 203 5.46 -9.06 7.94
CA TYR B 203 6.70 -8.93 8.70
C TYR B 203 6.98 -10.17 9.56
N GLU B 204 5.92 -10.81 10.07
CA GLU B 204 6.06 -12.00 10.91
C GLU B 204 6.97 -13.09 10.32
N LYS B 205 6.96 -13.26 8.99
CA LYS B 205 7.85 -14.25 8.36
C LYS B 205 9.33 -13.91 8.48
N TYR B 206 9.62 -12.64 8.75
CA TYR B 206 11.00 -12.19 8.98
C TYR B 206 11.46 -12.57 10.38
N THR B 207 10.70 -12.10 11.39
CA THR B 207 10.85 -12.54 12.77
C THR B 207 10.86 -14.08 12.90
N SER B 208 10.01 -14.75 12.13
CA SER B 208 9.91 -16.23 12.19
C SER B 208 11.17 -16.94 11.72
N ALA B 209 11.67 -16.53 10.44
CA ALA B 209 12.96 -16.95 9.97
C ALA B 209 14.09 -16.87 10.98
N VAL B 210 14.10 -15.75 11.70
CA VAL B 210 15.10 -15.51 12.77
C VAL B 210 15.00 -16.52 13.93
N VAL B 211 13.78 -16.73 14.44
CA VAL B 211 13.51 -17.76 15.45
C VAL B 211 14.10 -19.10 15.00
N ASP B 212 14.02 -19.38 13.69
CA ASP B 212 14.59 -20.59 13.10
C ASP B 212 16.09 -20.64 13.22
N LEU B 213 16.74 -19.50 13.04
CA LEU B 213 18.17 -19.39 13.23
C LEU B 213 18.51 -19.70 14.69
N LEU B 214 17.77 -19.05 15.61
CA LEU B 214 17.99 -19.21 17.05
C LEU B 214 17.68 -20.61 17.58
N THR B 215 16.64 -21.24 17.01
CA THR B 215 16.28 -22.60 17.38
C THR B 215 17.37 -23.57 16.87
N LYS B 216 18.04 -23.19 15.79
CA LYS B 216 19.15 -23.96 15.22
C LYS B 216 20.47 -23.75 15.96
N LEU B 217 20.78 -22.49 16.28
CA LEU B 217 22.01 -22.16 17.00
C LEU B 217 21.99 -22.73 18.41
N GLU B 218 22.97 -23.58 18.72
CA GLU B 218 22.95 -24.32 19.98
C GLU B 218 23.26 -23.46 21.22
N ALA B 219 23.72 -22.23 20.99
CA ALA B 219 23.98 -21.29 22.10
C ALA B 219 22.70 -20.65 22.67
N ILE B 220 21.53 -20.97 22.09
CA ILE B 220 20.28 -20.38 22.54
C ILE B 220 19.22 -21.41 23.00
N ARG B 221 18.56 -21.08 24.12
CA ARG B 221 17.43 -21.86 24.63
C ARG B 221 16.21 -21.71 23.71
N ASN B 222 15.73 -22.84 23.17
CA ASN B 222 14.64 -22.81 22.18
C ASN B 222 13.28 -22.46 22.79
N ASP B 223 13.05 -22.76 24.05
CA ASP B 223 11.76 -22.45 24.65
C ASP B 223 11.81 -21.07 25.27
N ALA B 224 12.93 -20.40 25.07
CA ALA B 224 13.10 -19.11 25.75
C ALA B 224 13.52 -17.96 24.79
N ILE B 225 12.76 -17.87 23.68
CA ILE B 225 12.88 -16.75 22.71
C ILE B 225 11.72 -15.81 22.91
N GLY B 226 12.04 -14.51 22.96
CA GLY B 226 11.05 -13.46 23.04
C GLY B 226 11.36 -12.38 22.01
N VAL B 227 10.41 -11.46 21.86
CA VAL B 227 10.52 -10.36 20.90
C VAL B 227 10.27 -9.00 21.56
N LEU B 228 11.11 -8.04 21.22
CA LEU B 228 11.02 -6.68 21.74
C LEU B 228 10.96 -5.72 20.56
N GLY B 229 9.81 -5.09 20.36
CA GLY B 229 9.67 -4.16 19.26
C GLY B 229 9.52 -2.71 19.68
N ARG B 230 10.25 -1.83 19.00
CA ARG B 230 10.27 -0.41 19.30
C ARG B 230 9.61 0.42 18.17
N SER B 231 8.72 1.33 18.59
CA SER B 231 7.86 2.14 17.70
C SER B 231 7.11 1.24 16.70
N LEU B 232 7.27 1.48 15.40
CA LEU B 232 6.65 0.58 14.40
C LEU B 232 6.99 -0.88 14.75
N GLY B 233 8.20 -1.11 15.28
CA GLY B 233 8.62 -2.44 15.72
C GLY B 233 7.64 -2.96 16.74
N GLY B 234 7.05 -2.05 17.50
CA GLY B 234 6.00 -2.38 18.49
C GLY B 234 4.85 -3.11 17.82
N ASN B 235 4.36 -2.51 16.73
CA ASN B 235 3.36 -3.12 15.88
C ASN B 235 3.85 -4.47 15.36
N TYR B 236 5.08 -4.50 14.84
CA TYR B 236 5.63 -5.73 14.26
C TYR B 236 5.74 -6.85 15.29
N ALA B 237 5.99 -6.50 16.55
CA ALA B 237 6.13 -7.47 17.63
C ALA B 237 4.80 -8.17 17.91
N LEU B 238 3.75 -7.37 18.05
CA LEU B 238 2.39 -7.88 18.22
C LEU B 238 1.98 -8.80 17.05
N LYS B 239 2.37 -8.42 15.85
CA LYS B 239 2.07 -9.20 14.66
C LYS B 239 2.87 -10.51 14.69
N SER B 240 4.17 -10.41 14.97
CA SER B 240 5.04 -11.56 15.07
C SER B 240 4.52 -12.56 16.11
N ALA B 241 4.06 -12.05 17.25
CA ALA B 241 3.56 -12.90 18.34
C ALA B 241 2.23 -13.56 17.99
N ALA B 242 1.34 -12.80 17.36
CA ALA B 242 0.03 -13.31 16.96
C ALA B 242 0.15 -14.43 15.95
N CYS B 243 1.28 -14.47 15.24
CA CYS B 243 1.52 -15.43 14.18
C CYS B 243 2.60 -16.47 14.48
N GLU B 244 3.22 -16.38 15.66
CA GLU B 244 4.36 -17.24 16.00
C GLU B 244 4.29 -17.86 17.43
N PRO B 245 3.63 -19.05 17.54
CA PRO B 245 3.45 -19.86 18.75
C PRO B 245 4.71 -20.12 19.57
N ARG B 246 5.87 -20.13 18.92
CA ARG B 246 7.13 -20.47 19.60
C ARG B 246 7.75 -19.33 20.42
N LEU B 247 7.32 -18.08 20.17
CA LEU B 247 7.80 -16.89 20.91
C LEU B 247 7.23 -16.81 22.32
N ALA B 248 8.24 -16.76 23.29
CA ALA B 248 7.72 -16.73 24.74
C ALA B 248 7.50 -15.26 25.32
N ALA B 249 7.68 -14.22 24.49
CA ALA B 249 7.46 -12.87 25.00
C ALA B 249 7.31 -11.82 23.93
N CYS B 250 6.33 -10.93 24.19
CA CYS B 250 6.04 -9.89 23.29
C CYS B 250 6.12 -8.60 24.13
N ILE B 251 6.88 -7.63 23.61
CA ILE B 251 6.85 -6.28 24.12
C ILE B 251 6.55 -5.35 22.98
N SER B 252 5.45 -4.61 23.09
CA SER B 252 5.21 -3.46 22.23
C SER B 252 5.63 -2.19 22.96
N TRP B 253 6.73 -1.62 22.50
CA TRP B 253 7.31 -0.43 23.10
C TRP B 253 7.03 0.75 22.19
N GLY B 254 6.03 1.53 22.59
CA GLY B 254 5.55 2.64 21.75
C GLY B 254 4.95 2.20 20.40
N GLY B 255 4.34 1.02 20.38
CA GLY B 255 3.77 0.45 19.17
C GLY B 255 2.29 0.81 19.00
N PHE B 256 1.63 0.15 18.05
CA PHE B 256 0.24 0.41 17.68
C PHE B 256 -0.41 -0.85 17.08
N SER B 257 -1.75 -0.87 17.04
CA SER B 257 -2.52 -2.02 16.55
C SER B 257 -2.98 -1.88 15.08
N ASP B 258 -3.11 -0.63 14.62
CA ASP B 258 -3.68 -0.32 13.33
C ASP B 258 -3.45 1.14 13.04
N LEU B 259 -3.75 1.57 11.81
CA LEU B 259 -3.47 2.94 11.41
C LEU B 259 -4.66 3.88 11.29
N ASP B 260 -5.77 3.51 11.96
CA ASP B 260 -6.88 4.47 12.15
C ASP B 260 -6.39 5.87 12.51
N TYR B 261 -5.29 5.95 13.25
CA TYR B 261 -4.87 7.20 13.89
C TYR B 261 -4.04 8.10 12.95
N TRP B 262 -3.88 7.67 11.70
CA TRP B 262 -3.00 8.33 10.71
C TRP B 262 -2.92 9.87 10.71
N ASP B 263 -4.06 10.54 10.76
CA ASP B 263 -4.10 12.00 10.72
C ASP B 263 -3.34 12.65 11.87
N LEU B 264 -3.21 11.91 12.96
CA LEU B 264 -2.51 12.41 14.14
C LEU B 264 -0.99 12.34 14.02
N GLU B 265 -0.48 11.71 12.95
CA GLU B 265 0.97 11.55 12.78
C GLU B 265 1.64 12.89 12.57
N THR B 266 2.87 13.01 13.08
CA THR B 266 3.66 14.20 12.77
C THR B 266 3.96 14.31 11.24
N PRO B 267 4.29 15.53 10.76
CA PRO B 267 4.64 15.69 9.35
C PRO B 267 5.75 14.77 8.86
N LEU B 268 6.84 14.64 9.61
CA LEU B 268 7.96 13.82 9.14
C LEU B 268 7.70 12.34 9.29
N THR B 269 6.80 11.98 10.20
CA THR B 269 6.33 10.58 10.26
C THR B 269 5.53 10.23 8.99
N LYS B 270 4.61 11.10 8.62
CA LYS B 270 3.89 10.96 7.34
C LYS B 270 4.85 10.85 6.14
N GLU B 271 5.88 11.69 6.10
CA GLU B 271 6.97 11.58 5.14
C GLU B 271 7.70 10.21 5.13
N SER B 272 8.05 9.72 6.32
CA SER B 272 8.62 8.37 6.50
C SER B 272 7.71 7.26 6.00
N TRP B 273 6.41 7.36 6.29
CA TRP B 273 5.44 6.35 5.80
C TRP B 273 5.45 6.30 4.25
N LYS B 274 5.45 7.48 3.64
CA LYS B 274 5.51 7.61 2.20
C LYS B 274 6.84 7.06 1.69
N TYR B 275 7.95 7.46 2.36
CA TYR B 275 9.27 6.99 1.99
C TYR B 275 9.39 5.47 2.05
N VAL B 276 8.93 4.86 3.12
CA VAL B 276 9.13 3.42 3.26
C VAL B 276 8.20 2.59 2.33
N SER B 277 7.09 3.22 1.93
CA SER B 277 6.10 2.61 1.03
C SER B 277 6.47 2.75 -0.44
N LYS B 278 7.38 3.68 -0.73
CA LYS B 278 7.77 4.02 -2.10
C LYS B 278 6.53 4.35 -2.94
N VAL B 279 5.77 5.33 -2.45
CA VAL B 279 4.62 5.85 -3.16
C VAL B 279 4.80 7.34 -3.35
N ASP B 280 3.85 7.97 -4.03
CA ASP B 280 4.02 9.37 -4.44
C ASP B 280 3.29 10.37 -3.57
N THR B 281 2.23 9.91 -2.92
CA THR B 281 1.35 10.80 -2.17
C THR B 281 1.17 10.23 -0.77
N LEU B 282 0.73 11.08 0.16
CA LEU B 282 0.50 10.66 1.54
C LEU B 282 -0.68 9.70 1.67
N GLU B 283 -1.69 9.93 0.83
CA GLU B 283 -2.90 9.12 0.85
C GLU B 283 -2.64 7.74 0.28
N GLU B 284 -1.75 7.66 -0.71
CA GLU B 284 -1.28 6.38 -1.23
C GLU B 284 -0.55 5.62 -0.11
N ALA B 285 0.28 6.34 0.65
CA ALA B 285 1.00 5.71 1.80
C ALA B 285 0.05 5.22 2.88
N ARG B 286 -0.88 6.09 3.27
CA ARG B 286 -1.85 5.76 4.30
C ARG B 286 -2.56 4.50 3.88
N LEU B 287 -3.01 4.45 2.63
CA LEU B 287 -3.76 3.29 2.12
C LEU B 287 -2.95 2.03 2.21
N HIS B 288 -1.71 2.09 1.79
CA HIS B 288 -0.88 0.92 1.79
C HIS B 288 -0.56 0.44 3.20
N VAL B 289 -0.17 1.36 4.07
CA VAL B 289 0.25 1.04 5.44
C VAL B 289 -0.94 0.58 6.30
N HIS B 290 -2.10 1.21 6.14
CA HIS B 290 -3.29 0.85 6.92
C HIS B 290 -3.66 -0.63 6.71
N ALA B 291 -3.65 -1.09 5.46
CA ALA B 291 -3.92 -2.50 5.19
C ALA B 291 -2.76 -3.41 5.60
N ALA B 292 -1.52 -3.00 5.33
CA ALA B 292 -0.35 -3.85 5.59
C ALA B 292 -0.11 -4.09 7.10
N LEU B 293 -0.41 -3.09 7.91
CA LEU B 293 -0.02 -3.14 9.32
C LEU B 293 -1.14 -3.45 10.30
N GLU B 294 -2.34 -3.76 9.80
CA GLU B 294 -3.46 -4.17 10.65
C GLU B 294 -3.15 -5.42 11.49
N THR B 295 -3.65 -5.46 12.71
CA THR B 295 -3.40 -6.58 13.60
C THR B 295 -4.67 -7.03 14.32
N ARG B 296 -5.71 -6.20 14.29
CA ARG B 296 -6.94 -6.44 15.07
C ARG B 296 -7.69 -7.74 14.71
N ASP B 297 -7.37 -8.32 13.56
CA ASP B 297 -7.94 -9.61 13.19
C ASP B 297 -7.21 -10.78 13.86
N VAL B 298 -5.99 -10.53 14.37
CA VAL B 298 -5.17 -11.60 14.92
C VAL B 298 -4.61 -11.39 16.34
N LEU B 299 -4.92 -10.24 16.96
CA LEU B 299 -4.48 -9.98 18.35
C LEU B 299 -4.97 -11.04 19.35
N SER B 300 -6.06 -11.72 19.01
CA SER B 300 -6.63 -12.73 19.89
C SER B 300 -5.81 -14.04 19.87
N GLN B 301 -4.90 -14.15 18.91
CA GLN B 301 -4.06 -15.37 18.77
C GLN B 301 -2.74 -15.28 19.62
N ILE B 302 -2.25 -13.94 19.90
CA ILE B 302 -1.03 -13.91 20.68
C ILE B 302 -1.17 -14.87 21.85
N ALA B 303 -0.24 -15.81 22.01
CA ALA B 303 -0.33 -16.76 23.10
C ALA B 303 0.82 -16.67 24.12
N CYS B 304 1.49 -15.47 24.19
CA CYS B 304 2.61 -15.31 25.11
C CYS B 304 2.41 -14.05 25.99
N PRO B 305 2.98 -14.06 27.22
CA PRO B 305 3.17 -12.84 28.03
C PRO B 305 3.56 -11.60 27.17
N THR B 306 2.70 -10.58 27.31
CA THR B 306 2.72 -9.45 26.41
C THR B 306 2.72 -8.15 27.18
N TYR B 307 3.82 -7.44 27.05
CA TYR B 307 4.07 -6.23 27.80
C TYR B 307 3.87 -5.06 26.84
N ILE B 308 2.92 -4.18 27.15
CA ILE B 308 2.66 -2.98 26.32
C ILE B 308 3.03 -1.71 27.09
N LEU B 309 4.06 -1.01 26.63
CA LEU B 309 4.41 0.31 27.20
C LEU B 309 3.87 1.43 26.33
N HIS B 310 2.99 2.22 26.92
CA HIS B 310 2.33 3.26 26.17
C HIS B 310 2.42 4.63 26.83
N GLY B 311 2.97 5.59 26.09
CA GLY B 311 3.01 6.98 26.54
C GLY B 311 1.75 7.70 26.17
N VAL B 312 1.09 8.30 27.15
CA VAL B 312 -0.16 9.03 26.94
C VAL B 312 -0.06 10.17 25.94
N HIS B 313 1.10 10.83 25.90
CA HIS B 313 1.32 11.95 24.99
C HIS B 313 1.83 11.55 23.62
N ASP B 314 1.86 10.24 23.34
CA ASP B 314 2.24 9.74 22.04
C ASP B 314 1.26 10.28 21.01
N GLU B 315 1.67 10.34 19.74
CA GLU B 315 0.73 10.57 18.65
C GLU B 315 -0.20 9.37 18.53
N VAL B 316 0.30 8.18 18.88
CA VAL B 316 -0.55 7.01 19.03
C VAL B 316 -1.51 7.27 20.18
N PRO B 317 -2.83 7.28 19.90
CA PRO B 317 -3.81 7.70 20.89
C PRO B 317 -4.25 6.53 21.77
N LEU B 318 -5.11 6.83 22.75
CA LEU B 318 -5.47 5.89 23.81
C LEU B 318 -6.43 4.79 23.37
N SER B 319 -6.96 4.91 22.15
CA SER B 319 -7.88 3.93 21.58
C SER B 319 -7.11 2.65 21.26
N PHE B 320 -5.79 2.79 21.17
CA PHE B 320 -4.90 1.65 21.02
C PHE B 320 -4.90 0.86 22.32
N VAL B 321 -4.92 1.57 23.45
CA VAL B 321 -4.97 0.93 24.76
C VAL B 321 -6.31 0.21 24.92
N ASP B 322 -7.37 0.85 24.47
CA ASP B 322 -8.71 0.25 24.38
C ASP B 322 -8.75 -1.01 23.52
N THR B 323 -8.05 -0.96 22.40
CA THR B 323 -8.03 -2.07 21.44
C THR B 323 -7.35 -3.30 22.04
N VAL B 324 -6.24 -3.07 22.72
CA VAL B 324 -5.41 -4.14 23.24
C VAL B 324 -6.04 -4.81 24.48
N LEU B 325 -6.71 -4.00 25.30
CA LEU B 325 -7.56 -4.51 26.38
C LEU B 325 -8.70 -5.36 25.82
N GLU B 326 -9.35 -4.83 24.79
CA GLU B 326 -10.44 -5.50 24.09
C GLU B 326 -10.01 -6.81 23.40
N LEU B 327 -8.76 -6.87 22.92
CA LEU B 327 -8.39 -7.94 22.00
C LEU B 327 -7.26 -8.90 22.40
N VAL B 328 -6.24 -8.40 23.10
CA VAL B 328 -5.15 -9.27 23.60
C VAL B 328 -5.68 -10.08 24.78
N PRO B 329 -5.44 -11.41 24.77
CA PRO B 329 -6.04 -12.29 25.80
C PRO B 329 -5.70 -11.82 27.22
N ALA B 330 -6.72 -11.56 28.02
CA ALA B 330 -6.56 -10.97 29.37
C ALA B 330 -5.52 -11.67 30.25
N GLU B 331 -5.29 -12.96 30.00
CA GLU B 331 -4.32 -13.74 30.77
C GLU B 331 -2.86 -13.37 30.49
N HIS B 332 -2.63 -12.75 29.34
CA HIS B 332 -1.28 -12.47 28.82
C HIS B 332 -0.83 -11.02 28.94
N LEU B 333 -1.79 -10.11 29.14
CA LEU B 333 -1.53 -8.68 28.99
C LEU B 333 -0.92 -8.05 30.24
N ASN B 334 0.28 -7.48 30.06
CA ASN B 334 0.92 -6.65 31.08
C ASN B 334 0.96 -5.21 30.59
N LEU B 335 -0.01 -4.41 31.02
CA LEU B 335 -0.22 -3.07 30.44
C LEU B 335 0.36 -1.94 31.31
N VAL B 336 1.28 -1.19 30.73
CA VAL B 336 1.89 -0.08 31.42
C VAL B 336 1.61 1.19 30.64
N VAL B 337 0.78 2.06 31.19
CA VAL B 337 0.63 3.37 30.58
C VAL B 337 1.19 4.50 31.46
N GLU B 338 2.13 5.22 30.86
CA GLU B 338 2.86 6.29 31.51
C GLU B 338 2.21 7.63 31.17
N LYS B 339 1.57 8.23 32.17
CA LYS B 339 0.81 9.48 32.02
C LYS B 339 1.61 10.67 31.48
N ASP B 340 2.93 10.67 31.70
CA ASP B 340 3.79 11.76 31.25
C ASP B 340 4.63 11.37 30.05
N GLY B 341 4.43 10.15 29.56
CA GLY B 341 5.23 9.60 28.49
C GLY B 341 4.90 10.17 27.12
N ASP B 342 5.94 10.51 26.37
CA ASP B 342 5.78 10.81 24.96
C ASP B 342 5.90 9.51 24.19
N HIS B 343 6.14 9.61 22.89
CA HIS B 343 6.29 8.46 22.04
C HIS B 343 7.49 7.59 22.49
N CYS B 344 7.22 6.34 22.82
CA CYS B 344 8.21 5.40 23.38
C CYS B 344 8.68 5.78 24.78
N CYS B 345 8.04 6.81 25.35
CA CYS B 345 8.36 7.33 26.69
C CYS B 345 9.84 7.76 26.82
N HIS B 346 10.44 8.13 25.69
CA HIS B 346 11.82 8.61 25.67
C HIS B 346 12.06 9.77 26.67
N ASN B 347 11.07 10.64 26.81
CA ASN B 347 11.20 11.82 27.67
C ASN B 347 11.25 11.50 29.17
N LEU B 348 11.05 10.24 29.52
CA LEU B 348 10.99 9.81 30.92
C LEU B 348 12.29 9.21 31.47
N GLY B 349 13.33 9.14 30.63
CA GLY B 349 14.62 8.63 31.08
C GLY B 349 14.70 7.11 31.07
N ILE B 350 15.73 6.57 31.72
CA ILE B 350 15.99 5.15 31.62
C ILE B 350 14.99 4.22 32.36
N ARG B 351 14.27 4.74 33.35
CA ARG B 351 13.33 3.90 34.14
C ARG B 351 12.54 2.88 33.28
N PRO B 352 11.66 3.36 32.37
CA PRO B 352 10.86 2.42 31.55
C PRO B 352 11.66 1.35 30.80
N ARG B 353 12.87 1.68 30.34
CA ARG B 353 13.75 0.71 29.68
C ARG B 353 14.19 -0.37 30.66
N LEU B 354 14.61 0.04 31.86
CA LEU B 354 14.99 -0.91 32.91
C LEU B 354 13.85 -1.86 33.23
N GLU B 355 12.67 -1.31 33.39
CA GLU B 355 11.46 -2.09 33.65
C GLU B 355 11.19 -3.13 32.57
N ALA B 357 13.50 -4.48 30.47
CA ALA B 357 14.56 -5.48 30.56
C ALA B 357 14.40 -6.45 31.75
N ASP B 358 13.95 -5.90 32.89
CA ASP B 358 13.68 -6.71 34.08
C ASP B 358 12.48 -7.63 33.85
N TRP B 359 11.45 -7.16 33.15
CA TRP B 359 10.29 -8.00 32.86
C TRP B 359 10.66 -9.06 31.79
N LEU B 360 11.49 -8.67 30.80
CA LEU B 360 11.97 -9.67 29.83
C LEU B 360 12.82 -10.77 30.66
N TYR B 361 13.57 -10.32 31.63
CA TYR B 361 14.26 -11.25 32.61
C TYR B 361 13.24 -12.15 33.29
N ASP B 362 12.16 -11.58 33.85
CA ASP B 362 11.18 -12.38 34.64
C ASP B 362 10.50 -13.47 33.82
N VAL B 363 10.23 -13.13 32.56
CA VAL B 363 9.57 -14.05 31.63
C VAL B 363 10.54 -15.09 31.11
N LEU B 364 11.64 -14.60 30.53
CA LEU B 364 12.60 -15.43 29.80
C LEU B 364 13.70 -16.11 30.64
N VAL B 365 14.29 -15.36 31.62
CA VAL B 365 15.35 -15.98 32.47
C VAL B 365 14.70 -16.34 33.96
N ALA B 366 14.12 -15.46 34.63
CA ALA B 366 13.47 -15.80 35.90
C ALA B 366 12.61 -16.91 36.01
N GLY B 367 11.73 -17.11 34.86
CA GLY B 367 10.64 -18.56 34.92
C GLY B 367 9.45 -18.25 35.86
N LYS B 368 9.30 -16.80 36.07
CA LYS B 368 8.24 -16.37 36.98
C LYS B 368 7.08 -16.22 36.13
N LYS B 369 6.01 -16.99 36.50
CA LYS B 369 4.72 -16.96 35.72
C LYS B 369 3.98 -15.70 36.17
N VAL B 370 4.26 -14.59 35.48
CA VAL B 370 3.80 -13.27 35.91
C VAL B 370 2.29 -13.07 35.70
N ALA B 371 1.63 -12.52 36.71
CA ALA B 371 0.19 -12.25 36.67
C ALA B 371 -0.16 -11.13 35.68
N PRO B 372 -1.21 -11.35 34.86
CA PRO B 372 -1.72 -10.30 34.00
C PRO B 372 -2.04 -9.07 34.85
N THR B 373 -1.58 -7.91 34.43
CA THR B 373 -1.58 -6.74 35.29
C THR B 373 -1.74 -5.41 34.54
N LYS B 375 -0.81 -1.11 35.00
CA LYS B 375 -0.15 0.00 35.67
C LYS B 375 -0.59 1.29 35.00
N GLY B 376 -1.11 2.24 35.77
CA GLY B 376 -1.52 3.54 35.24
C GLY B 376 -2.74 3.53 34.33
N TRP B 377 -3.54 2.48 34.43
CA TRP B 377 -4.78 2.39 33.67
C TRP B 377 -5.90 1.79 34.52
N PRO B 378 -7.10 2.43 34.52
CA PRO B 378 -7.48 3.69 33.86
C PRO B 378 -6.86 4.96 34.47
N LEU B 379 -7.05 6.09 33.80
CA LEU B 379 -6.45 7.37 34.24
C LEU B 379 -7.16 8.04 35.44
N GLU B 380 -8.30 7.73 35.80
N ASN C 29 -38.21 5.67 -37.17
CA ASN C 29 -38.32 4.66 -36.06
C ASN C 29 -36.96 4.12 -35.63
N TRP C 30 -36.12 4.99 -35.09
CA TRP C 30 -34.71 4.67 -34.90
C TRP C 30 -34.45 3.54 -33.90
N GLY C 31 -35.16 3.58 -32.77
CA GLY C 31 -34.99 2.63 -31.67
C GLY C 31 -35.25 1.21 -32.13
N ARG C 32 -36.37 1.03 -32.82
CA ARG C 32 -36.72 -0.19 -33.54
C ARG C 32 -35.65 -0.68 -34.53
N LEU C 33 -35.16 0.22 -35.40
CA LEU C 33 -34.17 -0.16 -36.42
C LEU C 33 -32.91 -0.68 -35.78
N ILE C 34 -32.42 0.07 -34.80
CA ILE C 34 -31.31 -0.34 -33.96
C ILE C 34 -31.44 -1.74 -33.28
N LEU C 35 -32.57 -2.00 -32.63
CA LEU C 35 -32.87 -3.32 -32.04
C LEU C 35 -32.86 -4.42 -33.08
N ASP C 36 -33.35 -4.10 -34.27
CA ASP C 36 -33.44 -5.10 -35.33
C ASP C 36 -32.15 -5.36 -36.07
N GLY C 37 -31.17 -4.49 -35.86
CA GLY C 37 -29.81 -4.74 -36.34
C GLY C 37 -29.21 -3.76 -37.32
N VAL C 38 -30.00 -2.73 -37.69
CA VAL C 38 -29.56 -1.62 -38.54
C VAL C 38 -28.61 -0.72 -37.74
N SER C 39 -27.41 -0.58 -38.28
CA SER C 39 -26.38 0.20 -37.63
C SER C 39 -26.70 1.72 -37.57
N TYR C 40 -26.52 2.29 -36.38
CA TYR C 40 -26.64 3.71 -36.13
C TYR C 40 -25.74 4.55 -37.06
N SER C 41 -24.55 4.05 -37.35
CA SER C 41 -23.58 4.77 -38.17
C SER C 41 -24.12 4.85 -39.59
N ASP C 42 -24.77 3.78 -40.06
CA ASP C 42 -25.44 3.76 -41.37
C ASP C 42 -26.63 4.72 -41.50
N VAL C 44 -27.12 7.52 -39.49
CA VAL C 44 -26.54 8.85 -39.48
C VAL C 44 -26.00 9.14 -40.89
N GLY C 45 -25.31 8.16 -41.50
CA GLY C 45 -24.80 8.27 -42.85
C GLY C 45 -25.83 8.60 -43.92
N ALA C 46 -27.01 7.98 -43.84
CA ALA C 46 -28.12 8.28 -44.72
C ALA C 46 -28.70 9.65 -44.40
N ARG C 47 -28.75 10.01 -43.12
CA ARG C 47 -29.32 11.29 -42.71
C ARG C 47 -28.49 12.45 -43.28
N ASP C 48 -27.19 12.22 -43.44
CA ASP C 48 -26.25 13.28 -43.81
C ASP C 48 -25.64 13.14 -45.21
N ARG C 49 -26.12 12.21 -46.02
CA ARG C 49 -25.54 12.01 -47.36
C ARG C 49 -25.73 13.20 -48.32
N PRO C 50 -24.90 13.25 -49.40
CA PRO C 50 -25.11 14.23 -50.46
C PRO C 50 -26.56 14.26 -50.99
N LYS C 51 -27.05 15.49 -51.21
CA LYS C 51 -28.39 15.77 -51.74
C LYS C 51 -28.64 15.11 -53.09
N GLU C 52 -27.56 14.84 -53.82
CA GLU C 52 -27.62 14.17 -55.13
C GLU C 52 -28.15 12.74 -55.02
N ILE C 53 -27.65 12.02 -54.01
CA ILE C 53 -27.91 10.59 -53.81
C ILE C 53 -29.31 10.38 -53.23
N THR C 54 -30.13 9.56 -53.90
CA THR C 54 -31.45 9.22 -53.36
C THR C 54 -31.35 8.27 -52.16
N TRP C 55 -32.46 8.12 -51.44
CA TRP C 55 -32.54 7.21 -50.29
C TRP C 55 -32.25 5.79 -50.73
N PHE C 56 -32.95 5.38 -51.79
CA PHE C 56 -32.90 4.02 -52.30
C PHE C 56 -31.49 3.64 -52.71
N ASP C 57 -30.81 4.59 -53.37
CA ASP C 57 -29.46 4.35 -53.88
C ASP C 57 -28.41 4.25 -52.77
N TYR C 58 -28.42 5.22 -51.86
CA TYR C 58 -27.62 5.15 -50.64
C TYR C 58 -27.71 3.76 -49.98
N TRP C 59 -28.94 3.33 -49.67
CA TRP C 59 -29.16 2.05 -49.00
C TRP C 59 -28.84 0.83 -49.85
N SER C 61 -26.65 0.77 -52.33
CA SER C 61 -25.18 0.73 -52.49
C SER C 61 -24.48 0.26 -51.23
N LEU C 62 -25.01 0.63 -50.06
CA LEU C 62 -24.55 0.03 -48.78
C LEU C 62 -24.66 -1.50 -48.77
N ALA C 63 -25.80 -2.01 -49.23
CA ALA C 63 -26.03 -3.44 -49.37
C ALA C 63 -24.99 -4.15 -50.24
N ASN C 64 -24.62 -3.49 -51.36
CA ASN C 64 -23.57 -3.95 -52.27
C ASN C 64 -22.22 -3.95 -51.61
N GLU C 65 -21.90 -2.85 -50.96
CA GLU C 65 -20.69 -2.72 -50.18
C GLU C 65 -20.54 -3.84 -49.13
N TYR C 66 -21.63 -4.10 -48.41
CA TYR C 66 -21.61 -5.09 -47.34
C TYR C 66 -21.40 -6.45 -47.93
N GLU C 67 -22.10 -6.77 -49.02
CA GLU C 67 -21.98 -8.09 -49.67
C GLU C 67 -20.57 -8.37 -50.18
N GLN C 68 -20.01 -7.37 -50.85
CA GLN C 68 -18.66 -7.46 -51.41
C GLN C 68 -17.63 -7.73 -50.31
N GLU C 69 -17.69 -6.98 -49.22
CA GLU C 69 -16.77 -7.23 -48.10
C GLU C 69 -16.99 -8.63 -47.50
N ALA C 70 -18.25 -9.02 -47.38
CA ALA C 70 -18.63 -10.34 -46.88
C ALA C 70 -18.02 -11.46 -47.72
N GLU C 71 -18.11 -11.34 -49.04
CA GLU C 71 -17.53 -12.33 -49.95
C GLU C 71 -16.02 -12.39 -49.84
N ARG C 72 -15.37 -11.26 -49.68
CA ARG C 72 -13.93 -11.26 -49.35
C ARG C 72 -13.64 -11.88 -47.97
N LYS C 73 -14.47 -11.60 -46.97
CA LYS C 73 -14.31 -12.24 -45.65
C LYS C 73 -14.38 -13.76 -45.72
N VAL C 74 -15.33 -14.28 -46.50
CA VAL C 74 -15.44 -15.73 -46.72
C VAL C 74 -14.15 -16.33 -47.31
N ALA C 75 -13.61 -15.67 -48.33
CA ALA C 75 -12.34 -16.12 -48.98
C ALA C 75 -11.18 -16.12 -48.00
N LEU C 76 -11.26 -15.24 -47.00
CA LEU C 76 -10.18 -15.12 -46.00
C LEU C 76 -10.39 -15.99 -44.78
N GLY C 77 -11.47 -16.77 -44.78
CA GLY C 77 -11.77 -17.65 -43.64
C GLY C 77 -12.41 -16.92 -42.44
N HIS C 78 -13.16 -15.86 -42.69
CA HIS C 78 -13.77 -15.05 -41.61
C HIS C 78 -15.29 -15.08 -41.69
N ASP C 79 -15.81 -16.29 -41.47
CA ASP C 79 -17.19 -16.63 -41.75
C ASP C 79 -18.12 -15.92 -40.79
N LEU C 80 -17.71 -15.78 -39.53
CA LEU C 80 -18.56 -15.07 -38.56
C LEU C 80 -18.78 -13.66 -39.03
N SER C 81 -17.70 -12.92 -39.33
CA SER C 81 -17.89 -11.56 -39.87
C SER C 81 -18.73 -11.54 -41.13
N ALA C 82 -18.50 -12.48 -42.04
CA ALA C 82 -19.21 -12.49 -43.33
C ALA C 82 -20.73 -12.59 -43.14
N GLY C 83 -21.15 -13.53 -42.27
CA GLY C 83 -22.57 -13.64 -41.94
C GLY C 83 -23.18 -12.35 -41.43
N GLU C 84 -22.48 -11.66 -40.53
CA GLU C 84 -22.96 -10.41 -39.96
C GLU C 84 -23.07 -9.30 -41.00
N LEU C 85 -22.09 -9.24 -41.89
CA LEU C 85 -22.10 -8.22 -42.94
C LEU C 85 -23.24 -8.50 -43.92
N LEU C 86 -23.46 -9.78 -44.27
CA LEU C 86 -24.63 -10.13 -45.15
C LEU C 86 -25.97 -9.86 -44.49
N SER C 88 -26.35 -7.37 -42.35
CA SER C 88 -26.46 -5.90 -42.46
C SER C 88 -26.93 -5.55 -43.89
N ALA C 89 -26.32 -6.20 -44.88
CA ALA C 89 -26.67 -6.04 -46.29
C ALA C 89 -28.19 -6.29 -46.49
N ALA C 90 -28.69 -7.40 -45.96
CA ALA C 90 -30.10 -7.75 -46.14
C ALA C 90 -31.04 -6.69 -45.55
N LEU C 91 -30.67 -6.12 -44.40
CA LEU C 91 -31.47 -5.04 -43.81
C LEU C 91 -31.37 -3.70 -44.54
N CYS C 92 -30.20 -3.36 -45.08
CA CYS C 92 -30.07 -2.18 -45.96
C CYS C 92 -31.00 -2.25 -47.19
N ALA C 93 -31.01 -3.42 -47.84
CA ALA C 93 -31.90 -3.75 -48.95
C ALA C 93 -33.35 -3.51 -48.59
N GLN C 94 -33.73 -4.00 -47.41
CA GLN C 94 -35.09 -3.86 -46.92
C GLN C 94 -35.46 -2.40 -46.74
N TYR C 95 -34.55 -1.65 -46.14
CA TYR C 95 -34.77 -0.25 -45.77
C TYR C 95 -34.72 0.71 -46.97
N ALA C 96 -34.00 0.30 -48.01
CA ALA C 96 -33.94 1.01 -49.28
C ALA C 96 -35.34 1.32 -49.82
N GLN C 97 -36.26 0.37 -49.65
CA GLN C 97 -37.57 0.38 -50.31
C GLN C 97 -38.77 0.58 -49.38
N PHE C 98 -38.54 1.03 -48.15
CA PHE C 98 -39.53 0.83 -47.10
C PHE C 98 -40.87 1.58 -47.29
N LEU C 99 -40.83 2.70 -48.03
CA LEU C 99 -42.01 3.54 -48.28
C LEU C 99 -42.80 3.22 -49.55
N TRP C 100 -42.14 2.58 -50.51
CA TRP C 100 -42.63 2.56 -51.89
C TRP C 100 -43.04 1.17 -52.39
N PHE C 101 -44.02 1.15 -53.28
CA PHE C 101 -44.48 -0.08 -53.89
C PHE C 101 -44.28 -0.13 -55.39
N ASP C 102 -43.62 0.87 -55.94
CA ASP C 102 -43.16 0.79 -57.31
C ASP C 102 -42.02 -0.20 -57.42
N GLU C 103 -41.31 -0.18 -58.54
CA GLU C 103 -40.30 -1.23 -58.83
C GLU C 103 -39.26 -1.33 -57.73
N ARG C 104 -39.11 -0.24 -56.96
CA ARG C 104 -38.18 -0.16 -55.83
C ARG C 104 -38.41 -1.24 -54.78
N ARG C 105 -39.68 -1.51 -54.48
CA ARG C 105 -40.04 -2.61 -53.58
C ARG C 105 -39.57 -3.97 -54.10
N GLN C 106 -40.04 -4.36 -55.28
CA GLN C 106 -39.73 -5.69 -55.79
C GLN C 106 -38.23 -5.86 -55.96
N LYS C 107 -37.51 -4.76 -56.16
CA LYS C 107 -36.04 -4.75 -56.23
C LYS C 107 -35.43 -5.03 -54.85
N GLY C 108 -35.76 -4.18 -53.88
CA GLY C 108 -35.21 -4.27 -52.51
C GLY C 108 -35.51 -5.60 -51.87
N GLN C 109 -36.76 -6.04 -52.04
CA GLN C 109 -37.21 -7.35 -51.56
C GLN C 109 -36.45 -8.53 -52.12
N ALA C 110 -36.42 -8.69 -53.46
CA ALA C 110 -35.66 -9.78 -54.09
C ALA C 110 -34.25 -9.77 -53.59
N ARG C 111 -33.73 -8.57 -53.32
CA ARG C 111 -32.34 -8.43 -52.92
C ARG C 111 -32.16 -8.87 -51.45
N LYS C 112 -33.12 -8.48 -50.61
CA LYS C 112 -33.15 -8.96 -49.22
C LYS C 112 -33.17 -10.50 -49.16
N VAL C 113 -34.00 -11.12 -50.00
CA VAL C 113 -34.12 -12.58 -50.08
C VAL C 113 -32.82 -13.25 -50.47
N GLU C 114 -32.16 -12.74 -51.51
CA GLU C 114 -30.98 -13.40 -52.04
C GLU C 114 -29.81 -13.22 -51.08
N LEU C 115 -29.72 -12.04 -50.48
CA LEU C 115 -28.64 -11.75 -49.48
C LEU C 115 -28.74 -12.64 -48.25
N TYR C 116 -29.97 -12.88 -47.82
CA TYR C 116 -30.25 -13.75 -46.68
C TYR C 116 -29.94 -15.18 -47.02
N GLN C 117 -30.22 -15.59 -48.27
CA GLN C 117 -29.86 -16.97 -48.70
C GLN C 117 -28.37 -17.20 -48.57
N LYS C 118 -27.60 -16.14 -48.81
CA LYS C 118 -26.13 -16.13 -48.63
C LYS C 118 -25.67 -16.06 -47.18
N ALA C 119 -26.30 -15.17 -46.42
CA ALA C 119 -26.01 -15.05 -44.98
C ALA C 119 -26.22 -16.36 -44.26
N ALA C 120 -27.35 -17.01 -44.52
CA ALA C 120 -27.85 -18.16 -43.70
C ALA C 120 -26.86 -19.23 -43.24
N PRO C 121 -26.14 -19.91 -44.19
CA PRO C 121 -25.09 -20.84 -43.76
C PRO C 121 -23.95 -20.24 -42.95
N LEU C 122 -23.82 -18.92 -42.95
CA LEU C 122 -22.71 -18.27 -42.24
C LEU C 122 -23.11 -17.71 -40.86
N LEU C 123 -24.41 -17.68 -40.60
CA LEU C 123 -24.95 -17.33 -39.25
C LEU C 123 -24.51 -18.27 -38.14
N SER C 124 -24.43 -17.78 -36.90
CA SER C 124 -24.01 -18.59 -35.76
C SER C 124 -25.13 -18.71 -34.67
N PRO C 125 -25.85 -19.86 -34.61
CA PRO C 125 -25.68 -21.00 -35.51
C PRO C 125 -26.38 -20.79 -36.86
N PRO C 126 -26.07 -21.64 -37.85
CA PRO C 126 -26.59 -21.37 -39.19
C PRO C 126 -28.10 -21.60 -39.33
N ALA C 127 -28.71 -20.89 -40.28
CA ALA C 127 -30.09 -21.12 -40.67
C ALA C 127 -30.08 -22.15 -41.80
N GLU C 128 -30.68 -23.32 -41.58
CA GLU C 128 -30.72 -24.39 -42.58
C GLU C 128 -32.02 -24.29 -43.39
N ARG C 129 -31.91 -24.41 -44.70
CA ARG C 129 -33.09 -24.31 -45.57
C ARG C 129 -33.84 -25.66 -45.63
N HIS C 130 -35.16 -25.59 -45.47
CA HIS C 130 -36.07 -26.71 -45.67
C HIS C 130 -37.11 -26.28 -46.68
N GLU C 131 -37.33 -27.14 -47.66
CA GLU C 131 -38.23 -26.83 -48.77
C GLU C 131 -39.52 -27.59 -48.59
N LEU C 132 -40.54 -26.87 -48.14
CA LEU C 132 -41.85 -27.44 -47.95
C LEU C 132 -42.71 -27.05 -49.16
N VAL C 133 -43.72 -27.86 -49.43
CA VAL C 133 -44.71 -27.51 -50.44
C VAL C 133 -46.06 -27.57 -49.74
N VAL C 134 -46.82 -26.48 -49.75
CA VAL C 134 -48.11 -26.47 -49.07
C VAL C 134 -49.26 -26.25 -50.08
N ASP C 135 -50.09 -27.30 -50.25
CA ASP C 135 -51.13 -27.35 -51.28
C ASP C 135 -50.60 -26.80 -52.61
N GLY C 136 -49.53 -27.42 -53.11
CA GLY C 136 -48.91 -26.98 -54.35
C GLY C 136 -48.00 -25.75 -54.32
N ILE C 137 -47.98 -25.00 -53.21
CA ILE C 137 -47.17 -23.78 -53.17
C ILE C 137 -45.86 -24.05 -52.42
N PRO C 138 -44.73 -23.61 -53.02
CA PRO C 138 -43.41 -23.75 -52.40
C PRO C 138 -43.32 -22.88 -51.14
N PRO C 140 -40.11 -22.21 -48.59
CA PRO C 140 -38.88 -22.40 -47.83
C PRO C 140 -39.11 -22.09 -46.33
N VAL C 141 -38.50 -22.91 -45.48
CA VAL C 141 -38.45 -22.73 -44.02
C VAL C 141 -37.00 -22.72 -43.57
N TYR C 142 -36.63 -21.67 -42.83
CA TYR C 142 -35.30 -21.54 -42.26
C TYR C 142 -35.28 -21.96 -40.79
N VAL C 143 -34.42 -22.93 -40.46
CA VAL C 143 -34.39 -23.47 -39.11
C VAL C 143 -32.98 -23.25 -38.56
N ARG C 144 -32.90 -22.76 -37.32
CA ARG C 144 -31.63 -22.55 -36.67
C ARG C 144 -31.68 -23.31 -35.36
N ILE C 145 -30.62 -24.04 -35.05
CA ILE C 145 -30.59 -24.91 -33.86
C ILE C 145 -29.41 -24.58 -32.95
N PRO C 146 -29.66 -24.44 -31.63
CA PRO C 146 -28.49 -24.14 -30.79
C PRO C 146 -27.44 -25.26 -30.84
N GLU C 147 -26.22 -24.97 -30.44
CA GLU C 147 -25.17 -25.99 -30.47
C GLU C 147 -25.32 -26.97 -29.25
N GLY C 148 -24.73 -28.15 -29.32
CA GLY C 148 -24.88 -29.11 -28.22
C GLY C 148 -25.97 -30.13 -28.46
N PRO C 149 -25.96 -31.22 -27.65
CA PRO C 149 -26.90 -32.34 -27.81
C PRO C 149 -28.33 -31.87 -27.83
N GLY C 150 -29.07 -32.36 -28.79
CA GLY C 150 -30.49 -32.12 -28.79
C GLY C 150 -31.15 -33.33 -28.13
N PRO C 151 -32.43 -33.50 -28.39
CA PRO C 151 -33.10 -32.50 -29.24
C PRO C 151 -33.40 -31.18 -28.48
N HIS C 152 -33.79 -30.13 -29.20
CA HIS C 152 -33.92 -28.77 -28.61
C HIS C 152 -35.34 -28.34 -28.80
N PRO C 153 -35.90 -27.57 -27.82
CA PRO C 153 -37.19 -26.92 -28.06
C PRO C 153 -37.04 -25.95 -29.22
N ALA C 154 -38.18 -25.53 -29.77
CA ALA C 154 -38.21 -24.61 -30.91
C ALA C 154 -39.29 -23.54 -30.79
N VAL C 155 -39.05 -22.36 -31.37
CA VAL C 155 -40.04 -21.30 -31.48
C VAL C 155 -40.19 -20.99 -32.97
N ILE C 156 -41.40 -21.19 -33.48
CA ILE C 156 -41.75 -20.79 -34.86
C ILE C 156 -42.04 -19.30 -34.76
N LEU C 158 -43.37 -15.83 -36.59
CA LEU C 158 -44.23 -15.38 -37.65
C LEU C 158 -44.02 -13.91 -37.93
N GLY C 159 -43.88 -13.57 -39.22
CA GLY C 159 -43.76 -12.17 -39.64
C GLY C 159 -45.12 -11.49 -39.71
N GLY C 160 -45.12 -10.17 -39.97
CA GLY C 160 -46.36 -9.42 -40.05
C GLY C 160 -46.74 -8.98 -41.46
N LEU C 161 -47.17 -7.72 -41.57
CA LEU C 161 -47.73 -7.22 -42.81
C LEU C 161 -46.65 -7.11 -43.89
N GLU C 162 -45.51 -6.58 -43.48
CA GLU C 162 -44.37 -6.28 -44.33
C GLU C 162 -43.14 -7.07 -43.90
N SER C 163 -43.14 -7.47 -42.62
CA SER C 163 -42.04 -8.20 -42.00
C SER C 163 -41.92 -9.61 -42.55
N THR C 164 -40.72 -10.05 -42.88
CA THR C 164 -40.54 -11.36 -43.55
C THR C 164 -39.54 -12.24 -42.78
N LYS C 165 -39.39 -13.50 -43.17
CA LYS C 165 -38.51 -14.45 -42.49
C LYS C 165 -37.07 -13.95 -42.34
N GLU C 166 -36.67 -13.00 -43.20
CA GLU C 166 -35.29 -12.50 -43.20
C GLU C 166 -35.04 -11.44 -42.12
N GLU C 167 -36.12 -10.98 -41.48
CA GLU C 167 -36.02 -9.82 -40.60
C GLU C 167 -35.98 -10.08 -39.07
N SER C 168 -36.04 -11.33 -38.65
CA SER C 168 -36.18 -11.62 -37.18
C SER C 168 -34.89 -12.02 -36.50
N PHE C 169 -33.76 -11.75 -37.16
CA PHE C 169 -32.44 -12.12 -36.66
C PHE C 169 -32.16 -11.85 -35.17
N GLN C 170 -32.44 -10.65 -34.69
CA GLN C 170 -32.16 -10.25 -33.31
C GLN C 170 -33.03 -10.99 -32.31
N GLU C 172 -34.53 -13.95 -32.85
CA GLU C 172 -33.93 -15.29 -32.93
C GLU C 172 -32.73 -15.50 -32.03
N ASN C 173 -31.75 -14.58 -32.12
CA ASN C 173 -30.56 -14.71 -31.30
C ASN C 173 -30.84 -14.75 -29.82
N LEU C 174 -31.81 -13.98 -29.35
CA LEU C 174 -32.13 -14.02 -27.91
C LEU C 174 -32.64 -15.43 -27.54
N VAL C 175 -33.49 -16.03 -28.37
CA VAL C 175 -34.07 -17.34 -27.99
C VAL C 175 -33.09 -18.46 -28.22
N LEU C 176 -32.26 -18.36 -29.26
CA LEU C 176 -31.19 -19.33 -29.45
C LEU C 176 -30.15 -19.29 -28.35
N ASP C 177 -29.82 -18.08 -27.88
CA ASP C 177 -28.91 -17.97 -26.75
C ASP C 177 -29.51 -18.69 -25.50
N ARG C 178 -30.84 -18.74 -25.42
CA ARG C 178 -31.52 -19.36 -24.29
C ARG C 178 -31.91 -20.85 -24.57
N GLY C 179 -31.28 -21.48 -25.57
CA GLY C 179 -31.41 -22.95 -25.79
C GLY C 179 -32.63 -23.41 -26.60
N ALA C 181 -34.29 -23.59 -30.53
CA ALA C 181 -34.29 -23.45 -31.98
C ALA C 181 -35.33 -22.46 -32.45
N THR C 182 -35.13 -21.95 -33.66
CA THR C 182 -36.11 -21.10 -34.32
C THR C 182 -36.44 -21.63 -35.71
N ALA C 183 -37.65 -21.31 -36.18
CA ALA C 183 -38.11 -21.62 -37.56
C ALA C 183 -38.84 -20.43 -38.09
N THR C 184 -38.51 -20.01 -39.32
CA THR C 184 -39.17 -18.87 -39.95
C THR C 184 -39.61 -19.26 -41.39
N PHE C 185 -40.59 -18.55 -41.92
CA PHE C 185 -41.12 -18.81 -43.26
C PHE C 185 -42.05 -17.65 -43.58
N ASP C 186 -42.36 -17.52 -44.88
CA ASP C 186 -43.28 -16.51 -45.39
C ASP C 186 -44.52 -17.26 -45.74
N GLY C 187 -45.66 -16.85 -45.21
CA GLY C 187 -46.92 -17.52 -45.49
C GLY C 187 -47.76 -16.65 -46.41
N PRO C 188 -49.05 -16.99 -46.58
CA PRO C 188 -49.87 -16.26 -47.56
C PRO C 188 -49.80 -14.76 -47.38
N GLY C 189 -49.55 -14.05 -48.47
CA GLY C 189 -49.53 -12.60 -48.47
C GLY C 189 -48.21 -12.02 -48.07
N GLN C 190 -47.22 -12.89 -47.78
CA GLN C 190 -45.93 -12.45 -47.23
C GLN C 190 -44.71 -12.81 -48.06
N GLY C 191 -43.75 -11.89 -48.09
CA GLY C 191 -42.46 -12.12 -48.77
C GLY C 191 -42.56 -12.97 -50.04
N GLU C 192 -41.86 -14.12 -50.03
CA GLU C 192 -41.77 -14.99 -51.18
C GLU C 192 -43.10 -15.63 -51.57
N PHE C 194 -46.01 -14.26 -51.44
CA PHE C 194 -47.01 -13.28 -51.89
C PHE C 194 -47.44 -13.53 -53.35
N GLU C 195 -46.45 -13.60 -54.22
CA GLU C 195 -46.64 -13.87 -55.64
C GLU C 195 -47.65 -15.01 -55.91
N TYR C 196 -47.62 -16.08 -55.12
CA TYR C 196 -48.51 -17.21 -55.29
C TYR C 196 -49.86 -17.09 -54.61
N LYS C 197 -49.97 -16.22 -53.60
CA LYS C 197 -51.07 -16.33 -52.67
C LYS C 197 -51.30 -15.00 -51.96
N ARG C 198 -52.52 -14.49 -52.08
CA ARG C 198 -52.98 -13.32 -51.30
C ARG C 198 -53.19 -13.73 -49.83
N ILE C 199 -53.41 -12.74 -48.94
CA ILE C 199 -53.78 -13.04 -47.56
C ILE C 199 -54.87 -14.14 -47.42
N ALA C 200 -54.65 -15.10 -46.52
CA ALA C 200 -55.55 -16.22 -46.37
C ALA C 200 -56.27 -16.16 -45.03
N GLY C 201 -57.36 -16.91 -44.93
CA GLY C 201 -58.09 -17.00 -43.69
C GLY C 201 -57.71 -18.25 -42.95
N ASP C 202 -56.72 -18.98 -43.47
CA ASP C 202 -56.31 -20.24 -42.85
C ASP C 202 -54.79 -20.37 -42.59
N TYR C 203 -54.20 -19.32 -42.01
CA TYR C 203 -52.74 -19.32 -41.68
C TYR C 203 -52.29 -20.54 -40.88
N GLU C 204 -53.15 -21.02 -39.98
CA GLU C 204 -52.84 -22.11 -39.07
C GLU C 204 -52.39 -23.38 -39.79
N LYS C 205 -52.90 -23.53 -41.01
CA LYS C 205 -52.47 -24.62 -41.88
C LYS C 205 -50.97 -24.55 -42.21
N TYR C 206 -50.45 -23.35 -42.39
CA TYR C 206 -49.02 -23.16 -42.65
C TYR C 206 -48.11 -23.33 -41.44
N THR C 207 -48.57 -22.83 -40.28
CA THR C 207 -47.87 -23.03 -39.01
C THR C 207 -47.86 -24.54 -38.72
N SER C 208 -49.02 -25.21 -38.88
CA SER C 208 -49.09 -26.66 -38.63
C SER C 208 -48.16 -27.44 -39.55
N ALA C 209 -48.07 -27.01 -40.81
CA ALA C 209 -47.06 -27.56 -41.75
C ALA C 209 -45.62 -27.49 -41.22
N VAL C 210 -45.25 -26.33 -40.67
CA VAL C 210 -43.94 -26.20 -40.00
C VAL C 210 -43.86 -27.10 -38.76
N VAL C 211 -44.95 -27.15 -37.98
CA VAL C 211 -44.97 -28.04 -36.80
C VAL C 211 -44.63 -29.47 -37.25
N ASP C 212 -45.25 -29.92 -38.36
CA ASP C 212 -45.00 -31.30 -38.83
C ASP C 212 -43.55 -31.49 -39.27
N LEU C 213 -43.00 -30.46 -39.92
CA LEU C 213 -41.58 -30.49 -40.31
C LEU C 213 -40.73 -30.66 -39.07
N LEU C 214 -40.99 -29.82 -38.08
CA LEU C 214 -40.18 -29.85 -36.85
C LEU C 214 -40.37 -31.18 -36.09
N THR C 215 -41.60 -31.72 -36.17
CA THR C 215 -41.92 -33.06 -35.66
C THR C 215 -40.98 -34.10 -36.28
N LYS C 216 -40.87 -34.05 -37.61
CA LYS C 216 -40.00 -34.96 -38.38
C LYS C 216 -38.50 -34.82 -38.10
N LEU C 217 -38.04 -33.61 -37.77
CA LEU C 217 -36.62 -33.43 -37.50
C LEU C 217 -36.20 -34.06 -36.15
N GLU C 218 -35.19 -34.93 -36.16
CA GLU C 218 -34.63 -35.52 -34.92
C GLU C 218 -34.06 -34.47 -33.93
N ALA C 219 -33.50 -33.39 -34.50
CA ALA C 219 -32.98 -32.23 -33.77
C ALA C 219 -33.97 -31.48 -32.87
N ILE C 220 -35.25 -31.56 -33.21
CA ILE C 220 -36.26 -30.77 -32.53
C ILE C 220 -37.10 -31.67 -31.61
N ARG C 221 -37.36 -31.13 -30.41
CA ARG C 221 -38.20 -31.69 -29.40
C ARG C 221 -39.72 -31.44 -29.61
N ASN C 222 -40.48 -32.50 -29.88
CA ASN C 222 -41.87 -32.36 -30.33
C ASN C 222 -42.81 -31.84 -29.26
N ASP C 223 -42.51 -32.09 -27.99
CA ASP C 223 -43.38 -31.59 -26.92
C ASP C 223 -43.03 -30.14 -26.48
N ALA C 224 -42.02 -29.54 -27.10
CA ALA C 224 -41.67 -28.16 -26.73
C ALA C 224 -41.53 -27.23 -27.96
N ILE C 225 -42.59 -27.13 -28.77
CA ILE C 225 -42.58 -26.25 -29.95
C ILE C 225 -43.58 -25.16 -29.69
N GLY C 226 -43.13 -23.89 -29.71
CA GLY C 226 -44.04 -22.75 -29.53
C GLY C 226 -44.13 -21.86 -30.75
N VAL C 227 -44.91 -20.77 -30.63
CA VAL C 227 -44.98 -19.83 -31.73
C VAL C 227 -44.98 -18.39 -31.19
N LEU C 228 -44.23 -17.52 -31.87
CA LEU C 228 -44.16 -16.10 -31.55
C LEU C 228 -44.48 -15.30 -32.81
N GLY C 229 -45.38 -14.33 -32.69
CA GLY C 229 -45.81 -13.60 -33.85
C GLY C 229 -45.65 -12.12 -33.59
N ARG C 230 -45.07 -11.44 -34.58
CA ARG C 230 -44.77 -10.02 -34.49
C ARG C 230 -45.75 -9.27 -35.36
N SER C 231 -46.35 -8.24 -34.77
CA SER C 231 -47.32 -7.40 -35.45
C SER C 231 -48.50 -8.26 -35.94
N LEU C 232 -48.76 -8.25 -37.26
CA LEU C 232 -49.84 -9.06 -37.78
C LEU C 232 -49.55 -10.50 -37.42
N GLY C 233 -48.27 -10.87 -37.33
CA GLY C 233 -47.86 -12.23 -36.93
C GLY C 233 -48.47 -12.63 -35.60
N GLY C 234 -48.78 -11.65 -34.76
CA GLY C 234 -49.33 -11.94 -33.41
C GLY C 234 -50.78 -12.39 -33.53
N ASN C 235 -51.52 -11.73 -34.42
CA ASN C 235 -52.79 -12.29 -34.94
C ASN C 235 -52.63 -13.74 -35.42
N TYR C 236 -51.66 -14.02 -36.29
CA TYR C 236 -51.48 -15.38 -36.76
C TYR C 236 -51.05 -16.38 -35.69
N ALA C 237 -50.24 -15.92 -34.71
CA ALA C 237 -49.81 -16.76 -33.59
C ALA C 237 -51.04 -17.24 -32.79
N LEU C 238 -51.95 -16.31 -32.52
CA LEU C 238 -53.21 -16.60 -31.77
C LEU C 238 -54.11 -17.59 -32.53
N LYS C 239 -54.33 -17.28 -33.80
CA LYS C 239 -55.05 -18.20 -34.71
C LYS C 239 -54.44 -19.60 -34.68
N SER C 240 -53.11 -19.66 -34.85
CA SER C 240 -52.36 -20.90 -34.92
C SER C 240 -52.47 -21.73 -33.64
N ALA C 241 -52.23 -21.09 -32.49
CA ALA C 241 -52.40 -21.74 -31.17
C ALA C 241 -53.85 -22.26 -30.94
N ALA C 242 -54.82 -21.55 -31.49
CA ALA C 242 -56.23 -21.92 -31.31
C ALA C 242 -56.64 -23.15 -32.13
N CYS C 243 -55.97 -23.35 -33.26
CA CYS C 243 -56.31 -24.44 -34.19
C CYS C 243 -55.29 -25.56 -34.14
N GLU C 244 -54.21 -25.36 -33.38
CA GLU C 244 -53.16 -26.38 -33.26
C GLU C 244 -52.83 -26.71 -31.80
N PRO C 245 -53.48 -27.75 -31.23
CA PRO C 245 -53.19 -28.31 -29.91
C PRO C 245 -51.76 -28.68 -29.64
N ARG C 246 -50.94 -28.90 -30.67
CA ARG C 246 -49.57 -29.31 -30.42
C ARG C 246 -48.64 -28.18 -29.93
N LEU C 247 -49.00 -26.94 -30.21
CA LEU C 247 -48.19 -25.76 -29.81
C LEU C 247 -48.12 -25.68 -28.28
N ALA C 248 -46.91 -25.56 -27.76
CA ALA C 248 -46.68 -25.57 -26.33
C ALA C 248 -46.63 -24.16 -25.72
N ALA C 249 -46.66 -23.13 -26.56
CA ALA C 249 -46.62 -21.74 -26.10
C ALA C 249 -46.98 -20.82 -27.24
N CYS C 250 -47.55 -19.68 -26.89
CA CYS C 250 -47.94 -18.70 -27.90
C CYS C 250 -47.64 -17.28 -27.45
N ILE C 251 -47.00 -16.50 -28.33
CA ILE C 251 -46.81 -15.07 -28.06
C ILE C 251 -47.43 -14.19 -29.14
N SER C 252 -48.21 -13.20 -28.68
CA SER C 252 -48.64 -12.11 -29.53
C SER C 252 -47.91 -10.82 -29.15
N TRP C 253 -46.97 -10.44 -30.03
CA TRP C 253 -46.16 -9.26 -29.81
C TRP C 253 -46.64 -8.16 -30.77
N GLY C 254 -47.43 -7.23 -30.24
CA GLY C 254 -48.02 -6.16 -31.06
C GLY C 254 -49.11 -6.68 -32.01
N GLY C 255 -49.77 -7.79 -31.66
CA GLY C 255 -50.82 -8.37 -32.51
C GLY C 255 -52.20 -7.76 -32.26
N PHE C 256 -53.23 -8.52 -32.66
CA PHE C 256 -54.64 -8.14 -32.62
C PHE C 256 -55.54 -9.37 -32.86
N SER C 257 -56.81 -9.27 -32.47
CA SER C 257 -57.80 -10.37 -32.50
C SER C 257 -58.70 -10.43 -33.76
N ASP C 258 -58.89 -9.26 -34.37
CA ASP C 258 -59.88 -9.04 -35.42
C ASP C 258 -59.70 -7.64 -35.97
N LEU C 259 -60.40 -7.32 -37.06
CA LEU C 259 -60.21 -6.02 -37.71
C LEU C 259 -61.34 -4.95 -37.58
N ASP C 260 -62.21 -5.09 -36.58
CA ASP C 260 -63.16 -4.00 -36.24
C ASP C 260 -62.51 -2.60 -36.22
N TYR C 261 -61.20 -2.54 -35.98
CA TYR C 261 -60.55 -1.25 -35.76
C TYR C 261 -60.10 -0.51 -37.03
N TRP C 262 -60.49 -1.01 -38.21
CA TRP C 262 -59.97 -0.49 -39.51
C TRP C 262 -59.68 1.01 -39.55
N ASP C 263 -60.70 1.82 -39.29
CA ASP C 263 -60.61 3.27 -39.48
C ASP C 263 -59.36 3.89 -38.85
N LEU C 264 -58.97 3.34 -37.71
CA LEU C 264 -57.84 3.83 -36.92
C LEU C 264 -56.50 3.79 -37.67
N GLU C 265 -56.40 2.89 -38.64
CA GLU C 265 -55.15 2.63 -39.37
C GLU C 265 -54.64 3.83 -40.19
N THR C 266 -53.33 4.07 -40.11
CA THR C 266 -52.60 5.06 -40.93
C THR C 266 -52.97 4.92 -42.41
N PRO C 267 -53.08 6.05 -43.15
CA PRO C 267 -53.26 5.96 -44.62
C PRO C 267 -52.25 5.04 -45.31
N LEU C 268 -50.97 5.15 -44.95
CA LEU C 268 -49.91 4.25 -45.41
C LEU C 268 -50.20 2.77 -45.15
N THR C 269 -50.92 2.48 -44.05
CA THR C 269 -51.25 1.10 -43.63
C THR C 269 -52.48 0.52 -44.33
N LYS C 270 -53.52 1.33 -44.47
CA LYS C 270 -54.70 0.88 -45.21
C LYS C 270 -54.39 0.64 -46.70
N GLU C 271 -53.21 1.13 -47.12
CA GLU C 271 -52.64 0.79 -48.42
C GLU C 271 -52.26 -0.68 -48.47
N SER C 272 -51.37 -1.09 -47.56
CA SER C 272 -50.83 -2.46 -47.48
C SER C 272 -51.91 -3.55 -47.38
N TRP C 273 -53.00 -3.23 -46.69
CA TRP C 273 -54.13 -4.15 -46.59
C TRP C 273 -54.82 -4.37 -47.94
N LYS C 274 -54.79 -3.35 -48.79
CA LYS C 274 -55.28 -3.50 -50.17
C LYS C 274 -54.31 -4.41 -50.90
N TYR C 275 -53.07 -3.94 -51.02
CA TYR C 275 -51.99 -4.71 -51.62
C TYR C 275 -52.06 -6.23 -51.33
N VAL C 276 -51.97 -6.61 -50.06
CA VAL C 276 -51.82 -8.03 -49.72
C VAL C 276 -53.07 -8.86 -49.97
N SER C 277 -54.20 -8.18 -50.10
CA SER C 277 -55.49 -8.81 -50.39
C SER C 277 -55.73 -9.11 -51.90
N LYS C 278 -54.95 -8.47 -52.77
CA LYS C 278 -55.04 -8.66 -54.23
C LYS C 278 -56.47 -8.37 -54.70
N VAL C 279 -56.94 -7.19 -54.31
CA VAL C 279 -58.30 -6.73 -54.55
C VAL C 279 -58.21 -5.21 -54.84
N ASP C 280 -59.25 -4.66 -55.46
CA ASP C 280 -59.11 -3.36 -56.13
C ASP C 280 -59.41 -2.09 -55.31
N THR C 281 -60.20 -2.24 -54.25
CA THR C 281 -60.59 -1.11 -53.40
C THR C 281 -59.83 -1.06 -52.06
N LEU C 282 -59.85 0.11 -51.42
CA LEU C 282 -59.53 0.23 -50.01
C LEU C 282 -60.65 -0.39 -49.19
N GLU C 283 -61.85 -0.44 -49.76
CA GLU C 283 -63.00 -1.02 -49.06
C GLU C 283 -63.10 -2.53 -49.23
N GLU C 284 -62.80 -3.04 -50.43
CA GLU C 284 -62.88 -4.49 -50.70
C GLU C 284 -61.83 -5.29 -49.91
N ALA C 285 -60.71 -4.62 -49.64
CA ALA C 285 -59.67 -5.09 -48.72
C ALA C 285 -60.25 -5.25 -47.32
N ARG C 286 -60.69 -4.12 -46.75
CA ARG C 286 -61.41 -4.02 -45.47
C ARG C 286 -62.34 -5.20 -45.17
N LEU C 287 -62.96 -5.76 -46.20
CA LEU C 287 -63.90 -6.87 -46.03
C LEU C 287 -63.20 -8.24 -46.06
N HIS C 288 -62.23 -8.37 -46.97
CA HIS C 288 -61.51 -9.63 -47.15
C HIS C 288 -60.68 -9.93 -45.91
N VAL C 289 -59.99 -8.90 -45.43
CA VAL C 289 -59.06 -8.99 -44.29
C VAL C 289 -59.82 -9.38 -43.02
N HIS C 290 -60.91 -8.66 -42.78
CA HIS C 290 -61.75 -8.89 -41.64
C HIS C 290 -62.20 -10.33 -41.47
N ALA C 291 -62.55 -11.02 -42.56
CA ALA C 291 -62.94 -12.43 -42.45
C ALA C 291 -61.72 -13.36 -42.42
N ALA C 292 -60.67 -12.94 -43.11
CA ALA C 292 -59.44 -13.72 -43.17
C ALA C 292 -58.86 -13.85 -41.74
N LEU C 293 -58.75 -12.71 -41.08
CA LEU C 293 -57.99 -12.56 -39.81
C LEU C 293 -58.75 -12.76 -38.48
N GLU C 294 -59.98 -13.29 -38.57
CA GLU C 294 -60.89 -13.40 -37.43
C GLU C 294 -60.50 -14.55 -36.51
N THR C 295 -60.41 -14.25 -35.21
CA THR C 295 -60.05 -15.26 -34.23
C THR C 295 -61.12 -15.42 -33.13
N ARG C 296 -61.98 -14.41 -32.97
CA ARG C 296 -62.90 -14.35 -31.82
C ARG C 296 -63.72 -15.61 -31.57
N ASP C 297 -63.99 -16.33 -32.66
CA ASP C 297 -64.76 -17.55 -32.59
C ASP C 297 -63.94 -18.72 -32.05
N VAL C 298 -62.61 -18.55 -32.01
CA VAL C 298 -61.74 -19.71 -31.82
C VAL C 298 -60.69 -19.57 -30.68
N LEU C 299 -60.49 -18.33 -30.22
CA LEU C 299 -59.58 -18.04 -29.08
C LEU C 299 -59.76 -18.91 -27.82
N SER C 300 -60.99 -19.33 -27.51
CA SER C 300 -61.24 -20.06 -26.26
C SER C 300 -60.70 -21.49 -26.34
N GLN C 301 -60.34 -21.90 -27.54
CA GLN C 301 -59.76 -23.23 -27.77
C GLN C 301 -58.27 -23.30 -27.46
N ILE C 302 -57.64 -22.13 -27.33
CA ILE C 302 -56.20 -22.06 -26.97
C ILE C 302 -55.94 -22.89 -25.72
N ALA C 303 -55.04 -23.86 -25.79
CA ALA C 303 -54.75 -24.77 -24.66
C ALA C 303 -53.28 -24.75 -24.26
N CYS C 304 -52.59 -23.65 -24.60
CA CYS C 304 -51.16 -23.46 -24.22
C CYS C 304 -50.95 -22.12 -23.52
N PRO C 305 -49.89 -22.01 -22.71
CA PRO C 305 -49.57 -20.69 -22.19
C PRO C 305 -49.50 -19.66 -23.29
N THR C 306 -50.11 -18.50 -23.06
CA THR C 306 -50.22 -17.42 -24.05
C THR C 306 -49.74 -16.12 -23.41
N TYR C 307 -48.88 -15.40 -24.13
CA TYR C 307 -48.29 -14.17 -23.63
C TYR C 307 -48.61 -13.09 -24.63
N ILE C 308 -49.24 -12.04 -24.13
CA ILE C 308 -49.73 -10.99 -24.96
C ILE C 308 -49.09 -9.69 -24.48
N LEU C 309 -48.25 -9.08 -25.35
CA LEU C 309 -47.55 -7.85 -25.09
C LEU C 309 -48.19 -6.70 -25.90
N HIS C 310 -48.86 -5.77 -25.20
CA HIS C 310 -49.61 -4.69 -25.87
C HIS C 310 -49.07 -3.33 -25.52
N GLY C 311 -48.78 -2.52 -26.54
CA GLY C 311 -48.30 -1.16 -26.31
C GLY C 311 -49.45 -0.13 -26.35
N VAL C 312 -49.54 0.74 -25.35
CA VAL C 312 -50.75 1.57 -25.23
C VAL C 312 -50.88 2.63 -26.36
N HIS C 313 -49.75 3.13 -26.83
CA HIS C 313 -49.73 4.07 -27.96
C HIS C 313 -49.76 3.39 -29.33
N ASP C 314 -50.03 2.07 -29.35
CA ASP C 314 -50.18 1.36 -30.62
C ASP C 314 -51.50 1.78 -31.27
N GLU C 315 -51.57 1.75 -32.60
CA GLU C 315 -52.82 1.99 -33.32
C GLU C 315 -53.83 0.86 -33.10
N VAL C 316 -53.35 -0.34 -32.76
CA VAL C 316 -54.21 -1.40 -32.21
C VAL C 316 -54.84 -0.90 -30.89
N PRO C 317 -56.20 -0.82 -30.84
CA PRO C 317 -56.86 -0.14 -29.73
C PRO C 317 -57.01 -1.01 -28.48
N LEU C 318 -57.19 -0.37 -27.33
CA LEU C 318 -57.30 -1.08 -26.03
C LEU C 318 -58.43 -2.08 -25.98
N SER C 319 -59.37 -1.94 -26.91
CA SER C 319 -60.45 -2.90 -27.01
C SER C 319 -59.91 -4.28 -27.37
N PHE C 320 -58.69 -4.32 -27.89
CA PHE C 320 -58.03 -5.61 -28.16
C PHE C 320 -57.77 -6.33 -26.85
N VAL C 321 -57.34 -5.57 -25.85
CA VAL C 321 -57.08 -6.08 -24.49
C VAL C 321 -58.37 -6.65 -23.87
N ASP C 322 -59.47 -5.88 -23.95
CA ASP C 322 -60.80 -6.36 -23.50
C ASP C 322 -61.20 -7.69 -24.14
N THR C 323 -61.07 -7.75 -25.46
CA THR C 323 -61.34 -8.97 -26.23
C THR C 323 -60.59 -10.20 -25.73
N VAL C 324 -59.29 -9.99 -25.50
CA VAL C 324 -58.38 -11.04 -25.08
C VAL C 324 -58.71 -11.52 -23.65
N LEU C 325 -59.02 -10.56 -22.77
CA LEU C 325 -59.45 -10.88 -21.41
C LEU C 325 -60.77 -11.65 -21.43
N GLU C 326 -61.69 -11.17 -22.27
CA GLU C 326 -62.94 -11.87 -22.59
C GLU C 326 -62.74 -13.32 -23.03
N LEU C 327 -61.89 -13.56 -24.04
CA LEU C 327 -61.89 -14.85 -24.73
C LEU C 327 -60.75 -15.84 -24.48
N VAL C 328 -59.51 -15.33 -24.33
CA VAL C 328 -58.39 -16.23 -24.06
C VAL C 328 -58.57 -16.83 -22.66
N PRO C 329 -58.46 -18.16 -22.50
CA PRO C 329 -58.68 -18.80 -21.20
C PRO C 329 -57.77 -18.25 -20.09
N ALA C 330 -58.43 -17.77 -19.03
CA ALA C 330 -57.80 -17.07 -17.90
C ALA C 330 -56.60 -17.79 -17.38
N GLU C 331 -56.66 -19.11 -17.36
CA GLU C 331 -55.58 -19.96 -16.86
C GLU C 331 -54.32 -19.96 -17.72
N HIS C 332 -54.45 -19.48 -18.96
CA HIS C 332 -53.36 -19.48 -19.94
C HIS C 332 -52.78 -18.12 -20.20
N LEU C 333 -53.54 -17.07 -19.93
CA LEU C 333 -53.12 -15.76 -20.34
C LEU C 333 -52.10 -15.10 -19.39
N ASN C 334 -51.05 -14.53 -19.99
CA ASN C 334 -50.11 -13.64 -19.33
C ASN C 334 -50.21 -12.34 -20.12
N LEU C 335 -50.88 -11.35 -19.57
CA LEU C 335 -51.13 -10.12 -20.25
C LEU C 335 -50.16 -9.04 -19.78
N VAL C 336 -49.47 -8.41 -20.72
CA VAL C 336 -48.52 -7.39 -20.36
C VAL C 336 -48.85 -6.14 -21.19
N VAL C 337 -49.27 -5.08 -20.51
CA VAL C 337 -49.69 -3.87 -21.20
C VAL C 337 -48.68 -2.82 -20.83
N GLU C 338 -48.06 -2.20 -21.82
CA GLU C 338 -47.06 -1.18 -21.54
C GLU C 338 -47.63 0.20 -21.75
N LYS C 339 -47.71 0.96 -20.67
CA LYS C 339 -48.39 2.25 -20.72
C LYS C 339 -47.67 3.18 -21.68
N ASP C 340 -46.34 3.12 -21.65
CA ASP C 340 -45.52 4.00 -22.47
C ASP C 340 -45.14 3.39 -23.81
N GLY C 341 -45.69 2.22 -24.12
CA GLY C 341 -45.27 1.45 -25.28
C GLY C 341 -45.99 1.83 -26.57
N ASP C 342 -45.21 2.05 -27.63
CA ASP C 342 -45.75 2.26 -28.96
C ASP C 342 -45.98 0.89 -29.59
N HIS C 343 -46.15 0.84 -30.91
CA HIS C 343 -46.34 -0.46 -31.59
C HIS C 343 -45.18 -1.40 -31.27
N CYS C 344 -45.50 -2.63 -30.83
CA CYS C 344 -44.51 -3.62 -30.42
C CYS C 344 -43.56 -3.16 -29.31
N CYS C 345 -43.88 -2.05 -28.65
CA CYS C 345 -43.08 -1.52 -27.51
C CYS C 345 -41.64 -1.27 -27.90
N HIS C 346 -41.43 -1.01 -29.20
CA HIS C 346 -40.09 -0.74 -29.74
C HIS C 346 -39.37 0.45 -29.06
N ASN C 347 -40.16 1.39 -28.58
CA ASN C 347 -39.61 2.58 -27.93
C ASN C 347 -39.09 2.31 -26.51
N LEU C 348 -39.33 1.09 -26.01
CA LEU C 348 -38.91 0.72 -24.65
C LEU C 348 -37.57 0.00 -24.59
N GLY C 349 -36.92 -0.17 -25.74
CA GLY C 349 -35.61 -0.80 -25.81
C GLY C 349 -35.75 -2.33 -25.73
N ILE C 350 -34.69 -2.98 -25.30
CA ILE C 350 -34.62 -4.43 -25.39
C ILE C 350 -35.38 -5.16 -24.26
N ARG C 351 -35.69 -4.48 -23.13
CA ARG C 351 -36.22 -5.22 -21.98
C ARG C 351 -37.46 -6.06 -22.31
N PRO C 352 -38.47 -5.46 -22.97
CA PRO C 352 -39.62 -6.31 -23.35
C PRO C 352 -39.31 -7.56 -24.17
N ARG C 353 -38.29 -7.49 -25.02
CA ARG C 353 -37.77 -8.67 -25.74
C ARG C 353 -37.09 -9.72 -24.86
N LEU C 354 -36.27 -9.26 -23.92
CA LEU C 354 -35.69 -10.18 -22.94
C LEU C 354 -36.82 -10.90 -22.20
N GLU C 355 -37.81 -10.14 -21.77
CA GLU C 355 -38.98 -10.72 -21.02
C GLU C 355 -39.71 -11.80 -21.82
N ALA C 357 -38.41 -13.52 -24.40
CA ALA C 357 -37.47 -14.66 -24.51
C ALA C 357 -37.36 -15.52 -23.24
N ASP C 358 -37.30 -14.88 -22.06
CA ASP C 358 -37.16 -15.60 -20.78
C ASP C 358 -38.46 -16.36 -20.44
N TRP C 359 -39.59 -15.83 -20.89
CA TRP C 359 -40.89 -16.48 -20.71
C TRP C 359 -41.00 -17.75 -21.57
N LEU C 360 -40.57 -17.66 -22.82
CA LEU C 360 -40.46 -18.85 -23.68
C LEU C 360 -39.52 -19.87 -23.06
N TYR C 361 -38.38 -19.41 -22.52
CA TYR C 361 -37.46 -20.31 -21.82
C TYR C 361 -38.18 -21.01 -20.64
N ASP C 362 -38.87 -20.23 -19.81
CA ASP C 362 -39.70 -20.82 -18.74
C ASP C 362 -40.61 -21.96 -19.23
N VAL C 363 -41.42 -21.69 -20.24
CA VAL C 363 -42.37 -22.67 -20.79
C VAL C 363 -41.66 -23.85 -21.48
N LEU C 364 -40.75 -23.53 -22.38
CA LEU C 364 -40.23 -24.53 -23.30
C LEU C 364 -39.00 -25.26 -22.84
N VAL C 365 -38.12 -24.60 -22.09
CA VAL C 365 -36.87 -25.23 -21.69
C VAL C 365 -36.94 -25.66 -20.23
N ALA C 366 -37.42 -24.76 -19.36
CA ALA C 366 -37.31 -25.03 -17.93
C ALA C 366 -38.42 -25.96 -17.45
N GLY C 367 -39.54 -25.95 -18.15
CA GLY C 367 -40.68 -26.76 -17.74
C GLY C 367 -41.54 -26.12 -16.64
N LYS C 368 -41.33 -24.83 -16.40
CA LYS C 368 -42.08 -24.07 -15.40
C LYS C 368 -43.60 -23.95 -15.74
N LYS C 369 -44.44 -24.04 -14.70
CA LYS C 369 -45.88 -23.78 -14.86
C LYS C 369 -46.12 -22.30 -14.57
N VAL C 370 -46.19 -21.49 -15.64
CA VAL C 370 -46.25 -20.04 -15.48
C VAL C 370 -47.62 -19.56 -14.98
N ALA C 371 -47.60 -18.78 -13.90
CA ALA C 371 -48.81 -18.23 -13.31
C ALA C 371 -49.45 -17.22 -14.26
N PRO C 372 -50.74 -17.42 -14.60
CA PRO C 372 -51.38 -16.37 -15.39
C PRO C 372 -51.47 -15.04 -14.62
N THR C 373 -51.09 -13.94 -15.28
CA THR C 373 -51.14 -12.60 -14.69
C THR C 373 -51.57 -11.51 -15.63
N LYS C 375 -50.19 -7.63 -16.01
CA LYS C 375 -49.21 -6.63 -15.63
C LYS C 375 -49.58 -5.38 -16.41
N GLY C 376 -49.68 -4.25 -15.72
CA GLY C 376 -49.97 -2.96 -16.33
C GLY C 376 -51.43 -2.81 -16.71
N TRP C 377 -52.26 -3.67 -16.14
CA TRP C 377 -53.69 -3.65 -16.43
C TRP C 377 -54.52 -3.88 -15.17
N PRO C 378 -55.59 -3.10 -14.96
CA PRO C 378 -56.06 -1.96 -15.77
C PRO C 378 -55.22 -0.70 -15.60
N LEU C 379 -55.57 0.35 -16.35
CA LEU C 379 -54.87 1.65 -16.32
C LEU C 379 -55.56 2.72 -15.46
N GLU C 380 -54.91 3.47 -14.72
N VAL D 21 -25.65 25.69 -23.78
CA VAL D 21 -25.31 24.32 -24.31
C VAL D 21 -24.29 23.58 -23.41
N LYS D 22 -24.78 23.01 -22.31
CA LYS D 22 -23.98 22.18 -21.41
C LYS D 22 -23.52 20.92 -22.15
N PRO D 23 -22.23 20.51 -21.97
CA PRO D 23 -21.68 19.28 -22.58
C PRO D 23 -22.51 18.02 -22.31
N GLU D 24 -23.21 17.99 -21.17
CA GLU D 24 -24.06 16.83 -20.81
C GLU D 24 -25.30 16.74 -21.72
N ASP D 25 -25.51 17.77 -22.53
CA ASP D 25 -26.68 17.84 -23.43
C ASP D 25 -26.29 17.79 -24.90
N GLU D 26 -25.00 17.81 -25.20
CA GLU D 26 -24.54 17.83 -26.59
C GLU D 26 -24.81 16.51 -27.32
N ASP D 28 -23.03 13.68 -27.68
CA ASP D 28 -21.88 13.28 -28.47
C ASP D 28 -21.64 11.77 -28.38
N ASN D 29 -21.13 11.21 -29.48
CA ASN D 29 -20.66 9.82 -29.53
C ASN D 29 -21.74 8.77 -29.29
N TRP D 30 -22.97 9.02 -29.73
CA TRP D 30 -24.03 8.04 -29.55
C TRP D 30 -23.68 6.68 -30.21
N GLY D 31 -23.02 6.69 -31.38
CA GLY D 31 -22.72 5.45 -32.11
C GLY D 31 -21.78 4.56 -31.30
N ARG D 32 -20.75 5.18 -30.79
CA ARG D 32 -19.85 4.59 -29.86
C ARG D 32 -20.54 4.09 -28.58
N LEU D 33 -21.38 4.95 -28.01
CA LEU D 33 -22.05 4.58 -26.77
C LEU D 33 -22.87 3.30 -27.03
N ILE D 34 -23.63 3.33 -28.11
CA ILE D 34 -24.44 2.19 -28.55
C ILE D 34 -23.59 0.91 -28.75
N LEU D 35 -22.51 1.05 -29.51
CA LEU D 35 -21.59 -0.08 -29.73
C LEU D 35 -21.02 -0.64 -28.44
N ASP D 36 -20.72 0.24 -27.49
CA ASP D 36 -20.16 -0.22 -26.22
C ASP D 36 -21.21 -0.83 -25.26
N GLY D 37 -22.50 -0.51 -25.47
CA GLY D 37 -23.59 -1.19 -24.75
C GLY D 37 -24.59 -0.32 -24.01
N VAL D 38 -24.54 1.00 -24.24
CA VAL D 38 -25.48 1.94 -23.65
C VAL D 38 -26.65 2.05 -24.61
N SER D 39 -27.88 1.84 -24.10
CA SER D 39 -29.00 1.71 -25.03
C SER D 39 -29.49 3.03 -25.57
N TYR D 40 -29.82 3.04 -26.85
CA TYR D 40 -30.46 4.17 -27.51
C TYR D 40 -31.70 4.67 -26.73
N SER D 41 -32.54 3.75 -26.26
CA SER D 41 -33.70 4.13 -25.47
C SER D 41 -33.31 4.79 -24.13
N ASP D 42 -32.19 4.41 -23.53
CA ASP D 42 -31.86 5.05 -22.25
C ASP D 42 -31.34 6.46 -22.47
N VAL D 44 -32.18 8.44 -25.12
CA VAL D 44 -33.38 9.20 -25.45
C VAL D 44 -34.10 9.64 -24.17
N GLY D 45 -34.23 8.74 -23.19
CA GLY D 45 -34.84 9.11 -21.90
C GLY D 45 -34.05 10.15 -21.10
N ALA D 46 -32.71 10.12 -21.19
CA ALA D 46 -31.92 11.16 -20.56
C ALA D 46 -32.25 12.51 -21.22
N ARG D 47 -32.26 12.53 -22.53
CA ARG D 47 -32.54 13.76 -23.29
C ARG D 47 -33.92 14.35 -22.96
N ASP D 48 -34.90 13.49 -22.71
CA ASP D 48 -36.27 13.93 -22.47
C ASP D 48 -36.67 13.82 -21.02
N ARG D 49 -35.69 13.75 -20.09
CA ARG D 49 -36.02 13.64 -18.65
C ARG D 49 -36.62 14.99 -18.18
N PRO D 50 -37.43 14.96 -17.10
CA PRO D 50 -37.92 16.21 -16.51
C PRO D 50 -36.75 17.15 -16.13
N LYS D 51 -36.99 18.45 -16.23
CA LYS D 51 -35.95 19.48 -16.15
C LYS D 51 -35.27 19.53 -14.79
N GLU D 52 -35.96 19.10 -13.75
CA GLU D 52 -35.37 19.13 -12.41
C GLU D 52 -34.42 17.95 -12.10
N ILE D 53 -34.39 16.93 -12.95
CA ILE D 53 -33.57 15.73 -12.70
C ILE D 53 -32.14 15.95 -13.21
N THR D 54 -31.13 15.76 -12.38
CA THR D 54 -29.77 15.92 -12.88
C THR D 54 -29.31 14.74 -13.75
N TRP D 55 -28.29 14.96 -14.59
CA TRP D 55 -27.71 13.89 -15.37
C TRP D 55 -27.18 12.70 -14.52
N PHE D 56 -26.37 13.01 -13.49
CA PHE D 56 -25.83 12.02 -12.57
C PHE D 56 -26.95 11.23 -11.94
N ASP D 57 -27.96 11.92 -11.43
CA ASP D 57 -29.08 11.22 -10.75
C ASP D 57 -29.87 10.33 -11.74
N TYR D 58 -30.17 10.85 -12.91
CA TYR D 58 -30.89 10.06 -13.93
C TYR D 58 -30.22 8.71 -14.22
N TRP D 59 -28.88 8.77 -14.46
CA TRP D 59 -28.09 7.57 -14.79
C TRP D 59 -27.84 6.65 -13.59
N SER D 61 -29.99 6.33 -11.07
CA SER D 61 -31.29 5.69 -10.80
C SER D 61 -31.51 4.57 -11.77
N LEU D 62 -31.11 4.77 -13.01
CA LEU D 62 -31.21 3.71 -14.03
C LEU D 62 -30.34 2.51 -13.68
N ALA D 63 -29.12 2.75 -13.18
CA ALA D 63 -28.26 1.67 -12.65
C ALA D 63 -28.93 0.83 -11.53
N ASN D 64 -29.56 1.51 -10.56
CA ASN D 64 -30.32 0.83 -9.48
C ASN D 64 -31.48 -0.03 -9.98
N GLU D 65 -32.23 0.53 -10.91
CA GLU D 65 -33.37 -0.10 -11.57
C GLU D 65 -32.96 -1.38 -12.34
N TYR D 66 -31.89 -1.26 -13.12
CA TYR D 66 -31.34 -2.41 -13.83
C TYR D 66 -30.86 -3.44 -12.81
N GLU D 67 -30.20 -3.02 -11.73
CA GLU D 67 -29.74 -3.96 -10.74
C GLU D 67 -30.86 -4.73 -10.04
N GLN D 68 -31.90 -3.99 -9.67
CA GLN D 68 -33.06 -4.60 -9.01
C GLN D 68 -33.76 -5.60 -9.95
N GLU D 69 -33.98 -5.28 -11.23
CA GLU D 69 -34.48 -6.26 -12.19
C GLU D 69 -33.59 -7.50 -12.29
N ALA D 70 -32.26 -7.28 -12.38
CA ALA D 70 -31.32 -8.43 -12.44
C ALA D 70 -31.40 -9.33 -11.22
N GLU D 71 -31.48 -8.74 -10.04
CA GLU D 71 -31.67 -9.51 -8.77
C GLU D 71 -32.88 -10.40 -8.80
N ARG D 72 -33.96 -9.86 -9.31
CA ARG D 72 -35.14 -10.66 -9.53
C ARG D 72 -34.94 -11.72 -10.60
N LYS D 73 -34.31 -11.35 -11.71
CA LYS D 73 -34.05 -12.32 -12.79
C LYS D 73 -33.30 -13.54 -12.26
N VAL D 74 -32.26 -13.28 -11.48
CA VAL D 74 -31.44 -14.31 -10.85
C VAL D 74 -32.34 -15.23 -9.99
N ALA D 75 -33.26 -14.64 -9.20
CA ALA D 75 -34.10 -15.46 -8.33
C ALA D 75 -35.02 -16.32 -9.20
N LEU D 76 -35.32 -15.87 -10.41
CA LEU D 76 -36.18 -16.62 -11.32
C LEU D 76 -35.47 -17.57 -12.31
N GLY D 77 -34.15 -17.69 -12.17
CA GLY D 77 -33.33 -18.54 -13.00
C GLY D 77 -32.98 -17.96 -14.35
N HIS D 78 -33.06 -16.63 -14.52
CA HIS D 78 -32.88 -16.03 -15.83
C HIS D 78 -31.49 -15.41 -15.86
N ASP D 79 -30.49 -16.27 -15.75
CA ASP D 79 -29.12 -15.84 -15.48
C ASP D 79 -28.53 -15.02 -16.58
N LEU D 80 -28.84 -15.39 -17.83
CA LEU D 80 -28.29 -14.71 -19.01
C LEU D 80 -28.81 -13.29 -19.04
N SER D 81 -30.14 -13.14 -18.94
CA SER D 81 -30.76 -11.80 -18.81
C SER D 81 -30.21 -11.02 -17.62
N ALA D 82 -29.93 -11.67 -16.52
CA ALA D 82 -29.46 -10.95 -15.33
C ALA D 82 -28.07 -10.38 -15.58
N GLY D 83 -27.19 -11.15 -16.23
CA GLY D 83 -25.86 -10.59 -16.51
C GLY D 83 -25.96 -9.40 -17.47
N GLU D 84 -26.82 -9.51 -18.49
CA GLU D 84 -26.98 -8.42 -19.44
C GLU D 84 -27.51 -7.11 -18.84
N LEU D 85 -28.45 -7.22 -17.89
CA LEU D 85 -29.00 -6.06 -17.19
C LEU D 85 -27.94 -5.47 -16.28
N LEU D 86 -27.14 -6.31 -15.65
CA LEU D 86 -26.05 -5.81 -14.78
C LEU D 86 -24.93 -5.08 -15.51
N SER D 88 -25.67 -3.41 -18.44
CA SER D 88 -26.40 -2.15 -18.63
C SER D 88 -26.21 -1.20 -17.42
N ALA D 89 -26.50 -1.69 -16.23
CA ALA D 89 -26.32 -0.99 -14.95
C ALA D 89 -24.94 -0.38 -14.76
N ALA D 90 -23.92 -1.19 -15.02
CA ALA D 90 -22.55 -0.76 -14.84
C ALA D 90 -22.18 0.32 -15.84
N LEU D 91 -22.71 0.28 -17.04
CA LEU D 91 -22.40 1.35 -17.99
C LEU D 91 -23.22 2.62 -17.75
N CYS D 92 -24.39 2.46 -17.13
CA CYS D 92 -25.16 3.58 -16.58
C CYS D 92 -24.41 4.35 -15.49
N ALA D 93 -23.81 3.61 -14.56
CA ALA D 93 -23.01 4.22 -13.53
C ALA D 93 -21.79 4.98 -14.05
N GLN D 94 -21.12 4.40 -15.04
CA GLN D 94 -20.03 5.10 -15.72
C GLN D 94 -20.47 6.41 -16.41
N TYR D 95 -21.56 6.33 -17.17
CA TYR D 95 -22.00 7.44 -17.95
C TYR D 95 -22.51 8.61 -17.07
N ALA D 96 -23.02 8.27 -15.89
CA ALA D 96 -23.46 9.22 -14.89
C ALA D 96 -22.37 10.23 -14.50
N GLN D 97 -21.10 9.82 -14.54
CA GLN D 97 -20.07 10.66 -13.96
C GLN D 97 -19.04 11.17 -14.98
N PHE D 98 -19.33 10.98 -16.27
CA PHE D 98 -18.28 11.07 -17.31
C PHE D 98 -17.58 12.43 -17.45
N LEU D 99 -18.27 13.48 -17.01
CA LEU D 99 -17.78 14.85 -17.13
C LEU D 99 -17.09 15.42 -15.89
N TRP D 100 -17.05 14.69 -14.78
CA TRP D 100 -16.67 15.29 -13.50
C TRP D 100 -15.64 14.45 -12.74
N PHE D 101 -14.94 15.07 -11.78
CA PHE D 101 -13.79 14.48 -11.06
C PHE D 101 -13.95 14.65 -9.58
N ASP D 102 -15.15 15.07 -9.17
CA ASP D 102 -15.50 15.23 -7.75
C ASP D 102 -16.15 13.93 -7.23
N GLU D 103 -16.89 14.03 -6.13
CA GLU D 103 -17.62 12.91 -5.57
C GLU D 103 -18.44 12.06 -6.56
N ARG D 104 -18.98 12.67 -7.59
CA ARG D 104 -19.73 11.92 -8.62
C ARG D 104 -18.86 10.83 -9.29
N ARG D 105 -17.60 11.15 -9.54
CA ARG D 105 -16.66 10.19 -10.13
C ARG D 105 -16.47 9.02 -9.16
N GLN D 106 -16.17 9.35 -7.90
CA GLN D 106 -16.00 8.34 -6.86
C GLN D 106 -17.17 7.39 -6.72
N LYS D 107 -18.39 7.95 -6.60
CA LYS D 107 -19.58 7.16 -6.49
C LYS D 107 -19.83 6.35 -7.76
N GLY D 108 -19.75 6.99 -8.92
CA GLY D 108 -20.09 6.26 -10.16
C GLY D 108 -19.10 5.13 -10.38
N GLN D 109 -17.82 5.41 -10.14
CA GLN D 109 -16.79 4.34 -10.22
C GLN D 109 -17.06 3.19 -9.30
N ALA D 110 -17.31 3.49 -8.02
CA ALA D 110 -17.52 2.43 -7.03
C ALA D 110 -18.73 1.60 -7.46
N ARG D 111 -19.73 2.27 -7.97
CA ARG D 111 -20.90 1.57 -8.44
C ARG D 111 -20.64 0.65 -9.65
N LYS D 112 -19.96 1.18 -10.66
CA LYS D 112 -19.62 0.38 -11.83
C LYS D 112 -18.87 -0.88 -11.42
N VAL D 113 -17.91 -0.72 -10.50
CA VAL D 113 -17.06 -1.83 -10.04
C VAL D 113 -17.90 -2.95 -9.34
N GLU D 114 -18.77 -2.56 -8.39
CA GLU D 114 -19.61 -3.56 -7.68
C GLU D 114 -20.64 -4.22 -8.58
N LEU D 115 -21.21 -3.48 -9.52
CA LEU D 115 -22.19 -4.04 -10.48
C LEU D 115 -21.51 -5.07 -11.39
N TYR D 116 -20.33 -4.73 -11.87
CA TYR D 116 -19.57 -5.67 -12.72
C TYR D 116 -19.21 -6.95 -11.93
N GLN D 117 -18.80 -6.84 -10.66
CA GLN D 117 -18.53 -8.00 -9.81
C GLN D 117 -19.67 -9.02 -9.76
N LYS D 118 -20.90 -8.50 -9.73
CA LYS D 118 -22.14 -9.22 -9.79
C LYS D 118 -22.46 -9.75 -11.19
N ALA D 119 -22.19 -8.96 -12.24
CA ALA D 119 -22.47 -9.43 -13.63
C ALA D 119 -21.53 -10.58 -13.97
N ALA D 120 -20.28 -10.46 -13.52
CA ALA D 120 -19.17 -11.34 -13.95
C ALA D 120 -19.50 -12.88 -14.04
N PRO D 121 -19.92 -13.53 -12.93
CA PRO D 121 -20.27 -14.99 -13.02
C PRO D 121 -21.45 -15.33 -13.88
N LEU D 122 -22.20 -14.32 -14.31
CA LEU D 122 -23.42 -14.49 -15.09
C LEU D 122 -23.20 -14.25 -16.57
N LEU D 123 -22.04 -13.71 -16.96
CA LEU D 123 -21.75 -13.53 -18.40
C LEU D 123 -21.58 -14.90 -19.06
N SER D 124 -21.80 -14.96 -20.36
CA SER D 124 -21.60 -16.18 -21.17
C SER D 124 -20.51 -15.97 -22.24
N PRO D 125 -19.30 -16.55 -22.04
CA PRO D 125 -18.90 -17.25 -20.84
C PRO D 125 -18.52 -16.30 -19.70
N PRO D 126 -18.46 -16.87 -18.49
CA PRO D 126 -18.27 -16.06 -17.28
C PRO D 126 -16.89 -15.40 -17.19
N ALA D 127 -16.84 -14.21 -16.58
CA ALA D 127 -15.57 -13.58 -16.22
C ALA D 127 -15.22 -14.07 -14.82
N GLU D 128 -14.07 -14.73 -14.70
CA GLU D 128 -13.62 -15.27 -13.46
C GLU D 128 -12.49 -14.43 -12.90
N ARG D 129 -12.51 -14.27 -11.60
CA ARG D 129 -11.72 -13.28 -10.97
C ARG D 129 -10.43 -13.96 -10.51
N HIS D 130 -9.29 -13.36 -10.83
CA HIS D 130 -8.01 -13.77 -10.26
C HIS D 130 -7.43 -12.61 -9.49
N GLU D 131 -7.12 -12.84 -8.21
CA GLU D 131 -6.66 -11.79 -7.33
C GLU D 131 -5.16 -11.73 -7.44
N LEU D 132 -4.62 -10.91 -8.34
CA LEU D 132 -3.15 -10.68 -8.34
C LEU D 132 -2.72 -9.64 -7.30
N VAL D 133 -1.45 -9.70 -6.90
CA VAL D 133 -0.85 -8.67 -6.07
C VAL D 133 0.46 -8.31 -6.78
N VAL D 134 0.64 -7.05 -7.15
CA VAL D 134 1.83 -6.62 -7.90
C VAL D 134 2.64 -5.65 -7.01
N ASP D 135 3.81 -6.09 -6.55
CA ASP D 135 4.63 -5.32 -5.61
C ASP D 135 3.72 -4.80 -4.51
N GLY D 136 2.90 -5.69 -3.95
CA GLY D 136 2.09 -5.34 -2.80
C GLY D 136 0.86 -4.52 -3.11
N ILE D 137 0.64 -4.16 -4.38
CA ILE D 137 -0.66 -3.62 -4.78
C ILE D 137 -1.59 -4.72 -5.28
N PRO D 138 -2.80 -4.79 -4.69
CA PRO D 138 -3.83 -5.72 -5.17
C PRO D 138 -4.27 -5.34 -6.61
N PRO D 140 -7.09 -7.19 -9.14
CA PRO D 140 -8.01 -8.18 -9.77
C PRO D 140 -7.88 -8.25 -11.31
N VAL D 141 -7.86 -9.48 -11.83
CA VAL D 141 -7.84 -9.70 -13.24
C VAL D 141 -9.06 -10.53 -13.56
N TYR D 142 -9.89 -10.06 -14.50
CA TYR D 142 -11.02 -10.84 -14.99
C TYR D 142 -10.65 -11.65 -16.27
N VAL D 143 -10.87 -12.97 -16.25
CA VAL D 143 -10.56 -13.83 -17.41
C VAL D 143 -11.81 -14.55 -17.86
N ARG D 144 -12.05 -14.52 -19.15
CA ARG D 144 -13.21 -15.14 -19.74
C ARG D 144 -12.62 -16.10 -20.75
N ILE D 145 -13.14 -17.33 -20.80
CA ILE D 145 -12.58 -18.38 -21.69
C ILE D 145 -13.68 -18.99 -22.56
N PRO D 146 -13.46 -19.09 -23.89
CA PRO D 146 -14.48 -19.65 -24.76
C PRO D 146 -14.78 -21.13 -24.33
N GLU D 147 -16.02 -21.59 -24.52
CA GLU D 147 -16.44 -22.86 -23.91
C GLU D 147 -15.91 -24.18 -24.55
N GLY D 148 -15.23 -24.11 -25.68
CA GLY D 148 -14.71 -25.37 -26.26
C GLY D 148 -13.68 -26.15 -25.42
N PRO D 149 -13.14 -27.25 -25.98
CA PRO D 149 -11.87 -27.74 -25.42
C PRO D 149 -10.75 -26.76 -25.80
N GLY D 150 -9.83 -26.54 -24.88
CA GLY D 150 -8.69 -25.67 -25.10
C GLY D 150 -7.43 -26.51 -25.31
N PRO D 151 -6.25 -25.91 -25.13
CA PRO D 151 -6.19 -24.50 -24.66
C PRO D 151 -6.59 -23.46 -25.72
N HIS D 152 -6.84 -22.23 -25.27
CA HIS D 152 -7.25 -21.18 -26.19
C HIS D 152 -6.19 -20.09 -26.24
N PRO D 153 -6.07 -19.42 -27.39
CA PRO D 153 -5.25 -18.19 -27.32
C PRO D 153 -6.00 -17.14 -26.43
N ALA D 154 -5.33 -16.05 -26.02
CA ALA D 154 -5.89 -14.99 -25.15
C ALA D 154 -5.49 -13.61 -25.65
N VAL D 155 -6.38 -12.64 -25.38
CA VAL D 155 -6.17 -11.23 -25.68
C VAL D 155 -6.32 -10.45 -24.36
N ILE D 156 -5.23 -9.85 -23.93
CA ILE D 156 -5.24 -8.98 -22.76
C ILE D 156 -5.75 -7.63 -23.28
N LEU D 158 -6.52 -3.63 -22.63
CA LEU D 158 -6.00 -2.54 -21.81
C LEU D 158 -6.92 -1.32 -21.90
N GLY D 159 -7.32 -0.81 -20.76
CA GLY D 159 -8.24 0.31 -20.73
C GLY D 159 -7.49 1.60 -20.98
N GLY D 160 -8.20 2.72 -21.03
CA GLY D 160 -7.50 3.97 -21.40
C GLY D 160 -7.49 4.92 -20.24
N LEU D 161 -7.71 6.19 -20.58
CA LEU D 161 -7.66 7.27 -19.61
C LEU D 161 -8.86 7.21 -18.72
N GLU D 162 -10.06 7.06 -19.29
CA GLU D 162 -11.23 6.80 -18.44
C GLU D 162 -11.75 5.36 -18.38
N SER D 163 -11.50 4.58 -19.42
CA SER D 163 -12.18 3.29 -19.48
C SER D 163 -11.43 2.21 -18.71
N THR D 164 -12.19 1.30 -18.12
CA THR D 164 -11.64 0.37 -17.14
C THR D 164 -11.98 -1.05 -17.55
N LYS D 165 -11.54 -2.04 -16.77
CA LYS D 165 -11.74 -3.49 -17.09
C LYS D 165 -13.25 -3.88 -17.30
N GLU D 166 -14.18 -3.03 -16.80
CA GLU D 166 -15.62 -3.32 -16.76
C GLU D 166 -16.26 -2.88 -18.08
N GLU D 167 -15.48 -2.17 -18.91
CA GLU D 167 -16.05 -1.53 -20.08
C GLU D 167 -15.71 -2.12 -21.46
N SER D 168 -15.16 -3.33 -21.54
CA SER D 168 -14.77 -3.90 -22.88
C SER D 168 -15.61 -5.09 -23.32
N PHE D 169 -16.78 -5.21 -22.72
CA PHE D 169 -17.70 -6.36 -22.94
C PHE D 169 -17.95 -6.64 -24.41
N GLN D 170 -18.31 -5.61 -25.19
CA GLN D 170 -18.58 -5.74 -26.65
C GLN D 170 -17.38 -6.30 -27.43
N GLU D 172 -14.69 -7.70 -26.09
CA GLU D 172 -14.48 -9.07 -25.58
C GLU D 172 -15.28 -10.11 -26.33
N ASN D 173 -16.60 -9.89 -26.43
CA ASN D 173 -17.50 -10.85 -27.06
C ASN D 173 -17.12 -11.13 -28.49
N LEU D 174 -16.63 -10.12 -29.22
CA LEU D 174 -16.16 -10.40 -30.61
C LEU D 174 -15.01 -11.39 -30.63
N VAL D 175 -14.03 -11.19 -29.74
CA VAL D 175 -12.90 -12.12 -29.72
C VAL D 175 -13.26 -13.49 -29.14
N LEU D 176 -14.14 -13.52 -28.12
CA LEU D 176 -14.61 -14.81 -27.57
C LEU D 176 -15.32 -15.62 -28.61
N ASP D 177 -16.19 -14.98 -29.39
CA ASP D 177 -16.85 -15.64 -30.49
C ASP D 177 -15.88 -16.29 -31.50
N ARG D 178 -14.67 -15.73 -31.60
CA ARG D 178 -13.68 -16.16 -32.58
C ARG D 178 -12.61 -17.06 -31.95
N GLY D 179 -12.91 -17.57 -30.76
CA GLY D 179 -12.07 -18.60 -30.13
C GLY D 179 -10.93 -18.15 -29.22
N ALA D 181 -9.62 -16.31 -25.52
CA ALA D 181 -9.90 -15.82 -24.19
C ALA D 181 -9.65 -14.32 -24.07
N THR D 182 -10.19 -13.75 -22.99
CA THR D 182 -9.85 -12.34 -22.72
C THR D 182 -9.38 -12.20 -21.31
N ALA D 183 -8.50 -11.22 -21.06
CA ALA D 183 -8.12 -10.88 -19.70
C ALA D 183 -8.16 -9.33 -19.58
N THR D 184 -8.78 -8.83 -18.50
CA THR D 184 -8.88 -7.36 -18.23
C THR D 184 -8.43 -7.05 -16.80
N PHE D 185 -7.92 -5.84 -16.57
CA PHE D 185 -7.47 -5.37 -15.26
C PHE D 185 -7.26 -3.83 -15.29
N ASP D 186 -6.99 -3.25 -14.12
CA ASP D 186 -6.81 -1.79 -14.01
C ASP D 186 -5.40 -1.67 -13.47
N GLY D 187 -4.53 -1.01 -14.23
CA GLY D 187 -3.19 -0.74 -13.78
C GLY D 187 -3.00 0.69 -13.29
N PRO D 188 -1.74 1.13 -13.20
CA PRO D 188 -1.43 2.42 -12.61
C PRO D 188 -2.36 3.52 -13.12
N GLY D 189 -2.98 4.25 -12.20
CA GLY D 189 -3.77 5.42 -12.53
C GLY D 189 -5.15 5.09 -13.09
N GLN D 190 -5.46 3.80 -13.19
CA GLN D 190 -6.76 3.39 -13.72
C GLN D 190 -7.72 2.78 -12.68
N GLY D 191 -9.01 3.03 -12.84
CA GLY D 191 -10.03 2.32 -12.06
C GLY D 191 -9.67 2.03 -10.64
N GLU D 192 -9.69 0.75 -10.23
CA GLU D 192 -9.42 0.35 -8.87
C GLU D 192 -8.01 0.52 -8.40
N PHE D 194 -6.22 3.15 -9.19
CA PHE D 194 -5.96 4.60 -9.07
C PHE D 194 -5.64 5.04 -7.63
N GLU D 195 -6.52 4.69 -6.69
CA GLU D 195 -6.26 5.12 -5.29
C GLU D 195 -4.95 4.66 -4.72
N TYR D 196 -4.47 3.45 -5.09
CA TYR D 196 -3.14 2.99 -4.70
C TYR D 196 -1.99 3.65 -5.43
N LYS D 197 -2.17 4.00 -6.71
CA LYS D 197 -1.03 4.39 -7.53
C LYS D 197 -1.48 5.16 -8.78
N ARG D 198 -0.94 6.36 -8.91
CA ARG D 198 -1.28 7.29 -10.01
C ARG D 198 -0.60 6.78 -11.28
N ILE D 199 -0.95 7.36 -12.41
CA ILE D 199 -0.38 6.99 -13.67
C ILE D 199 1.13 6.95 -13.55
N ALA D 200 1.77 5.99 -14.22
CA ALA D 200 3.18 5.63 -14.02
C ALA D 200 3.88 5.34 -15.32
N GLY D 201 5.20 5.29 -15.25
CA GLY D 201 6.10 5.10 -16.40
C GLY D 201 6.43 3.65 -16.72
N ASP D 202 5.83 2.72 -15.98
CA ASP D 202 6.17 1.28 -16.16
C ASP D 202 4.92 0.37 -16.24
N TYR D 203 3.93 0.78 -17.02
CA TYR D 203 2.74 -0.03 -17.18
C TYR D 203 3.01 -1.51 -17.66
N GLU D 204 4.06 -1.70 -18.45
CA GLU D 204 4.43 -3.04 -19.00
C GLU D 204 4.65 -4.07 -17.87
N LYS D 205 5.10 -3.62 -16.73
CA LYS D 205 5.19 -4.44 -15.56
C LYS D 205 3.84 -5.07 -15.20
N TYR D 206 2.74 -4.31 -15.36
CA TYR D 206 1.39 -4.78 -15.02
C TYR D 206 0.89 -5.73 -16.10
N THR D 207 1.04 -5.35 -17.36
CA THR D 207 0.71 -6.24 -18.47
C THR D 207 1.50 -7.58 -18.33
N SER D 208 2.80 -7.51 -17.99
CA SER D 208 3.67 -8.70 -17.83
C SER D 208 3.21 -9.58 -16.67
N ALA D 209 2.73 -8.96 -15.60
CA ALA D 209 2.12 -9.72 -14.49
C ALA D 209 0.88 -10.56 -14.90
N VAL D 210 0.08 -10.05 -15.83
CA VAL D 210 -1.04 -10.77 -16.38
C VAL D 210 -0.55 -11.88 -17.33
N VAL D 211 0.51 -11.60 -18.09
CA VAL D 211 1.08 -12.64 -18.91
C VAL D 211 1.54 -13.77 -18.01
N ASP D 212 2.14 -13.46 -16.85
CA ASP D 212 2.56 -14.49 -15.88
C ASP D 212 1.42 -15.31 -15.29
N LEU D 213 0.24 -14.70 -15.18
CA LEU D 213 -0.95 -15.39 -14.73
C LEU D 213 -1.44 -16.36 -15.80
N LEU D 214 -1.59 -15.85 -17.03
CA LEU D 214 -2.11 -16.64 -18.12
C LEU D 214 -1.18 -17.82 -18.51
N THR D 215 0.11 -17.66 -18.19
CA THR D 215 1.09 -18.72 -18.49
C THR D 215 1.21 -19.79 -17.35
N LYS D 216 0.36 -19.64 -16.33
CA LYS D 216 0.14 -20.63 -15.28
C LYS D 216 -1.34 -21.08 -15.25
N LEU D 217 -2.10 -20.76 -16.29
CA LEU D 217 -3.46 -21.22 -16.45
C LEU D 217 -3.51 -22.22 -17.59
N GLU D 218 -3.80 -23.49 -17.26
CA GLU D 218 -3.79 -24.56 -18.28
C GLU D 218 -4.71 -24.27 -19.46
N ALA D 219 -5.77 -23.49 -19.20
CA ALA D 219 -6.74 -23.23 -20.28
C ALA D 219 -6.26 -22.26 -21.36
N ILE D 220 -5.13 -21.62 -21.12
CA ILE D 220 -4.66 -20.61 -22.07
C ILE D 220 -3.33 -21.07 -22.69
N ARG D 221 -3.29 -21.01 -24.01
CA ARG D 221 -2.11 -21.37 -24.82
C ARG D 221 -1.00 -20.34 -24.63
N ASN D 222 0.10 -20.74 -23.99
CA ASN D 222 1.16 -19.83 -23.63
C ASN D 222 1.82 -19.08 -24.75
N ASP D 223 1.79 -19.67 -25.94
CA ASP D 223 2.43 -19.05 -27.09
C ASP D 223 1.48 -18.26 -27.99
N ALA D 224 0.22 -18.10 -27.57
CA ALA D 224 -0.75 -17.32 -28.35
C ALA D 224 -1.48 -16.28 -27.45
N ILE D 225 -0.70 -15.44 -26.78
CA ILE D 225 -1.23 -14.36 -25.94
C ILE D 225 -0.88 -13.03 -26.57
N GLY D 226 -1.92 -12.27 -26.92
CA GLY D 226 -1.79 -10.95 -27.49
C GLY D 226 -2.31 -9.82 -26.57
N VAL D 227 -2.04 -8.57 -26.99
CA VAL D 227 -2.49 -7.42 -26.20
C VAL D 227 -3.26 -6.48 -27.13
N LEU D 228 -4.41 -6.00 -26.64
CA LEU D 228 -5.25 -5.04 -27.35
C LEU D 228 -5.48 -3.82 -26.40
N GLY D 229 -5.05 -2.65 -26.85
CA GLY D 229 -5.31 -1.45 -26.07
C GLY D 229 -6.12 -0.37 -26.80
N ARG D 230 -6.96 0.29 -26.01
CA ARG D 230 -7.90 1.26 -26.49
C ARG D 230 -7.55 2.65 -25.95
N SER D 231 -7.48 3.62 -26.85
CA SER D 231 -7.11 4.99 -26.50
C SER D 231 -5.74 5.08 -25.83
N LEU D 232 -5.67 5.62 -24.62
CA LEU D 232 -4.43 5.48 -23.82
C LEU D 232 -3.97 3.99 -23.73
N GLY D 233 -4.92 3.04 -23.66
CA GLY D 233 -4.48 1.61 -23.61
C GLY D 233 -3.72 1.24 -24.89
N GLY D 234 -3.92 1.98 -25.96
CA GLY D 234 -3.11 1.78 -27.20
C GLY D 234 -1.64 2.13 -27.02
N ASN D 235 -1.35 3.19 -26.24
CA ASN D 235 0.00 3.55 -25.85
C ASN D 235 0.56 2.42 -24.96
N TYR D 236 -0.23 1.98 -23.97
CA TYR D 236 0.16 0.89 -23.08
C TYR D 236 0.43 -0.43 -23.81
N ALA D 237 -0.37 -0.72 -24.84
CA ALA D 237 -0.22 -1.91 -25.67
C ALA D 237 1.14 -1.90 -26.43
N LEU D 238 1.50 -0.76 -27.03
CA LEU D 238 2.81 -0.57 -27.68
C LEU D 238 3.97 -0.72 -26.72
N LYS D 239 3.87 -0.08 -25.56
CA LYS D 239 4.85 -0.14 -24.54
C LYS D 239 4.97 -1.58 -24.05
N SER D 240 3.84 -2.24 -23.85
CA SER D 240 3.84 -3.59 -23.31
C SER D 240 4.55 -4.58 -24.28
N ALA D 241 4.17 -4.53 -25.53
CA ALA D 241 4.77 -5.29 -26.63
C ALA D 241 6.25 -5.00 -26.85
N ALA D 242 6.62 -3.73 -26.81
CA ALA D 242 8.04 -3.32 -26.84
C ALA D 242 8.85 -3.97 -25.75
N CYS D 243 8.21 -4.33 -24.64
CA CYS D 243 8.96 -4.72 -23.45
C CYS D 243 8.69 -6.16 -23.04
N GLU D 244 7.81 -6.85 -23.75
CA GLU D 244 7.39 -8.19 -23.30
C GLU D 244 7.44 -9.09 -24.49
N PRO D 245 8.59 -9.78 -24.70
CA PRO D 245 8.70 -10.59 -25.94
C PRO D 245 7.74 -11.82 -25.99
N ARG D 246 7.20 -12.26 -24.87
CA ARG D 246 6.17 -13.34 -24.91
C ARG D 246 4.88 -12.95 -25.61
N LEU D 247 4.64 -11.64 -25.80
CA LEU D 247 3.43 -11.26 -26.57
C LEU D 247 3.54 -11.58 -28.05
N ALA D 248 2.44 -12.14 -28.58
CA ALA D 248 2.33 -12.67 -29.93
C ALA D 248 1.57 -11.76 -30.86
N ALA D 249 0.96 -10.70 -30.32
CA ALA D 249 0.25 -9.75 -31.16
C ALA D 249 0.01 -8.52 -30.31
N CYS D 250 -0.13 -7.39 -31.02
CA CYS D 250 -0.26 -6.08 -30.39
C CYS D 250 -1.22 -5.22 -31.21
N ILE D 251 -2.30 -4.71 -30.61
CA ILE D 251 -3.14 -3.73 -31.29
C ILE D 251 -3.16 -2.40 -30.54
N SER D 252 -2.89 -1.31 -31.27
CA SER D 252 -3.08 0.04 -30.77
C SER D 252 -4.33 0.58 -31.45
N TRP D 253 -5.42 0.73 -30.67
CA TRP D 253 -6.66 1.20 -31.23
C TRP D 253 -6.86 2.61 -30.68
N GLY D 254 -6.63 3.62 -31.51
CA GLY D 254 -6.70 4.98 -31.03
C GLY D 254 -5.60 5.37 -30.05
N GLY D 255 -4.44 4.72 -30.14
CA GLY D 255 -3.27 5.05 -29.31
C GLY D 255 -2.38 6.18 -29.80
N PHE D 256 -1.23 6.32 -29.18
CA PHE D 256 -0.28 7.38 -29.44
C PHE D 256 1.05 6.93 -28.85
N SER D 257 2.15 7.54 -29.29
CA SER D 257 3.50 7.08 -28.95
C SER D 257 4.10 7.95 -27.84
N ASP D 258 3.63 9.18 -27.70
CA ASP D 258 4.25 10.19 -26.84
C ASP D 258 3.28 11.35 -26.66
N LEU D 259 3.51 12.26 -25.71
CA LEU D 259 2.59 13.41 -25.49
C LEU D 259 3.15 14.73 -25.98
N ASP D 260 3.94 14.69 -27.05
CA ASP D 260 4.34 15.95 -27.72
C ASP D 260 3.11 16.81 -28.08
N TYR D 261 1.99 16.16 -28.46
CA TYR D 261 0.76 16.83 -28.91
C TYR D 261 -0.11 17.37 -27.79
N TRP D 262 0.40 17.40 -26.58
CA TRP D 262 -0.36 17.75 -25.35
C TRP D 262 -1.30 18.93 -25.54
N ASP D 263 -0.78 20.03 -26.12
CA ASP D 263 -1.55 21.27 -26.23
C ASP D 263 -2.84 21.05 -26.98
N LEU D 264 -2.83 20.08 -27.89
CA LEU D 264 -4.00 19.73 -28.72
C LEU D 264 -5.10 18.92 -28.04
N GLU D 265 -4.83 18.37 -26.86
CA GLU D 265 -5.87 17.71 -26.07
C GLU D 265 -7.00 18.71 -25.75
N THR D 266 -8.24 18.24 -25.76
CA THR D 266 -9.38 19.02 -25.25
C THR D 266 -9.13 19.41 -23.82
N PRO D 267 -9.76 20.53 -23.37
CA PRO D 267 -9.66 20.87 -21.97
C PRO D 267 -10.14 19.74 -21.02
N LEU D 268 -11.19 19.02 -21.39
CA LEU D 268 -11.69 17.91 -20.57
C LEU D 268 -10.59 16.86 -20.45
N THR D 269 -9.96 16.49 -21.56
CA THR D 269 -8.87 15.52 -21.51
C THR D 269 -7.74 15.98 -20.62
N LYS D 270 -7.46 17.28 -20.60
CA LYS D 270 -6.34 17.77 -19.77
C LYS D 270 -6.70 17.67 -18.31
N GLU D 271 -7.96 17.92 -17.96
CA GLU D 271 -8.35 17.76 -16.58
C GLU D 271 -8.21 16.28 -16.18
N SER D 272 -8.52 15.41 -17.11
CA SER D 272 -8.39 13.97 -16.87
C SER D 272 -6.96 13.58 -16.60
N TRP D 273 -6.02 14.10 -17.39
CA TRP D 273 -4.62 13.75 -17.20
C TRP D 273 -4.16 14.25 -15.85
N LYS D 274 -4.64 15.44 -15.48
CA LYS D 274 -4.21 16.03 -14.25
C LYS D 274 -4.80 15.23 -13.09
N TYR D 275 -6.03 14.75 -13.27
CA TYR D 275 -6.66 13.90 -12.24
C TYR D 275 -5.87 12.60 -12.01
N VAL D 276 -5.58 11.89 -13.09
CA VAL D 276 -4.88 10.58 -12.92
C VAL D 276 -3.42 10.71 -12.47
N SER D 277 -2.81 11.89 -12.70
CA SER D 277 -1.49 12.22 -12.18
C SER D 277 -1.46 12.72 -10.73
N LYS D 278 -2.61 13.04 -10.14
CA LYS D 278 -2.65 13.52 -8.76
C LYS D 278 -1.82 14.79 -8.58
N VAL D 279 -1.87 15.68 -9.57
CA VAL D 279 -1.12 16.92 -9.44
C VAL D 279 -2.08 18.12 -9.40
N ASP D 280 -1.50 19.29 -9.20
CA ASP D 280 -2.26 20.54 -8.99
C ASP D 280 -2.38 21.45 -10.23
N THR D 281 -1.47 21.33 -11.17
CA THR D 281 -1.56 22.21 -12.33
C THR D 281 -1.42 21.44 -13.62
N LEU D 282 -1.87 22.06 -14.72
CA LEU D 282 -1.80 21.45 -16.04
C LEU D 282 -0.37 21.24 -16.53
N GLU D 283 0.54 22.16 -16.18
CA GLU D 283 1.96 21.97 -16.51
C GLU D 283 2.64 20.87 -15.70
N GLU D 284 2.25 20.75 -14.45
CA GLU D 284 2.67 19.58 -13.61
C GLU D 284 2.21 18.26 -14.29
N ALA D 285 0.98 18.27 -14.79
CA ALA D 285 0.40 17.11 -15.48
C ALA D 285 1.16 16.79 -16.76
N ARG D 286 1.47 17.82 -17.57
CA ARG D 286 2.17 17.55 -18.84
C ARG D 286 3.51 16.93 -18.52
N LEU D 287 4.22 17.51 -17.55
CA LEU D 287 5.56 17.03 -17.20
C LEU D 287 5.47 15.54 -16.80
N HIS D 288 4.54 15.21 -15.92
CA HIS D 288 4.43 13.85 -15.40
C HIS D 288 4.11 12.84 -16.51
N VAL D 289 3.03 13.13 -17.21
CA VAL D 289 2.46 12.25 -18.23
C VAL D 289 3.41 12.06 -19.42
N HIS D 290 4.06 13.13 -19.84
CA HIS D 290 4.95 13.04 -21.01
C HIS D 290 6.06 12.01 -20.73
N ALA D 291 6.66 12.13 -19.56
CA ALA D 291 7.70 11.21 -19.09
C ALA D 291 7.18 9.77 -18.86
N ALA D 292 6.05 9.66 -18.14
CA ALA D 292 5.38 8.36 -17.92
C ALA D 292 5.09 7.59 -19.22
N LEU D 293 4.55 8.26 -20.21
CA LEU D 293 4.03 7.57 -21.41
C LEU D 293 4.94 7.54 -22.65
N GLU D 294 6.18 7.98 -22.48
CA GLU D 294 7.11 8.03 -23.65
C GLU D 294 7.37 6.58 -24.11
N THR D 295 7.26 6.28 -25.41
CA THR D 295 7.55 4.94 -25.93
C THR D 295 8.66 4.92 -26.98
N ARG D 296 9.05 6.10 -27.46
CA ARG D 296 9.80 6.22 -28.72
C ARG D 296 11.19 5.60 -28.61
N ASP D 297 11.72 5.51 -27.40
CA ASP D 297 12.99 4.80 -27.17
C ASP D 297 12.89 3.26 -27.28
N VAL D 298 11.67 2.70 -27.22
CA VAL D 298 11.49 1.23 -27.21
C VAL D 298 10.67 0.64 -28.36
N LEU D 299 10.02 1.49 -29.16
CA LEU D 299 9.17 1.06 -30.31
C LEU D 299 9.88 0.10 -31.27
N SER D 300 11.17 0.37 -31.49
CA SER D 300 11.99 -0.47 -32.38
C SER D 300 12.19 -1.91 -31.89
N GLN D 301 11.95 -2.18 -30.59
CA GLN D 301 12.10 -3.50 -29.97
C GLN D 301 10.93 -4.44 -30.13
N ILE D 302 9.81 -3.93 -30.64
CA ILE D 302 8.62 -4.75 -30.84
C ILE D 302 8.93 -5.89 -31.83
N ALA D 303 8.55 -7.10 -31.41
CA ALA D 303 8.87 -8.36 -32.11
C ALA D 303 7.62 -9.17 -32.51
N CYS D 304 6.42 -8.56 -32.52
CA CYS D 304 5.23 -9.32 -32.83
C CYS D 304 4.42 -8.52 -33.83
N PRO D 305 3.52 -9.19 -34.61
CA PRO D 305 2.63 -8.46 -35.47
C PRO D 305 1.90 -7.36 -34.68
N THR D 306 1.75 -6.20 -35.29
CA THR D 306 1.28 -5.02 -34.61
C THR D 306 0.33 -4.35 -35.58
N TYR D 307 -0.88 -4.06 -35.09
CA TYR D 307 -1.88 -3.47 -35.93
C TYR D 307 -2.17 -2.15 -35.29
N ILE D 308 -2.19 -1.08 -36.09
CA ILE D 308 -2.35 0.28 -35.59
C ILE D 308 -3.46 0.93 -36.36
N LEU D 309 -4.57 1.21 -35.66
CA LEU D 309 -5.74 1.87 -36.24
C LEU D 309 -5.80 3.31 -35.78
N HIS D 310 -5.69 4.23 -36.76
CA HIS D 310 -5.66 5.65 -36.46
C HIS D 310 -6.78 6.35 -37.17
N GLY D 311 -7.53 7.20 -36.48
CA GLY D 311 -8.59 7.93 -37.14
C GLY D 311 -8.09 9.35 -37.37
N VAL D 312 -8.16 9.83 -38.61
CA VAL D 312 -7.60 11.15 -38.97
C VAL D 312 -8.09 12.32 -38.09
N HIS D 313 -9.36 12.32 -37.71
CA HIS D 313 -9.92 13.46 -36.98
C HIS D 313 -9.81 13.36 -35.46
N ASP D 314 -8.91 12.49 -35.00
CA ASP D 314 -8.55 12.37 -33.57
C ASP D 314 -7.73 13.56 -33.13
N GLU D 315 -7.72 13.89 -31.84
CA GLU D 315 -6.76 14.90 -31.32
C GLU D 315 -5.33 14.46 -31.46
N VAL D 316 -5.09 13.14 -31.41
CA VAL D 316 -3.77 12.57 -31.66
C VAL D 316 -3.40 12.91 -33.11
N PRO D 317 -2.30 13.63 -33.32
CA PRO D 317 -2.04 14.23 -34.64
C PRO D 317 -1.42 13.22 -35.59
N LEU D 318 -1.32 13.61 -36.86
CA LEU D 318 -0.78 12.71 -37.91
C LEU D 318 0.68 12.40 -37.69
N SER D 319 1.37 13.27 -36.97
CA SER D 319 2.76 12.97 -36.58
C SER D 319 2.92 11.65 -35.82
N PHE D 320 1.85 11.17 -35.17
CA PHE D 320 1.90 9.83 -34.54
C PHE D 320 2.15 8.76 -35.61
N VAL D 321 1.44 8.89 -36.73
CA VAL D 321 1.59 7.99 -37.87
C VAL D 321 3.03 8.09 -38.44
N ASP D 322 3.52 9.31 -38.67
CA ASP D 322 4.95 9.47 -39.02
C ASP D 322 5.80 8.72 -38.01
N THR D 323 5.53 8.96 -36.71
CA THR D 323 6.38 8.38 -35.66
C THR D 323 6.39 6.85 -35.70
N VAL D 324 5.24 6.26 -35.98
CA VAL D 324 5.09 4.80 -35.99
C VAL D 324 5.70 4.18 -37.27
N LEU D 325 5.58 4.89 -38.38
CA LEU D 325 6.28 4.44 -39.59
C LEU D 325 7.80 4.48 -39.40
N GLU D 326 8.27 5.52 -38.70
CA GLU D 326 9.68 5.68 -38.42
C GLU D 326 10.26 4.58 -37.54
N LEU D 327 9.54 4.23 -36.47
CA LEU D 327 10.16 3.38 -35.43
C LEU D 327 9.62 1.98 -35.23
N VAL D 328 8.36 1.71 -35.56
CA VAL D 328 7.85 0.32 -35.39
C VAL D 328 8.35 -0.49 -36.59
N PRO D 329 8.95 -1.69 -36.36
CA PRO D 329 9.51 -2.44 -37.51
C PRO D 329 8.53 -2.68 -38.64
N ALA D 330 8.95 -2.32 -39.86
CA ALA D 330 8.02 -2.32 -41.01
C ALA D 330 7.50 -3.69 -41.35
N GLU D 331 8.25 -4.72 -40.97
CA GLU D 331 7.86 -6.09 -41.23
C GLU D 331 6.72 -6.57 -40.32
N HIS D 332 6.50 -5.89 -39.20
CA HIS D 332 5.47 -6.33 -38.23
C HIS D 332 4.22 -5.48 -38.33
N LEU D 333 4.33 -4.35 -39.01
CA LEU D 333 3.28 -3.33 -38.99
C LEU D 333 2.17 -3.50 -40.00
N ASN D 334 0.93 -3.58 -39.50
CA ASN D 334 -0.27 -3.32 -40.29
C ASN D 334 -0.81 -1.98 -39.84
N LEU D 335 -0.67 -0.97 -40.68
CA LEU D 335 -1.16 0.34 -40.37
C LEU D 335 -2.46 0.51 -41.09
N VAL D 336 -3.46 0.97 -40.35
CA VAL D 336 -4.73 1.30 -40.97
C VAL D 336 -5.07 2.73 -40.56
N VAL D 337 -5.13 3.59 -41.56
CA VAL D 337 -5.48 5.01 -41.33
C VAL D 337 -6.87 5.29 -41.89
N GLU D 338 -7.75 5.82 -41.05
CA GLU D 338 -9.12 6.06 -41.49
C GLU D 338 -9.36 7.54 -41.67
N LYS D 339 -9.51 7.94 -42.94
CA LYS D 339 -9.62 9.35 -43.34
C LYS D 339 -10.84 10.02 -42.74
N ASP D 340 -11.92 9.26 -42.57
CA ASP D 340 -13.13 9.79 -41.94
C ASP D 340 -13.23 9.43 -40.48
N GLY D 341 -12.23 8.71 -39.98
CA GLY D 341 -12.26 8.24 -38.60
C GLY D 341 -12.02 9.34 -37.58
N ASP D 342 -12.83 9.35 -36.51
CA ASP D 342 -12.52 10.17 -35.34
C ASP D 342 -11.69 9.38 -34.33
N HIS D 343 -11.67 9.82 -33.07
CA HIS D 343 -10.95 9.05 -32.06
C HIS D 343 -11.48 7.60 -32.04
N CYS D 344 -10.54 6.64 -32.13
CA CYS D 344 -10.86 5.21 -32.10
C CYS D 344 -11.77 4.77 -33.24
N CYS D 345 -12.00 5.66 -34.22
CA CYS D 345 -12.87 5.37 -35.38
C CYS D 345 -14.32 4.98 -35.02
N HIS D 346 -14.77 5.49 -33.86
CA HIS D 346 -16.11 5.15 -33.29
C HIS D 346 -17.27 5.54 -34.23
N ASN D 347 -17.07 6.63 -34.96
CA ASN D 347 -18.04 7.16 -35.95
C ASN D 347 -18.24 6.25 -37.18
N LEU D 348 -17.35 5.28 -37.34
CA LEU D 348 -17.41 4.34 -38.47
C LEU D 348 -18.19 3.06 -38.17
N GLY D 349 -18.66 2.89 -36.93
CA GLY D 349 -19.47 1.71 -36.57
C GLY D 349 -18.64 0.47 -36.24
N ILE D 350 -19.26 -0.69 -36.36
CA ILE D 350 -18.62 -1.89 -35.89
C ILE D 350 -17.55 -2.43 -36.87
N ARG D 351 -17.63 -2.11 -38.17
CA ARG D 351 -16.63 -2.72 -39.11
C ARG D 351 -15.17 -2.67 -38.69
N PRO D 352 -14.64 -1.52 -38.24
CA PRO D 352 -13.23 -1.53 -37.77
C PRO D 352 -12.95 -2.48 -36.60
N ARG D 353 -13.94 -2.66 -35.72
CA ARG D 353 -13.87 -3.68 -34.68
C ARG D 353 -13.93 -5.10 -35.23
N LEU D 354 -14.79 -5.40 -36.17
CA LEU D 354 -14.68 -6.74 -36.77
C LEU D 354 -13.28 -6.95 -37.37
N GLU D 355 -12.73 -5.92 -38.02
CA GLU D 355 -11.39 -6.06 -38.66
C GLU D 355 -10.32 -6.39 -37.66
N ALA D 357 -10.74 -7.93 -34.64
CA ALA D 357 -10.99 -9.25 -34.06
C ALA D 357 -10.54 -10.32 -35.06
N ASP D 358 -10.87 -10.10 -36.33
CA ASP D 358 -10.50 -11.09 -37.37
C ASP D 358 -8.97 -11.14 -37.54
N TRP D 359 -8.32 -9.99 -37.41
CA TRP D 359 -6.82 -9.92 -37.49
C TRP D 359 -6.20 -10.68 -36.37
N LEU D 360 -6.71 -10.47 -35.15
CA LEU D 360 -6.31 -11.23 -34.00
C LEU D 360 -6.57 -12.74 -34.19
N TYR D 361 -7.68 -13.08 -34.82
CA TYR D 361 -7.99 -14.48 -35.11
C TYR D 361 -6.90 -15.04 -36.07
N ASP D 362 -6.60 -14.33 -37.15
CA ASP D 362 -5.52 -14.74 -38.07
C ASP D 362 -4.18 -14.98 -37.39
N VAL D 363 -3.77 -14.03 -36.56
CA VAL D 363 -2.49 -14.12 -35.90
C VAL D 363 -2.50 -15.18 -34.84
N LEU D 364 -3.55 -15.17 -34.01
CA LEU D 364 -3.51 -15.97 -32.79
C LEU D 364 -4.15 -17.33 -32.90
N VAL D 365 -5.21 -17.45 -33.68
CA VAL D 365 -5.91 -18.74 -33.77
C VAL D 365 -5.43 -19.57 -34.99
N ALA D 366 -5.57 -18.99 -36.17
CA ALA D 366 -5.20 -19.60 -37.46
C ALA D 366 -3.70 -19.75 -37.60
N GLY D 367 -2.95 -18.93 -36.88
CA GLY D 367 -1.48 -18.99 -36.92
C GLY D 367 -0.95 -18.65 -38.30
N LYS D 368 -1.72 -17.83 -39.00
CA LYS D 368 -1.38 -17.31 -40.31
C LYS D 368 -0.29 -16.22 -40.24
N LYS D 369 0.51 -16.13 -41.30
CA LYS D 369 1.60 -15.17 -41.33
C LYS D 369 1.11 -14.00 -42.12
N VAL D 370 0.83 -12.92 -41.41
CA VAL D 370 0.07 -11.80 -41.95
C VAL D 370 1.02 -10.82 -42.65
N ALA D 371 0.62 -10.37 -43.84
CA ALA D 371 1.41 -9.44 -44.63
C ALA D 371 1.40 -8.07 -43.94
N PRO D 372 2.61 -7.50 -43.72
CA PRO D 372 2.66 -6.09 -43.29
C PRO D 372 2.16 -5.17 -44.40
N THR D 373 1.32 -4.19 -44.05
CA THR D 373 0.75 -3.27 -45.03
C THR D 373 0.51 -1.91 -44.44
N LYS D 375 -2.61 0.91 -45.01
CA LYS D 375 -3.92 1.14 -45.61
C LYS D 375 -4.40 2.55 -45.27
N GLY D 376 -4.88 3.25 -46.28
CA GLY D 376 -5.31 4.62 -46.12
C GLY D 376 -4.13 5.56 -45.86
N TRP D 377 -2.92 5.10 -46.16
CA TRP D 377 -1.75 5.98 -46.02
C TRP D 377 -0.82 5.75 -47.22
N PRO D 378 -0.24 6.83 -47.77
CA PRO D 378 -0.43 8.23 -47.37
C PRO D 378 -1.79 8.82 -47.75
N LEU D 379 -2.12 9.97 -47.17
CA LEU D 379 -3.37 10.69 -47.48
C LEU D 379 -3.35 11.36 -48.86
N GLU D 380 -4.36 11.42 -49.60
#